data_3JCC
#
_entry.id   3JCC
#
_cell.length_a   1
_cell.length_b   1
_cell.length_c   1
_cell.angle_alpha   90
_cell.angle_beta   90
_cell.angle_gamma   90
#
_symmetry.space_group_name_H-M   'P 1'
#
loop_
_entity.id
_entity.type
_entity.pdbx_description
1 polymer 'Envelope glycoprotein gp120'
2 polymer 'Antibody 36D5 light chain'
3 polymer 'Antibody 36D5 heavy chain'
4 polymer 'T-cell surface glycoprotein CD4'
#
loop_
_entity_poly.entity_id
_entity_poly.type
_entity_poly.pdbx_seq_one_letter_code
_entity_poly.pdbx_strand_id
1 'polypeptide(L)'
;VWKDAETTLFCASDAKAYETEKHNVWATHACVPTDPNPQEIHLENVTEEFNMWKNNMVEQMHTDIISLWDQSLKPCVKLT
PLCVTLQCTNVTNNITDDMRGELKNCSFNMTTELRDKKQKVYSLFYRLDVVQINENQGNRSNNSNKEYRLINCNTSAITQ
ACPKVSFEPIPIHYCAPAGFAILKCKDKKFNGTGPCPSVSTVQCTHGIKPVVSTQLLLNGSLAEEEVMIRSENITNNAKN
ILVQFNTPVQINCTRPNNNTRKSIRIGPGQAFYATGDIIGDIRQAHCNVSKATWNETLGKVVKQLRKHFGNNTIIRFANS
SGGDLEVTTHSFNCGGEFFYCNTSGLFNSTWISNTSVQGSNSTGSNDSITLPCRIKQIINMWQRIGQAMYAPPIQGVIRC
VSNITGLILTRDGGSTNSTTETFRPGGGDMRDNWRSELYKYKVVKIEP
;
A,E,I
2 'polypeptide(L)'
;TFVSVAPGQTARITCGEESLGSRSVIWYQQRPGQAPSLIIYNNNDRPSGIPDRFSGSPGSTFGTTATLTITSVEAGDEAD
YYCHIWDSRRPTNWVFGEGTTLIVLSQPKAAPSVTLFPPSSEELQANKATLVCLISDFYPGAVTVAWKADSSPVKAGVET
TTPSKQSNNKYAASSYLSLTPEQWKSHKSYSCQVTHEGSTVEKTVAP
;
B
3 'polypeptide(L)'
;QVHLQESGPGLVKPSETLSLTCNVSGTLVRDNYWSWIRQPLGKQPEWIGYVHDSGDTNYNPSLKSRVHLSLDKSKNLVSL
RLTGVTAADSAIYYCATTKHGRRIYGVVAFKEWFTYFYMDVWGKGTSVTVSSASTKGPSVFPLAPSSKSTSGGTAALGCL
VKDYFPEPVTVSWNSGALTSGVHTFPAVLQSSGLYSLSSVVTVPSSSLGTQTYICNVNHKPSNTKVDKRVEP
;
C
4 'polypeptide(L)'
;KKVVLGKKGDTVELTCTASQKKSIQFHWKNSNQIKILGNQGSFLTKGPSKLNDRADSRRSLWDQGNFPLIIKNLKIEDSD
TYICEVEDQKEEVQLLVFGLTANSDTHLLQGQSLTLTLESPPGSSPSVQCRSPRGKNIQGGKTLSVSQLELQDSGTWTCT
VLQNQKKVEFKIDIV
;
D
#
# COMPACT_ATOMS: atom_id res chain seq x y z
N VAL A 1 -4.08 37.62 -16.22
CA VAL A 1 -2.71 37.05 -16.37
C VAL A 1 -2.56 35.81 -15.50
N TRP A 2 -2.10 34.72 -16.08
CA TRP A 2 -1.73 33.51 -15.33
C TRP A 2 -0.23 33.27 -15.43
N LYS A 3 0.41 32.93 -14.31
CA LYS A 3 1.86 32.66 -14.27
C LYS A 3 2.17 31.32 -13.64
N ASP A 4 3.08 30.57 -14.24
CA ASP A 4 3.31 29.16 -13.88
C ASP A 4 4.62 28.90 -13.14
N ALA A 5 4.76 27.68 -12.64
CA ALA A 5 5.88 27.21 -11.82
C ALA A 5 6.20 27.98 -10.52
N GLU A 6 5.66 27.50 -9.41
CA GLU A 6 6.03 27.91 -8.06
C GLU A 6 6.02 26.62 -7.27
N THR A 7 7.01 26.42 -6.40
CA THR A 7 7.17 25.17 -5.65
C THR A 7 6.43 25.22 -4.30
N THR A 8 5.14 25.48 -4.36
CA THR A 8 4.31 25.61 -3.17
C THR A 8 3.10 24.71 -3.19
N LEU A 9 3.04 23.85 -2.20
CA LEU A 9 1.93 22.92 -2.01
C LEU A 9 1.58 22.96 -0.53
N PHE A 10 0.38 22.49 -0.23
CA PHE A 10 -0.08 22.39 1.14
C PHE A 10 -0.77 21.04 1.26
N CYS A 11 -0.43 20.32 2.31
CA CYS A 11 -0.90 18.95 2.55
C CYS A 11 -2.22 19.04 3.30
N ALA A 12 -3.25 18.33 2.86
CA ALA A 12 -4.47 18.17 3.66
C ALA A 12 -4.95 16.70 3.68
N SER A 13 -5.30 16.18 4.85
CA SER A 13 -5.72 14.79 5.07
C SER A 13 -6.09 14.64 6.55
N ASP A 14 -7.15 13.88 6.84
CA ASP A 14 -7.37 13.06 8.06
C ASP A 14 -8.86 12.63 8.14
N ALA A 15 -9.14 11.50 8.78
CA ALA A 15 -10.48 11.17 9.28
C ALA A 15 -10.45 10.48 10.66
N LYS A 16 -9.88 9.28 10.69
CA LYS A 16 -9.82 8.44 11.90
C LYS A 16 -8.39 8.11 12.29
N ALA A 17 -7.44 8.70 11.60
CA ALA A 17 -6.03 8.40 11.78
C ALA A 17 -5.42 9.29 12.87
N TYR A 18 -4.41 8.75 13.52
CA TYR A 18 -3.67 9.47 14.55
C TYR A 18 -2.20 9.20 14.23
N GLU A 19 -1.44 8.69 15.20
CA GLU A 19 -0.02 8.42 14.99
C GLU A 19 0.13 6.96 14.55
N THR A 20 1.19 6.28 14.99
CA THR A 20 1.41 4.85 14.73
C THR A 20 1.73 4.50 13.27
N GLU A 21 0.75 4.34 12.40
CA GLU A 21 1.03 3.89 11.04
C GLU A 21 1.71 5.02 10.26
N LYS A 22 2.68 4.71 9.40
CA LYS A 22 3.61 5.74 8.93
C LYS A 22 3.05 6.86 8.06
N HIS A 23 2.13 6.56 7.16
CA HIS A 23 1.50 7.63 6.39
C HIS A 23 0.48 8.35 7.26
N ASN A 24 0.05 7.69 8.33
CA ASN A 24 -0.92 8.29 9.23
C ASN A 24 -0.15 9.34 10.03
N VAL A 25 1.06 9.00 10.46
CA VAL A 25 1.96 9.96 11.11
C VAL A 25 2.28 11.10 10.15
N TRP A 26 2.55 10.79 8.89
CA TRP A 26 2.83 11.85 7.92
C TRP A 26 1.64 12.76 7.68
N ALA A 27 0.42 12.23 7.60
CA ALA A 27 -0.76 13.08 7.47
C ALA A 27 -0.97 13.88 8.76
N THR A 28 -0.86 13.23 9.90
CA THR A 28 -1.08 13.90 11.17
C THR A 28 -0.14 15.09 11.39
N HIS A 29 1.13 14.95 11.03
CA HIS A 29 2.07 16.07 11.18
C HIS A 29 2.23 17.03 10.00
N ALA A 30 2.22 16.54 8.77
CA ALA A 30 2.45 17.41 7.62
C ALA A 30 1.16 18.03 7.07
N CYS A 31 0.03 17.36 7.27
CA CYS A 31 -1.29 17.81 6.80
C CYS A 31 -2.17 18.28 7.97
N VAL A 32 -3.31 18.89 7.62
CA VAL A 32 -4.40 19.18 8.54
C VAL A 32 -5.66 18.66 7.82
N PRO A 33 -6.80 18.44 8.49
CA PRO A 33 -7.95 17.94 7.72
C PRO A 33 -8.42 18.84 6.57
N THR A 34 -8.95 18.22 5.53
CA THR A 34 -9.37 18.92 4.33
C THR A 34 -10.81 19.40 4.44
N ASP A 35 -11.10 20.42 3.64
CA ASP A 35 -12.44 20.94 3.41
C ASP A 35 -13.02 20.21 2.17
N PRO A 36 -13.92 19.21 2.34
CA PRO A 36 -14.22 18.23 1.27
C PRO A 36 -15.03 18.51 -0.01
N ASN A 37 -15.03 19.68 -0.63
CA ASN A 37 -15.81 19.86 -1.87
C ASN A 37 -15.03 19.58 -3.18
N PRO A 38 -14.29 20.57 -3.77
CA PRO A 38 -14.34 22.00 -4.12
C PRO A 38 -15.31 22.41 -5.24
N GLN A 39 -15.55 23.71 -5.41
CA GLN A 39 -16.49 24.18 -6.43
C GLN A 39 -15.99 24.00 -7.88
N GLU A 40 -14.69 24.17 -8.07
CA GLU A 40 -13.95 24.16 -9.35
C GLU A 40 -14.27 25.13 -10.49
N ILE A 41 -15.55 25.33 -10.79
CA ILE A 41 -16.07 26.06 -11.95
C ILE A 41 -15.15 26.41 -13.14
N HIS A 42 -15.39 25.68 -14.23
CA HIS A 42 -14.92 26.07 -15.55
C HIS A 42 -15.59 27.42 -15.83
N LEU A 43 -14.95 28.30 -16.58
CA LEU A 43 -15.54 29.59 -16.94
C LEU A 43 -15.54 29.53 -18.47
N GLU A 44 -16.50 30.15 -19.13
CA GLU A 44 -16.66 29.97 -20.57
C GLU A 44 -15.40 30.38 -21.35
N ASN A 45 -15.01 29.52 -22.28
CA ASN A 45 -13.77 29.59 -23.05
C ASN A 45 -12.58 29.34 -22.10
N VAL A 46 -11.69 30.32 -21.95
CA VAL A 46 -10.50 30.27 -21.09
C VAL A 46 -9.48 29.20 -21.47
N THR A 47 -8.82 29.49 -22.59
CA THR A 47 -7.69 28.74 -23.17
C THR A 47 -7.85 27.27 -23.54
N GLU A 48 -7.06 26.87 -24.53
CA GLU A 48 -7.11 25.52 -25.09
C GLU A 48 -5.68 25.03 -25.28
N GLU A 49 -4.83 25.27 -24.28
CA GLU A 49 -3.43 24.85 -24.30
C GLU A 49 -2.97 24.39 -22.91
N PHE A 50 -2.31 23.24 -22.83
CA PHE A 50 -1.82 22.65 -21.58
C PHE A 50 -0.76 21.55 -21.83
N ASN A 51 0.15 21.29 -20.90
CA ASN A 51 1.12 20.20 -21.00
C ASN A 51 1.23 19.43 -19.68
N MET A 52 0.95 18.12 -19.69
CA MET A 52 0.95 17.31 -18.46
C MET A 52 2.33 16.95 -17.89
N TRP A 53 3.31 16.75 -18.76
CA TRP A 53 4.57 16.10 -18.36
C TRP A 53 5.68 17.09 -18.07
N LYS A 54 5.41 18.36 -18.34
CA LYS A 54 6.32 19.46 -18.04
C LYS A 54 5.79 20.20 -16.81
N ASN A 55 5.35 19.42 -15.83
CA ASN A 55 4.76 19.92 -14.59
C ASN A 55 5.64 19.68 -13.35
N ASN A 56 6.21 20.72 -12.79
CA ASN A 56 7.16 20.62 -11.67
C ASN A 56 6.50 20.31 -10.33
N MET A 57 5.18 20.35 -10.28
CA MET A 57 4.42 19.93 -9.09
C MET A 57 4.74 18.47 -8.76
N VAL A 58 4.99 17.71 -9.82
CA VAL A 58 5.36 16.29 -9.74
C VAL A 58 6.67 16.15 -8.96
N GLU A 59 7.66 16.97 -9.27
CA GLU A 59 8.96 16.85 -8.60
C GLU A 59 8.84 17.23 -7.13
N GLN A 60 8.04 18.24 -6.84
CA GLN A 60 7.88 18.72 -5.47
C GLN A 60 7.22 17.68 -4.56
N MET A 61 6.19 16.97 -5.02
CA MET A 61 5.58 15.92 -4.19
C MET A 61 6.54 14.75 -4.02
N HIS A 62 7.23 14.39 -5.09
CA HIS A 62 8.18 13.29 -5.07
C HIS A 62 9.28 13.56 -4.06
N THR A 63 9.86 14.76 -4.11
CA THR A 63 10.92 15.15 -3.18
C THR A 63 10.39 15.24 -1.74
N ASP A 64 9.17 15.71 -1.55
CA ASP A 64 8.61 15.79 -0.21
C ASP A 64 8.38 14.42 0.45
N ILE A 65 7.87 13.44 -0.28
CA ILE A 65 7.64 12.11 0.29
C ILE A 65 8.99 11.44 0.58
N ILE A 66 9.99 11.71 -0.25
CA ILE A 66 11.35 11.21 0.00
C ILE A 66 11.93 11.86 1.27
N SER A 67 11.62 13.12 1.50
CA SER A 67 12.08 13.80 2.72
C SER A 67 11.34 13.31 3.96
N LEU A 68 10.06 12.96 3.82
CA LEU A 68 9.30 12.37 4.92
C LEU A 68 9.83 10.98 5.26
N TRP A 69 10.28 10.23 4.27
CA TRP A 69 10.98 8.97 4.53
C TRP A 69 12.25 9.22 5.33
N ASP A 70 13.01 10.22 4.94
CA ASP A 70 14.26 10.53 5.66
C ASP A 70 14.00 10.93 7.10
N GLN A 71 12.95 11.71 7.32
CA GLN A 71 12.56 12.13 8.67
C GLN A 71 12.01 10.96 9.48
N SER A 72 11.43 9.97 8.81
CA SER A 72 10.99 8.76 9.51
C SER A 72 12.16 7.89 9.96
N LEU A 73 13.35 8.10 9.40
CA LEU A 73 14.53 7.33 9.81
C LEU A 73 15.21 7.91 11.04
N LYS A 74 14.89 9.14 11.39
CA LYS A 74 15.57 9.80 12.51
C LYS A 74 15.33 9.16 13.88
N PRO A 75 14.09 8.90 14.32
CA PRO A 75 14.01 8.31 15.66
C PRO A 75 14.37 6.82 15.84
N CYS A 76 13.55 5.85 15.42
CA CYS A 76 13.78 4.44 15.78
C CYS A 76 14.73 3.67 14.88
N VAL A 77 14.97 4.17 13.68
CA VAL A 77 15.67 3.38 12.66
C VAL A 77 17.18 3.45 12.93
N LYS A 78 17.85 2.30 12.93
CA LYS A 78 19.24 2.15 13.40
C LYS A 78 20.26 1.98 12.29
N LEU A 79 21.24 2.86 12.19
CA LEU A 79 22.24 2.84 11.11
C LEU A 79 23.35 1.80 11.19
N THR A 80 23.60 1.28 12.37
CA THR A 80 24.71 0.35 12.66
C THR A 80 24.29 -0.41 13.93
N PRO A 81 25.12 -1.33 14.47
CA PRO A 81 26.31 -2.08 14.07
C PRO A 81 26.19 -3.55 13.61
N LEU A 82 25.01 -4.15 13.71
CA LEU A 82 24.93 -5.61 13.87
C LEU A 82 25.00 -6.44 12.59
N CYS A 83 25.05 -5.83 11.40
CA CYS A 83 25.30 -6.63 10.20
C CYS A 83 26.82 -6.79 10.01
N VAL A 84 27.32 -7.97 10.34
CA VAL A 84 28.76 -8.29 10.41
C VAL A 84 29.11 -9.63 9.74
N THR A 85 28.40 -10.68 10.14
CA THR A 85 28.69 -12.05 9.71
C THR A 85 27.45 -12.91 9.98
N LEU A 86 27.35 -14.06 9.32
CA LEU A 86 26.20 -14.94 9.47
C LEU A 86 26.58 -16.40 9.63
N GLN A 87 25.79 -17.10 10.43
CA GLN A 87 25.91 -18.54 10.62
C GLN A 87 24.50 -19.11 10.44
N CYS A 88 24.11 -19.29 9.18
CA CYS A 88 22.78 -19.80 8.88
C CYS A 88 22.85 -21.28 8.51
N THR A 89 21.71 -21.95 8.59
CA THR A 89 21.57 -23.35 8.17
C THR A 89 20.30 -23.40 7.34
N ASN A 90 20.05 -24.49 6.64
CA ASN A 90 18.88 -24.61 5.77
C ASN A 90 17.92 -25.62 6.42
N VAL A 91 16.64 -25.51 6.10
CA VAL A 91 15.62 -26.43 6.64
C VAL A 91 15.49 -27.72 5.82
N THR A 92 16.09 -27.74 4.64
CA THR A 92 16.00 -28.87 3.72
C THR A 92 16.95 -30.02 4.05
N ASN A 93 16.40 -31.22 4.23
CA ASN A 93 17.22 -32.43 4.40
C ASN A 93 17.32 -33.20 3.09
N ASN A 94 16.25 -33.15 2.30
CA ASN A 94 16.12 -33.90 1.05
C ASN A 94 15.54 -32.95 -0.01
N ILE A 95 16.21 -32.88 -1.16
CA ILE A 95 15.96 -31.81 -2.13
C ILE A 95 15.72 -32.31 -3.58
N THR A 96 14.88 -31.57 -4.29
CA THR A 96 14.79 -31.62 -5.75
C THR A 96 14.98 -30.20 -6.28
N ASP A 97 15.22 -30.07 -7.58
CA ASP A 97 15.24 -28.80 -8.34
C ASP A 97 16.35 -27.81 -7.97
N ASP A 98 17.29 -28.23 -7.13
CA ASP A 98 18.40 -27.37 -6.65
C ASP A 98 17.87 -26.05 -6.10
N MET A 99 16.84 -26.16 -5.25
CA MET A 99 16.06 -25.01 -4.79
C MET A 99 16.75 -23.97 -3.92
N ARG A 100 17.81 -24.35 -3.23
CA ARG A 100 18.41 -23.57 -2.15
C ARG A 100 17.33 -23.13 -1.14
N GLY A 101 16.97 -21.87 -1.05
CA GLY A 101 15.88 -21.47 -0.17
C GLY A 101 16.03 -20.02 0.21
N GLU A 102 15.09 -19.18 -0.21
CA GLU A 102 15.29 -17.74 -0.11
C GLU A 102 15.33 -17.28 1.33
N LEU A 103 14.58 -17.88 2.24
CA LEU A 103 14.67 -17.50 3.64
C LEU A 103 15.50 -18.53 4.41
N LYS A 104 16.65 -18.11 4.91
CA LYS A 104 17.54 -19.01 5.66
C LYS A 104 17.49 -18.64 7.13
N ASN A 105 17.35 -19.68 7.95
CA ASN A 105 17.23 -19.54 9.39
C ASN A 105 18.61 -19.54 10.03
N CYS A 106 18.91 -18.47 10.74
CA CYS A 106 20.24 -18.24 11.26
C CYS A 106 20.36 -18.19 12.78
N SER A 107 21.60 -18.28 13.24
CA SER A 107 21.95 -18.11 14.64
C SER A 107 23.02 -17.04 14.58
N PHE A 108 23.00 -16.11 15.53
CA PHE A 108 23.93 -14.99 15.54
C PHE A 108 24.49 -14.77 16.92
N ASN A 109 25.79 -14.54 17.04
CA ASN A 109 26.42 -14.26 18.32
C ASN A 109 26.27 -12.77 18.55
N MET A 110 25.22 -12.41 19.28
CA MET A 110 24.79 -11.03 19.37
C MET A 110 25.19 -10.37 20.68
N THR A 111 25.76 -9.17 20.62
CA THR A 111 26.01 -8.35 21.81
C THR A 111 24.70 -8.07 22.54
N THR A 112 24.70 -8.23 23.86
CA THR A 112 23.50 -8.05 24.66
C THR A 112 23.46 -6.88 25.64
N GLU A 113 24.16 -7.01 26.75
CA GLU A 113 24.15 -6.01 27.82
C GLU A 113 25.57 -5.97 28.36
N LEU A 114 25.90 -4.93 29.13
CA LEU A 114 27.21 -4.77 29.76
C LEU A 114 28.33 -4.74 28.71
N ARG A 115 29.51 -5.27 29.02
CA ARG A 115 30.67 -5.19 28.13
C ARG A 115 31.11 -6.54 27.58
N ASP A 116 31.06 -6.64 26.25
CA ASP A 116 31.55 -7.77 25.46
C ASP A 116 30.86 -9.09 25.79
N LYS A 117 29.59 -9.01 26.17
CA LYS A 117 28.76 -10.18 26.49
C LYS A 117 27.82 -10.46 25.34
N LYS A 118 27.57 -11.74 25.11
CA LYS A 118 26.81 -12.20 23.95
C LYS A 118 25.81 -13.29 24.31
N GLN A 119 24.78 -13.44 23.50
CA GLN A 119 23.85 -14.57 23.59
C GLN A 119 23.60 -15.05 22.16
N LYS A 120 23.17 -16.30 22.00
CA LYS A 120 22.81 -16.84 20.69
C LYS A 120 21.41 -16.33 20.37
N VAL A 121 21.22 -15.65 19.25
CA VAL A 121 19.92 -15.07 18.90
C VAL A 121 19.51 -15.52 17.49
N TYR A 122 18.25 -15.90 17.33
CA TYR A 122 17.69 -16.23 16.02
C TYR A 122 17.62 -15.01 15.13
N SER A 123 17.94 -15.20 13.86
CA SER A 123 17.81 -14.15 12.86
C SER A 123 17.55 -14.78 11.51
N LEU A 124 17.19 -13.98 10.51
CA LEU A 124 16.89 -14.46 9.17
C LEU A 124 17.57 -13.63 8.08
N PHE A 125 18.04 -14.28 7.03
CA PHE A 125 18.68 -13.59 5.90
C PHE A 125 18.50 -14.41 4.64
N TYR A 126 18.86 -13.83 3.49
CA TYR A 126 18.52 -14.38 2.18
C TYR A 126 19.58 -15.06 1.31
N ARG A 127 20.88 -14.95 1.60
CA ARG A 127 21.90 -15.65 0.79
C ARG A 127 22.58 -16.90 1.34
N TYR A 148 23.58 -16.86 2.20
CA TYR A 148 24.15 -18.12 2.72
C TYR A 148 24.79 -18.12 4.11
N ARG A 149 26.04 -17.70 4.24
CA ARG A 149 26.82 -17.71 5.50
C ARG A 149 27.80 -16.56 5.29
N LEU A 150 28.30 -15.91 6.33
CA LEU A 150 29.11 -14.67 6.20
C LEU A 150 28.32 -13.67 5.35
N ILE A 151 28.87 -13.13 4.26
CA ILE A 151 28.18 -12.29 3.26
C ILE A 151 27.77 -10.89 3.72
N ASN A 152 27.15 -10.77 4.89
CA ASN A 152 26.70 -9.52 5.51
C ASN A 152 25.89 -8.61 4.56
N CYS A 153 25.77 -7.32 4.88
CA CYS A 153 24.89 -6.40 4.17
C CYS A 153 25.76 -5.40 3.45
N ASN A 154 25.53 -5.15 2.18
CA ASN A 154 26.55 -4.45 1.39
C ASN A 154 26.70 -2.96 1.72
N THR A 155 27.84 -2.61 2.31
CA THR A 155 28.23 -1.25 2.73
C THR A 155 27.33 -0.43 3.68
N SER A 156 26.04 -0.72 3.79
CA SER A 156 25.11 -0.03 4.68
C SER A 156 23.97 -0.99 4.99
N ALA A 157 23.37 -0.84 6.16
CA ALA A 157 22.18 -1.57 6.59
C ALA A 157 21.48 -0.76 7.68
N ILE A 158 20.32 -0.20 7.37
CA ILE A 158 19.58 0.63 8.32
C ILE A 158 18.28 -0.08 8.71
N THR A 159 18.23 -0.67 9.90
CA THR A 159 17.09 -1.48 10.33
C THR A 159 15.95 -0.60 10.86
N GLN A 160 14.74 -0.74 10.35
CA GLN A 160 13.64 0.14 10.71
C GLN A 160 12.98 -0.11 12.07
N ALA A 161 12.65 -1.37 12.37
CA ALA A 161 11.91 -1.78 13.57
C ALA A 161 10.83 -0.79 14.07
N CYS A 162 11.03 -0.21 15.25
CA CYS A 162 10.12 0.72 15.96
C CYS A 162 8.86 0.04 16.51
N PRO A 163 8.43 0.39 17.75
CA PRO A 163 7.40 -0.45 18.38
C PRO A 163 6.01 -0.49 17.76
N LYS A 164 5.51 0.66 17.31
CA LYS A 164 4.14 0.79 16.81
C LYS A 164 4.18 1.46 15.44
N VAL A 165 4.46 0.71 14.39
CA VAL A 165 4.40 1.23 13.02
C VAL A 165 3.67 0.23 12.13
N SER A 166 3.27 0.68 10.95
CA SER A 166 2.69 -0.17 9.91
C SER A 166 2.79 0.77 8.71
N PHE A 167 2.55 0.30 7.48
CA PHE A 167 2.73 1.15 6.31
C PHE A 167 1.65 0.89 5.25
N GLU A 168 0.74 1.84 5.06
CA GLU A 168 -0.24 1.79 3.99
C GLU A 168 -0.44 3.23 3.54
N PRO A 169 -0.49 3.51 2.23
CA PRO A 169 -0.76 4.90 1.80
C PRO A 169 -2.09 5.46 2.30
N ILE A 170 -2.16 6.78 2.40
CA ILE A 170 -3.33 7.48 2.91
C ILE A 170 -3.64 8.51 1.83
N PRO A 171 -4.91 8.87 1.57
CA PRO A 171 -5.02 9.94 0.58
C PRO A 171 -4.41 11.23 1.13
N ILE A 172 -3.69 11.95 0.29
CA ILE A 172 -3.15 13.26 0.64
C ILE A 172 -3.70 14.20 -0.42
N HIS A 173 -4.42 15.21 0.03
CA HIS A 173 -5.06 16.18 -0.84
C HIS A 173 -3.98 17.25 -0.91
N TYR A 174 -3.70 17.78 -2.08
CA TYR A 174 -2.65 18.78 -2.24
C TYR A 174 -3.35 20.01 -2.77
N CYS A 175 -3.02 21.17 -2.22
CA CYS A 175 -3.73 22.40 -2.55
C CYS A 175 -2.90 23.46 -3.26
N ALA A 176 -3.62 24.47 -3.74
CA ALA A 176 -3.10 25.75 -4.23
C ALA A 176 -3.68 26.83 -3.29
N PRO A 177 -3.09 27.00 -2.09
CA PRO A 177 -3.61 27.78 -0.96
C PRO A 177 -4.22 29.20 -1.05
N ALA A 178 -3.55 30.18 -0.45
CA ALA A 178 -4.03 31.55 -0.28
C ALA A 178 -3.89 32.44 -1.51
N GLY A 179 -4.07 31.90 -2.71
CA GLY A 179 -3.84 32.70 -3.90
C GLY A 179 -3.27 32.04 -5.14
N PHE A 180 -3.61 30.80 -5.45
CA PHE A 180 -3.13 30.16 -6.66
C PHE A 180 -4.32 29.35 -7.13
N ALA A 181 -4.24 28.87 -8.36
CA ALA A 181 -5.18 27.92 -8.92
C ALA A 181 -4.44 26.59 -8.87
N ILE A 182 -5.17 25.49 -8.81
CA ILE A 182 -4.71 24.31 -9.52
C ILE A 182 -5.58 24.32 -10.78
N LEU A 183 -4.99 24.36 -11.95
CA LEU A 183 -5.75 24.25 -13.19
C LEU A 183 -6.02 22.77 -13.36
N LYS A 184 -7.26 22.43 -13.68
CA LYS A 184 -7.67 21.05 -13.92
C LYS A 184 -8.25 20.90 -15.31
N CYS A 185 -7.49 20.34 -16.24
CA CYS A 185 -7.99 20.03 -17.56
C CYS A 185 -8.96 18.86 -17.43
N LYS A 186 -10.19 19.05 -17.85
CA LYS A 186 -11.23 18.03 -17.75
C LYS A 186 -11.56 17.37 -19.10
N ASP A 187 -10.66 17.43 -20.07
CA ASP A 187 -10.89 16.72 -21.33
C ASP A 187 -10.71 15.22 -21.04
N LYS A 188 -11.79 14.46 -21.24
CA LYS A 188 -11.77 13.01 -21.01
C LYS A 188 -10.74 12.30 -21.88
N LYS A 189 -10.46 12.86 -23.06
CA LYS A 189 -9.54 12.29 -24.04
C LYS A 189 -8.40 13.25 -24.35
N PHE A 190 -7.87 13.90 -23.33
CA PHE A 190 -6.79 14.88 -23.50
C PHE A 190 -5.51 14.27 -24.10
N ASN A 191 -4.85 14.90 -25.06
CA ASN A 191 -3.67 14.27 -25.68
C ASN A 191 -2.48 14.19 -24.72
N GLY A 192 -2.35 15.21 -23.90
CA GLY A 192 -1.17 15.38 -23.06
C GLY A 192 -0.46 16.69 -23.31
N THR A 193 -0.36 17.10 -24.57
CA THR A 193 0.21 18.40 -24.97
C THR A 193 -0.74 19.23 -25.83
N GLY A 194 -1.94 18.71 -26.03
CA GLY A 194 -2.85 19.23 -27.05
C GLY A 194 -3.91 20.17 -26.52
N PRO A 195 -4.99 20.41 -27.26
CA PRO A 195 -5.98 21.33 -26.70
C PRO A 195 -6.84 20.72 -25.59
N CYS A 196 -7.34 21.58 -24.71
CA CYS A 196 -8.26 21.19 -23.64
C CYS A 196 -9.40 22.20 -23.57
N PRO A 197 -10.61 21.86 -24.04
CA PRO A 197 -11.65 22.90 -24.02
C PRO A 197 -12.24 23.22 -22.64
N SER A 198 -12.00 22.40 -21.64
CA SER A 198 -12.50 22.67 -20.29
C SER A 198 -11.41 22.61 -19.25
N VAL A 199 -10.81 23.74 -18.98
CA VAL A 199 -9.95 23.90 -17.81
C VAL A 199 -10.89 24.38 -16.71
N SER A 200 -10.79 23.83 -15.51
CA SER A 200 -11.46 24.39 -14.34
C SER A 200 -10.37 24.81 -13.36
N THR A 201 -10.71 25.50 -12.28
CA THR A 201 -9.72 26.03 -11.34
C THR A 201 -10.11 25.61 -9.93
N VAL A 202 -9.32 24.72 -9.35
CA VAL A 202 -9.67 24.02 -8.12
C VAL A 202 -8.69 24.36 -7.00
N GLN A 203 -9.22 24.44 -5.77
CA GLN A 203 -8.41 24.69 -4.59
C GLN A 203 -7.52 23.50 -4.21
N CYS A 204 -8.07 22.31 -4.01
CA CYS A 204 -7.27 21.10 -3.69
C CYS A 204 -7.63 19.89 -4.55
N THR A 205 -6.70 18.95 -4.67
CA THR A 205 -6.94 17.67 -5.35
C THR A 205 -7.83 16.76 -4.51
N HIS A 206 -8.42 15.73 -5.11
CA HIS A 206 -9.34 14.83 -4.40
C HIS A 206 -8.71 13.86 -3.40
N GLY A 207 -7.39 13.83 -3.33
CA GLY A 207 -6.69 12.92 -2.42
C GLY A 207 -5.95 11.83 -3.17
N ILE A 208 -4.66 12.04 -3.35
CA ILE A 208 -3.80 11.09 -4.05
C ILE A 208 -3.20 10.20 -2.98
N LYS A 209 -3.29 8.89 -3.14
CA LYS A 209 -2.56 7.99 -2.24
C LYS A 209 -1.14 7.91 -2.79
N PRO A 210 -0.08 8.18 -1.98
CA PRO A 210 1.28 8.07 -2.52
C PRO A 210 1.77 6.62 -2.65
N VAL A 211 1.47 5.99 -3.78
CA VAL A 211 1.76 4.57 -4.00
C VAL A 211 3.13 4.43 -4.63
N VAL A 212 3.87 3.41 -4.21
CA VAL A 212 5.22 3.12 -4.71
C VAL A 212 5.22 1.73 -5.32
N SER A 213 4.93 1.64 -6.61
CA SER A 213 4.93 0.37 -7.33
C SER A 213 5.52 0.68 -8.69
N THR A 214 6.15 -0.29 -9.32
CA THR A 214 6.67 -0.14 -10.67
C THR A 214 5.77 -0.94 -11.58
N GLN A 215 5.87 -0.71 -12.89
CA GLN A 215 5.13 -1.40 -13.95
C GLN A 215 3.61 -1.30 -14.00
N LEU A 216 2.95 -1.32 -12.86
CA LEU A 216 1.50 -1.24 -12.79
C LEU A 216 1.16 -0.17 -11.77
N LEU A 217 0.06 0.53 -12.03
CA LEU A 217 -0.45 1.51 -11.09
C LEU A 217 -1.39 0.71 -10.21
N LEU A 218 -1.21 0.80 -8.90
CA LEU A 218 -1.98 0.02 -7.96
C LEU A 218 -2.63 1.04 -7.04
N ASN A 219 -3.81 0.72 -6.52
CA ASN A 219 -4.70 1.65 -5.80
C ASN A 219 -5.19 2.79 -6.70
N GLY A 220 -4.31 3.70 -7.13
CA GLY A 220 -4.55 4.63 -8.22
C GLY A 220 -5.82 5.44 -8.33
N SER A 221 -6.05 5.96 -9.53
CA SER A 221 -7.28 6.65 -9.89
C SER A 221 -7.60 6.45 -11.39
N LEU A 222 -8.86 6.13 -11.69
CA LEU A 222 -9.29 5.58 -12.99
C LEU A 222 -9.68 6.61 -14.06
N ALA A 223 -9.63 6.19 -15.32
CA ALA A 223 -10.05 7.00 -16.45
C ALA A 223 -11.60 7.09 -16.45
N GLU A 224 -12.18 8.20 -16.88
CA GLU A 224 -13.64 8.37 -16.75
C GLU A 224 -14.47 7.68 -17.83
N GLU A 225 -13.98 7.58 -19.06
CA GLU A 225 -14.78 7.06 -20.17
C GLU A 225 -14.28 5.76 -20.79
N GLU A 226 -13.03 5.73 -21.23
CA GLU A 226 -12.45 4.58 -21.93
C GLU A 226 -10.98 4.48 -21.48
N VAL A 227 -10.28 3.42 -21.86
CA VAL A 227 -8.85 3.28 -21.63
C VAL A 227 -8.10 4.40 -22.37
N MET A 228 -7.15 4.99 -21.67
CA MET A 228 -6.38 6.13 -22.16
C MET A 228 -4.89 5.76 -22.16
N ILE A 229 -4.18 6.07 -23.22
CA ILE A 229 -2.75 5.81 -23.33
C ILE A 229 -2.06 7.16 -23.52
N ARG A 230 -1.02 7.42 -22.74
CA ARG A 230 -0.36 8.72 -22.70
C ARG A 230 1.14 8.59 -22.86
N SER A 231 1.78 9.53 -23.53
CA SER A 231 3.24 9.63 -23.53
C SER A 231 3.68 11.08 -23.64
N GLU A 232 4.87 11.37 -23.12
CA GLU A 232 5.51 12.65 -23.33
C GLU A 232 5.96 12.78 -24.79
N ASN A 233 6.38 11.66 -25.37
CA ASN A 233 6.85 11.60 -26.75
C ASN A 233 6.64 10.21 -27.32
N ILE A 234 5.59 10.02 -28.11
CA ILE A 234 5.26 8.69 -28.59
C ILE A 234 6.26 8.21 -29.65
N THR A 235 6.88 9.12 -30.40
CA THR A 235 7.88 8.73 -31.39
C THR A 235 9.11 8.12 -30.71
N ASN A 236 9.47 8.68 -29.56
CA ASN A 236 10.63 8.24 -28.78
C ASN A 236 10.29 7.15 -27.76
N ASN A 237 10.79 5.94 -27.98
CA ASN A 237 10.54 4.82 -27.07
C ASN A 237 11.24 4.91 -25.72
N ALA A 238 12.16 5.85 -25.58
CA ALA A 238 12.88 6.00 -24.32
C ALA A 238 11.97 6.61 -23.24
N LYS A 239 11.03 7.43 -23.69
CA LYS A 239 10.11 8.12 -22.80
C LYS A 239 9.06 7.10 -22.42
N ASN A 240 8.63 7.05 -21.17
CA ASN A 240 7.66 6.01 -20.81
C ASN A 240 6.26 6.36 -21.28
N ILE A 241 5.55 5.29 -21.58
CA ILE A 241 4.16 5.34 -21.98
C ILE A 241 3.41 5.02 -20.69
N LEU A 242 2.44 5.86 -20.33
CA LEU A 242 1.57 5.63 -19.18
C LEU A 242 0.26 5.12 -19.77
N VAL A 243 -0.42 4.24 -19.07
CA VAL A 243 -1.72 3.75 -19.51
C VAL A 243 -2.63 3.89 -18.31
N GLN A 244 -3.85 4.36 -18.52
CA GLN A 244 -4.84 4.55 -17.47
C GLN A 244 -6.07 3.78 -17.92
N PHE A 245 -6.62 2.96 -17.04
CA PHE A 245 -7.78 2.14 -17.41
C PHE A 245 -9.04 2.79 -16.90
N ASN A 246 -10.15 2.60 -17.59
CA ASN A 246 -11.45 3.07 -17.11
C ASN A 246 -12.15 2.01 -16.27
N THR A 247 -11.56 0.82 -16.14
CA THR A 247 -12.11 -0.25 -15.32
C THR A 247 -10.90 -0.89 -14.65
N PRO A 248 -10.98 -1.25 -13.37
CA PRO A 248 -9.76 -1.82 -12.77
C PRO A 248 -9.54 -3.27 -13.17
N VAL A 249 -8.38 -3.83 -12.83
CA VAL A 249 -8.15 -5.26 -12.97
C VAL A 249 -7.86 -5.82 -11.58
N GLN A 250 -8.52 -6.90 -11.22
CA GLN A 250 -8.33 -7.49 -9.89
C GLN A 250 -6.95 -8.16 -9.78
N ILE A 251 -6.23 -7.86 -8.71
CA ILE A 251 -4.97 -8.51 -8.38
C ILE A 251 -5.00 -8.80 -6.87
N ASN A 252 -4.69 -10.03 -6.49
CA ASN A 252 -4.77 -10.46 -5.10
C ASN A 252 -3.53 -11.23 -4.68
N CYS A 253 -2.73 -10.67 -3.79
CA CYS A 253 -1.48 -11.29 -3.38
C CYS A 253 -1.50 -11.75 -1.92
N THR A 254 -1.22 -13.02 -1.69
CA THR A 254 -1.24 -13.61 -0.35
C THR A 254 0.07 -14.27 0.05
N ARG A 255 0.54 -13.93 1.24
CA ARG A 255 1.74 -14.52 1.85
C ARG A 255 1.32 -15.25 3.14
N PRO A 256 1.23 -16.59 3.12
CA PRO A 256 1.15 -17.41 4.34
C PRO A 256 2.42 -17.65 5.17
N ASN A 257 3.47 -16.85 5.00
CA ASN A 257 4.73 -17.06 5.74
C ASN A 257 4.58 -16.58 7.19
N ASN A 258 5.02 -17.37 8.17
CA ASN A 258 4.79 -17.09 9.59
C ASN A 258 6.06 -16.64 10.33
N ASN A 259 5.88 -15.87 11.39
CA ASN A 259 6.94 -15.44 12.32
C ASN A 259 6.30 -15.22 13.69
N THR A 260 6.99 -15.50 14.78
CA THR A 260 6.54 -14.98 16.08
C THR A 260 7.16 -13.60 16.18
N ARG A 261 6.43 -12.55 16.53
CA ARG A 261 7.08 -11.27 16.75
C ARG A 261 7.71 -11.35 18.13
N LYS A 262 9.02 -11.44 18.17
CA LYS A 262 9.77 -11.42 19.43
C LYS A 262 10.70 -10.25 19.31
N SER A 263 10.95 -9.57 20.41
CA SER A 263 11.86 -8.44 20.48
C SER A 263 12.47 -8.52 21.86
N ILE A 264 13.78 -8.40 21.93
CA ILE A 264 14.51 -8.67 23.16
C ILE A 264 15.07 -7.32 23.58
N ARG A 265 14.84 -6.90 24.81
CA ARG A 265 15.47 -5.70 25.35
C ARG A 265 16.41 -6.19 26.45
N ILE A 266 17.68 -5.93 26.23
CA ILE A 266 18.77 -6.53 27.01
C ILE A 266 19.64 -5.41 27.54
N GLY A 267 20.17 -4.58 26.64
CA GLY A 267 20.90 -3.38 27.02
C GLY A 267 20.17 -2.17 26.48
N PRO A 268 20.20 -0.98 27.11
CA PRO A 268 19.34 0.10 26.59
C PRO A 268 19.64 0.63 25.20
N GLY A 269 20.91 0.57 24.80
CA GLY A 269 21.32 1.12 23.53
C GLY A 269 21.10 0.19 22.36
N GLN A 270 21.04 -1.10 22.62
CA GLN A 270 20.78 -2.11 21.59
C GLN A 270 19.26 -2.26 21.49
N ALA A 271 18.74 -2.68 20.34
CA ALA A 271 17.33 -3.00 20.16
C ALA A 271 17.21 -3.93 18.96
N PHE A 272 16.62 -5.10 19.17
CA PHE A 272 16.64 -6.16 18.17
C PHE A 272 15.43 -7.10 18.25
N TYR A 273 15.09 -7.64 17.09
CA TYR A 273 13.91 -8.47 16.88
C TYR A 273 14.42 -9.91 16.73
N ALA A 274 13.58 -10.90 16.99
CA ALA A 274 13.96 -12.30 16.77
C ALA A 274 12.90 -13.01 15.93
N THR A 275 13.12 -13.00 14.63
CA THR A 275 12.20 -13.60 13.66
C THR A 275 12.55 -15.07 13.39
N GLY A 276 11.72 -15.74 12.60
CA GLY A 276 12.00 -17.11 12.18
C GLY A 276 11.46 -18.27 12.98
N ASP A 277 10.73 -18.03 14.06
CA ASP A 277 10.16 -19.13 14.86
C ASP A 277 9.06 -19.85 14.08
N ILE A 278 8.57 -20.96 14.62
CA ILE A 278 7.42 -21.72 14.12
C ILE A 278 7.67 -22.42 12.77
N ILE A 279 6.59 -23.01 12.24
CA ILE A 279 6.56 -23.81 11.03
C ILE A 279 5.40 -23.32 10.16
N GLY A 280 5.37 -23.78 8.92
CA GLY A 280 4.30 -23.47 7.98
C GLY A 280 4.77 -23.85 6.59
N ASP A 281 6.05 -23.62 6.36
CA ASP A 281 6.83 -24.17 5.24
C ASP A 281 6.34 -23.79 3.84
N ILE A 282 5.72 -22.62 3.73
CA ILE A 282 5.08 -22.19 2.49
C ILE A 282 6.03 -22.00 1.30
N ARG A 283 5.51 -22.26 0.12
CA ARG A 283 6.12 -21.89 -1.17
C ARG A 283 6.21 -20.37 -1.28
N GLN A 284 7.43 -19.86 -1.17
CA GLN A 284 7.79 -18.49 -1.54
C GLN A 284 6.81 -17.41 -1.04
N ALA A 285 6.20 -16.65 -1.96
CA ALA A 285 5.14 -15.71 -1.67
C ALA A 285 4.38 -15.80 -2.98
N HIS A 286 3.17 -15.28 -3.06
CA HIS A 286 2.34 -15.56 -4.23
C HIS A 286 1.32 -14.47 -4.55
N CYS A 287 0.83 -14.45 -5.78
CA CYS A 287 -0.23 -13.53 -6.18
C CYS A 287 -1.11 -14.13 -7.28
N ASN A 288 -2.28 -13.58 -7.49
CA ASN A 288 -3.25 -14.06 -8.47
C ASN A 288 -3.63 -12.82 -9.27
N VAL A 289 -3.98 -12.93 -10.54
CA VAL A 289 -4.58 -11.81 -11.28
C VAL A 289 -5.81 -12.42 -11.93
N SER A 290 -6.96 -11.81 -11.71
CA SER A 290 -8.19 -12.28 -12.34
C SER A 290 -8.25 -11.65 -13.73
N LYS A 291 -8.22 -12.52 -14.74
CA LYS A 291 -7.86 -12.16 -16.12
C LYS A 291 -9.03 -11.72 -17.01
N ALA A 292 -10.27 -11.83 -16.55
CA ALA A 292 -11.42 -11.44 -17.38
C ALA A 292 -11.40 -9.96 -17.77
N THR A 293 -10.95 -9.11 -16.85
CA THR A 293 -10.78 -7.68 -17.08
C THR A 293 -9.36 -7.35 -17.54
N TRP A 294 -8.38 -8.23 -17.36
CA TRP A 294 -7.06 -8.03 -17.96
C TRP A 294 -7.14 -8.23 -19.47
N ASN A 295 -7.95 -9.19 -19.92
CA ASN A 295 -8.19 -9.36 -21.36
C ASN A 295 -8.87 -8.14 -21.97
N GLU A 296 -9.88 -7.65 -21.26
CA GLU A 296 -10.61 -6.49 -21.75
C GLU A 296 -9.75 -5.22 -21.72
N THR A 297 -9.05 -4.93 -20.64
CA THR A 297 -8.21 -3.73 -20.62
C THR A 297 -7.06 -3.83 -21.61
N LEU A 298 -6.35 -4.96 -21.69
CA LEU A 298 -5.21 -5.02 -22.61
C LEU A 298 -5.68 -5.15 -24.05
N GLY A 299 -6.86 -5.68 -24.25
CA GLY A 299 -7.45 -5.69 -25.58
C GLY A 299 -7.76 -4.28 -26.02
N LYS A 300 -8.19 -3.46 -25.09
CA LYS A 300 -8.44 -2.05 -25.38
C LYS A 300 -7.14 -1.28 -25.48
N VAL A 301 -6.09 -1.70 -24.78
CA VAL A 301 -4.76 -1.11 -24.98
C VAL A 301 -4.33 -1.36 -26.41
N VAL A 302 -4.37 -2.57 -26.93
CA VAL A 302 -3.85 -2.77 -28.28
C VAL A 302 -4.74 -2.11 -29.33
N LYS A 303 -6.04 -2.01 -29.05
CA LYS A 303 -6.96 -1.24 -29.90
C LYS A 303 -6.58 0.22 -29.92
N GLN A 304 -6.37 0.82 -28.76
CA GLN A 304 -5.93 2.21 -28.67
C GLN A 304 -4.56 2.42 -29.30
N LEU A 305 -3.63 1.50 -29.14
CA LEU A 305 -2.31 1.63 -29.78
C LEU A 305 -2.43 1.61 -31.30
N ARG A 306 -3.28 0.75 -31.86
CA ARG A 306 -3.53 0.75 -33.32
C ARG A 306 -4.23 2.03 -33.74
N LYS A 307 -5.16 2.53 -32.94
CA LYS A 307 -5.85 3.78 -33.25
C LYS A 307 -4.94 4.99 -33.14
N HIS A 308 -3.87 4.91 -32.36
CA HIS A 308 -2.96 6.04 -32.17
C HIS A 308 -1.71 6.05 -33.05
N PHE A 309 -0.95 4.97 -33.10
CA PHE A 309 0.33 4.95 -33.85
C PHE A 309 0.82 3.64 -34.48
N GLY A 310 0.14 2.52 -34.24
CA GLY A 310 0.47 1.23 -34.84
C GLY A 310 -0.63 0.72 -35.76
N ASN A 311 -1.04 1.54 -36.72
CA ASN A 311 -2.32 1.42 -37.43
C ASN A 311 -2.70 0.08 -38.06
N ASN A 312 -1.74 -0.71 -38.54
CA ASN A 312 -1.99 -2.11 -38.90
C ASN A 312 -0.77 -2.96 -38.55
N THR A 313 -0.63 -3.31 -37.27
CA THR A 313 0.50 -4.12 -36.81
C THR A 313 -0.02 -5.20 -35.86
N ILE A 314 0.82 -6.16 -35.52
CA ILE A 314 0.53 -7.16 -34.50
C ILE A 314 1.24 -6.59 -33.27
N ILE A 315 0.63 -6.64 -32.10
CA ILE A 315 1.23 -6.01 -30.93
C ILE A 315 1.59 -7.07 -29.91
N ARG A 316 2.89 -7.20 -29.66
CA ARG A 316 3.42 -8.18 -28.74
C ARG A 316 3.70 -7.53 -27.41
N PHE A 317 3.59 -8.28 -26.34
CA PHE A 317 4.11 -7.85 -25.04
C PHE A 317 5.22 -8.83 -24.68
N ALA A 318 6.26 -8.34 -24.02
CA ALA A 318 7.37 -9.17 -23.59
C ALA A 318 7.69 -8.75 -22.17
N ASN A 319 8.25 -9.66 -21.38
CA ASN A 319 8.62 -9.34 -20.00
C ASN A 319 9.75 -8.31 -19.96
N SER A 320 10.08 -7.91 -18.74
CA SER A 320 11.09 -6.90 -18.48
C SER A 320 12.42 -7.14 -19.20
N SER A 321 13.03 -6.07 -19.71
CA SER A 321 14.19 -6.22 -20.58
C SER A 321 15.44 -6.65 -19.80
N GLY A 322 15.65 -6.05 -18.64
CA GLY A 322 16.77 -6.41 -17.78
C GLY A 322 17.10 -5.26 -16.87
N GLY A 323 17.92 -5.46 -15.86
CA GLY A 323 18.25 -4.42 -14.91
C GLY A 323 18.36 -4.87 -13.46
N ASP A 324 17.98 -3.98 -12.55
CA ASP A 324 17.93 -4.25 -11.11
C ASP A 324 16.68 -5.07 -10.80
N LEU A 325 16.56 -5.64 -9.60
CA LEU A 325 15.36 -6.42 -9.28
C LEU A 325 14.07 -5.59 -9.32
N GLU A 326 14.18 -4.32 -8.95
CA GLU A 326 13.07 -3.37 -9.00
C GLU A 326 12.65 -3.01 -10.43
N VAL A 327 13.40 -3.48 -11.41
CA VAL A 327 13.17 -3.23 -12.83
C VAL A 327 12.66 -4.49 -13.52
N THR A 328 13.15 -5.64 -13.06
CA THR A 328 12.86 -6.91 -13.73
C THR A 328 11.64 -7.65 -13.21
N THR A 329 11.10 -7.21 -12.08
CA THR A 329 9.92 -7.82 -11.47
C THR A 329 8.90 -6.72 -11.19
N HIS A 330 7.67 -7.10 -10.90
CA HIS A 330 6.64 -6.16 -10.48
C HIS A 330 6.95 -5.89 -9.01
N SER A 331 7.62 -4.76 -8.76
CA SER A 331 8.05 -4.38 -7.42
C SER A 331 7.01 -3.46 -6.82
N PHE A 332 6.42 -3.86 -5.70
CA PHE A 332 5.36 -3.11 -5.04
C PHE A 332 5.33 -3.61 -3.60
N ASN A 333 4.55 -2.98 -2.72
CA ASN A 333 4.47 -3.37 -1.33
C ASN A 333 3.05 -3.82 -0.94
N CYS A 334 2.99 -4.57 0.15
CA CYS A 334 1.74 -5.03 0.76
C CYS A 334 1.92 -4.86 2.26
N GLY A 335 2.35 -3.67 2.67
CA GLY A 335 2.59 -3.38 4.08
C GLY A 335 3.96 -2.87 4.50
N GLY A 336 4.78 -2.47 3.53
CA GLY A 336 6.11 -1.98 3.82
C GLY A 336 7.13 -3.10 3.81
N GLU A 337 6.65 -4.34 3.83
CA GLU A 337 7.44 -5.45 3.34
C GLU A 337 7.44 -5.25 1.82
N PHE A 338 8.57 -5.52 1.16
CA PHE A 338 8.72 -5.25 -0.27
C PHE A 338 8.56 -6.55 -1.04
N PHE A 339 7.70 -6.54 -2.04
CA PHE A 339 7.37 -7.75 -2.80
C PHE A 339 7.78 -7.58 -4.24
N TYR A 340 8.20 -8.69 -4.83
CA TYR A 340 8.77 -8.72 -6.16
C TYR A 340 8.12 -9.88 -6.89
N CYS A 341 7.11 -9.61 -7.70
CA CYS A 341 6.36 -10.67 -8.40
C CYS A 341 6.78 -10.81 -9.84
N ASN A 342 6.74 -12.04 -10.34
CA ASN A 342 7.16 -12.36 -11.70
C ASN A 342 6.24 -11.70 -12.72
N THR A 343 6.81 -11.11 -13.77
CA THR A 343 6.06 -10.38 -14.79
C THR A 343 5.76 -11.16 -16.06
N SER A 344 6.32 -12.35 -16.20
CA SER A 344 6.16 -13.10 -17.44
C SER A 344 4.72 -13.44 -17.74
N GLY A 345 3.93 -13.74 -16.72
CA GLY A 345 2.52 -14.03 -16.90
C GLY A 345 1.66 -12.83 -17.28
N LEU A 346 2.20 -11.63 -17.15
CA LEU A 346 1.46 -10.42 -17.54
C LEU A 346 1.78 -10.10 -18.99
N PHE A 347 2.98 -10.47 -19.43
CA PHE A 347 3.51 -10.00 -20.71
C PHE A 347 3.95 -11.15 -21.62
N ASN A 348 3.09 -12.14 -21.72
CA ASN A 348 3.31 -13.30 -22.60
C ASN A 348 2.19 -13.38 -23.62
N SER A 349 1.62 -12.22 -23.90
CA SER A 349 0.47 -12.06 -24.80
C SER A 349 0.77 -11.37 -26.15
N THR A 350 0.82 -12.15 -27.23
CA THR A 350 0.88 -11.60 -28.59
C THR A 350 -0.56 -11.29 -29.00
N TRP A 351 -0.91 -10.03 -29.13
CA TRP A 351 -2.23 -9.65 -29.61
C TRP A 351 -2.14 -9.52 -31.11
N ILE A 352 -2.60 -10.57 -31.79
CA ILE A 352 -2.69 -10.57 -33.24
C ILE A 352 -3.86 -9.62 -33.49
N SER A 353 -3.87 -8.88 -34.58
CA SER A 353 -4.97 -7.97 -34.91
C SER A 353 -6.28 -8.67 -35.40
N ASN A 354 -6.66 -9.72 -34.68
CA ASN A 354 -7.92 -10.46 -34.81
C ASN A 354 -8.58 -10.56 -33.39
N THR A 355 -9.42 -11.56 -33.16
CA THR A 355 -10.17 -11.88 -31.89
C THR A 355 -9.38 -12.26 -30.60
N SER A 356 -10.03 -12.39 -29.45
CA SER A 356 -9.40 -12.71 -28.15
C SER A 356 -9.68 -14.11 -27.58
N VAL A 357 -9.07 -14.47 -26.44
CA VAL A 357 -9.08 -15.84 -25.88
C VAL A 357 -9.18 -15.89 -24.33
N ASN A 366 -9.75 -16.98 -23.83
CA ASN A 366 -10.10 -17.27 -22.42
C ASN A 366 -8.92 -17.57 -21.46
N ASP A 367 -9.24 -17.77 -20.17
CA ASP A 367 -8.44 -18.38 -19.08
C ASP A 367 -7.76 -17.39 -18.09
N SER A 368 -6.96 -17.83 -17.10
CA SER A 368 -6.58 -17.02 -15.91
C SER A 368 -5.08 -17.01 -15.44
N ILE A 369 -4.63 -16.04 -14.62
CA ILE A 369 -3.21 -15.95 -14.20
C ILE A 369 -2.93 -16.17 -12.70
N THR A 370 -1.90 -16.94 -12.37
CA THR A 370 -1.35 -17.02 -11.02
C THR A 370 0.13 -16.61 -11.12
N LEU A 371 0.62 -15.81 -10.18
CA LEU A 371 1.95 -15.22 -10.24
C LEU A 371 2.86 -15.67 -9.08
N PRO A 372 4.07 -16.16 -9.39
CA PRO A 372 5.08 -16.26 -8.32
C PRO A 372 5.49 -14.91 -7.74
N CYS A 373 5.85 -14.87 -6.47
CA CYS A 373 6.39 -13.66 -5.87
C CYS A 373 7.46 -14.01 -4.87
N ARG A 374 8.25 -13.02 -4.49
CA ARG A 374 9.21 -13.13 -3.40
C ARG A 374 8.92 -11.93 -2.50
N ILE A 375 9.38 -12.01 -1.26
CA ILE A 375 9.33 -10.89 -0.31
C ILE A 375 10.77 -10.65 0.13
N LYS A 376 11.16 -9.39 0.15
CA LYS A 376 12.44 -8.98 0.70
C LYS A 376 12.19 -7.97 1.80
N GLN A 377 13.17 -7.86 2.67
CA GLN A 377 13.16 -6.89 3.75
C GLN A 377 13.95 -5.68 3.32
N ILE A 378 15.02 -5.95 2.57
CA ILE A 378 16.01 -4.94 2.19
C ILE A 378 15.56 -4.20 0.93
N ILE A 379 15.62 -2.87 0.99
CA ILE A 379 15.38 -2.03 -0.17
C ILE A 379 16.42 -0.89 -0.21
N ASN A 380 17.05 -0.68 -1.36
CA ASN A 380 17.97 0.45 -1.51
C ASN A 380 17.20 1.72 -1.86
N MET A 381 16.71 2.36 -0.81
CA MET A 381 15.90 3.58 -0.88
C MET A 381 16.70 4.77 -1.42
N TRP A 382 16.11 5.96 -1.46
CA TRP A 382 16.80 7.24 -1.75
C TRP A 382 17.75 7.20 -2.96
N GLN A 383 19.04 7.03 -2.71
CA GLN A 383 20.13 7.03 -3.68
C GLN A 383 21.12 5.91 -3.30
N ARG A 384 22.22 6.22 -2.61
CA ARG A 384 23.07 5.19 -1.97
C ARG A 384 23.41 5.65 -0.54
N ILE A 385 22.47 6.37 0.04
CA ILE A 385 22.59 6.91 1.39
C ILE A 385 22.55 5.73 2.35
N GLY A 386 21.75 4.74 1.99
CA GLY A 386 21.74 3.45 2.66
C GLY A 386 20.54 2.59 2.35
N GLN A 387 20.68 1.31 2.67
CA GLN A 387 19.60 0.33 2.51
C GLN A 387 18.70 0.40 3.73
N ALA A 388 17.40 0.26 3.58
CA ALA A 388 16.49 0.21 4.71
C ALA A 388 15.96 -1.20 4.82
N MET A 389 15.73 -1.65 6.04
CA MET A 389 15.21 -2.99 6.31
C MET A 389 13.96 -2.98 7.19
N TYR A 390 12.81 -3.28 6.61
CA TYR A 390 11.65 -3.65 7.41
C TYR A 390 11.87 -5.11 7.82
N ALA A 391 12.36 -5.33 9.02
CA ALA A 391 12.86 -6.64 9.43
C ALA A 391 12.01 -7.58 10.32
N PRO A 392 11.18 -7.08 11.26
CA PRO A 392 10.16 -8.01 11.81
C PRO A 392 8.79 -8.05 11.11
N PRO A 393 8.53 -9.04 10.23
CA PRO A 393 7.10 -9.15 9.89
C PRO A 393 6.21 -9.54 11.08
N ILE A 394 5.05 -8.93 11.16
CA ILE A 394 4.10 -9.15 12.25
C ILE A 394 3.02 -10.09 11.74
N GLN A 395 2.74 -11.13 12.53
CA GLN A 395 1.77 -12.22 12.25
C GLN A 395 2.14 -12.98 10.96
N GLY A 396 1.26 -13.88 10.53
CA GLY A 396 1.45 -14.61 9.29
C GLY A 396 0.09 -14.77 8.64
N VAL A 397 0.06 -15.10 7.36
CA VAL A 397 -1.17 -15.20 6.55
C VAL A 397 -1.82 -13.82 6.42
N ILE A 398 -1.23 -13.05 5.53
CA ILE A 398 -1.67 -11.68 5.23
C ILE A 398 -1.88 -11.62 3.71
N ARG A 399 -3.04 -11.11 3.34
CA ARG A 399 -3.49 -11.04 1.95
C ARG A 399 -3.80 -9.60 1.58
N CYS A 400 -3.36 -9.18 0.41
CA CYS A 400 -3.61 -7.83 -0.11
C CYS A 400 -4.36 -7.89 -1.43
N VAL A 401 -5.63 -7.53 -1.39
CA VAL A 401 -6.45 -7.39 -2.58
C VAL A 401 -6.24 -5.95 -3.05
N SER A 402 -5.95 -5.73 -4.31
CA SER A 402 -5.73 -4.40 -4.88
C SER A 402 -6.40 -4.33 -6.25
N ASN A 403 -6.65 -3.12 -6.70
CA ASN A 403 -6.99 -2.89 -8.10
C ASN A 403 -5.67 -2.54 -8.77
N ILE A 404 -5.44 -3.10 -9.94
CA ILE A 404 -4.53 -2.52 -10.91
C ILE A 404 -5.43 -1.47 -11.54
N THR A 405 -4.99 -0.24 -11.65
CA THR A 405 -5.78 0.82 -12.26
C THR A 405 -5.13 1.37 -13.53
N GLY A 406 -3.92 0.93 -13.81
CA GLY A 406 -3.23 1.37 -15.01
C GLY A 406 -1.91 0.65 -15.14
N LEU A 407 -1.18 0.91 -16.21
CA LEU A 407 0.02 0.18 -16.59
C LEU A 407 1.06 1.24 -16.90
N ILE A 408 2.34 0.89 -16.90
CA ILE A 408 3.39 1.77 -17.39
C ILE A 408 4.19 0.88 -18.35
N LEU A 409 4.48 1.37 -19.55
CA LEU A 409 5.18 0.62 -20.58
C LEU A 409 6.39 1.38 -21.08
N THR A 410 7.35 0.64 -21.59
CA THR A 410 8.46 1.18 -22.37
C THR A 410 8.40 0.38 -23.67
N ARG A 411 8.29 1.04 -24.81
CA ARG A 411 8.23 0.31 -26.07
C ARG A 411 9.61 -0.31 -26.32
N ASP A 412 9.62 -1.51 -26.87
CA ASP A 412 10.84 -2.15 -27.34
C ASP A 412 10.88 -1.71 -28.80
N GLY A 413 11.73 -0.76 -29.12
CA GLY A 413 11.74 -0.19 -30.46
C GLY A 413 12.01 -1.22 -31.52
N GLY A 414 11.26 -1.13 -32.61
CA GLY A 414 11.17 -2.19 -33.59
C GLY A 414 11.60 -1.80 -34.98
N SER A 415 11.12 -2.56 -35.96
CA SER A 415 11.33 -2.31 -37.38
C SER A 415 9.94 -2.24 -38.01
N THR A 416 9.83 -2.08 -39.32
CA THR A 416 8.54 -2.19 -40.00
C THR A 416 8.47 -3.45 -40.85
N ASN A 417 9.60 -4.08 -41.13
CA ASN A 417 9.60 -5.32 -41.93
C ASN A 417 9.04 -6.50 -41.14
N SER A 418 9.10 -6.41 -39.82
CA SER A 418 8.66 -7.48 -38.92
C SER A 418 7.15 -7.57 -38.75
N THR A 419 6.43 -6.54 -39.19
CA THR A 419 4.98 -6.44 -39.08
C THR A 419 4.46 -6.64 -37.64
N THR A 420 5.28 -6.21 -36.68
CA THR A 420 4.91 -6.25 -35.27
C THR A 420 5.54 -5.10 -34.48
N GLU A 421 4.95 -4.74 -33.36
CA GLU A 421 5.51 -3.78 -32.42
C GLU A 421 5.51 -4.50 -31.08
N THR A 422 6.56 -4.36 -30.29
CA THR A 422 6.68 -5.05 -29.02
C THR A 422 6.76 -4.02 -27.90
N PHE A 423 6.07 -4.26 -26.79
CA PHE A 423 6.07 -3.38 -25.64
C PHE A 423 6.49 -4.20 -24.42
N ARG A 424 7.19 -3.56 -23.49
CA ARG A 424 7.70 -4.22 -22.29
C ARG A 424 7.24 -3.30 -21.17
N PRO A 425 7.25 -3.75 -19.91
CA PRO A 425 6.82 -2.78 -18.90
C PRO A 425 7.83 -1.64 -18.69
N GLY A 426 7.40 -0.62 -17.96
CA GLY A 426 8.22 0.53 -17.66
C GLY A 426 7.95 1.00 -16.24
N GLY A 427 8.32 2.22 -15.92
CA GLY A 427 8.16 2.74 -14.57
C GLY A 427 9.48 2.55 -13.86
N GLY A 428 9.61 3.00 -12.62
CA GLY A 428 10.83 2.88 -11.84
C GLY A 428 11.29 4.23 -11.30
N ASP A 429 10.98 5.28 -12.04
CA ASP A 429 11.09 6.65 -11.53
C ASP A 429 9.69 6.98 -11.03
N MET A 430 9.54 7.13 -9.72
CA MET A 430 8.24 7.38 -9.12
C MET A 430 7.60 8.71 -9.56
N ARG A 431 8.37 9.60 -10.19
CA ARG A 431 7.79 10.78 -10.82
C ARG A 431 6.84 10.41 -11.95
N ASP A 432 7.01 9.26 -12.61
CA ASP A 432 6.03 8.83 -13.62
C ASP A 432 4.72 8.40 -12.99
N ASN A 433 4.75 7.85 -11.78
CA ASN A 433 3.50 7.54 -11.09
C ASN A 433 2.84 8.84 -10.67
N TRP A 434 3.62 9.80 -10.18
CA TRP A 434 3.03 11.10 -9.86
C TRP A 434 2.48 11.77 -11.11
N ARG A 435 3.10 11.59 -12.27
CA ARG A 435 2.51 12.09 -13.52
C ARG A 435 1.21 11.39 -13.92
N SER A 436 0.97 10.16 -13.50
CA SER A 436 -0.33 9.54 -13.75
C SER A 436 -1.41 10.10 -12.83
N GLU A 437 -1.01 10.59 -11.66
CA GLU A 437 -1.94 11.13 -10.68
C GLU A 437 -2.23 12.61 -10.92
N LEU A 438 -1.21 13.32 -11.40
CA LEU A 438 -1.25 14.77 -11.55
C LEU A 438 -1.37 15.19 -13.00
N TYR A 439 -1.80 14.24 -13.83
CA TYR A 439 -2.04 14.49 -15.25
C TYR A 439 -3.08 15.60 -15.47
N LYS A 440 -3.95 15.80 -14.49
CA LYS A 440 -4.95 16.87 -14.51
C LYS A 440 -4.67 17.97 -13.48
N TYR A 441 -3.46 18.12 -12.98
CA TYR A 441 -3.21 19.13 -11.94
C TYR A 441 -1.95 19.95 -12.14
N LYS A 442 -2.10 21.26 -12.26
CA LYS A 442 -0.96 22.19 -12.36
C LYS A 442 -1.25 23.46 -11.55
N VAL A 443 -0.38 23.81 -10.62
CA VAL A 443 -0.54 24.97 -9.76
C VAL A 443 -0.03 26.22 -10.49
N VAL A 444 -0.85 27.24 -10.65
CA VAL A 444 -0.44 28.51 -11.32
C VAL A 444 -1.00 29.71 -10.54
N LYS A 445 -0.43 30.88 -10.72
CA LYS A 445 -0.77 32.10 -9.96
C LYS A 445 -1.60 33.06 -10.79
N ILE A 446 -2.43 33.88 -10.16
CA ILE A 446 -3.19 34.94 -10.83
C ILE A 446 -2.39 36.23 -10.67
N GLU A 447 -2.30 37.02 -11.72
CA GLU A 447 -1.84 38.41 -11.69
C GLU A 447 -2.91 39.20 -12.47
N PRO A 448 -3.03 40.52 -12.26
CA PRO A 448 -4.32 41.17 -12.58
C PRO A 448 -4.66 41.50 -14.03
N THR B 1 -7.11 -60.95 -15.52
CA THR B 1 -8.39 -61.49 -14.99
C THR B 1 -9.46 -61.46 -16.06
N PHE B 2 -10.62 -62.06 -15.83
CA PHE B 2 -11.70 -62.07 -16.82
C PHE B 2 -12.98 -61.47 -16.24
N VAL B 3 -13.73 -60.73 -17.05
CA VAL B 3 -15.05 -60.23 -16.67
C VAL B 3 -15.93 -60.66 -17.84
N SER B 4 -17.12 -61.17 -17.57
CA SER B 4 -18.04 -61.59 -18.62
C SER B 4 -19.36 -60.83 -18.46
N VAL B 5 -19.93 -60.34 -19.55
CA VAL B 5 -21.14 -59.51 -19.47
C VAL B 5 -22.09 -59.81 -20.63
N ALA B 6 -23.40 -59.84 -20.38
CA ALA B 6 -24.38 -60.00 -21.44
C ALA B 6 -24.59 -58.64 -22.15
N PRO B 7 -24.86 -58.62 -23.47
CA PRO B 7 -24.99 -57.29 -24.09
C PRO B 7 -26.09 -56.41 -23.52
N GLY B 8 -25.77 -55.12 -23.38
CA GLY B 8 -26.65 -54.12 -22.81
C GLY B 8 -26.56 -53.93 -21.31
N GLN B 9 -25.86 -54.80 -20.60
CA GLN B 9 -25.68 -54.66 -19.15
C GLN B 9 -24.39 -53.88 -18.91
N THR B 10 -24.24 -53.33 -17.72
CA THR B 10 -23.06 -52.56 -17.34
C THR B 10 -21.93 -53.51 -16.95
N ALA B 11 -20.70 -53.20 -17.35
CA ALA B 11 -19.51 -53.91 -16.92
C ALA B 11 -18.64 -52.96 -16.08
N ARG B 12 -17.95 -53.50 -15.08
CA ARG B 12 -16.94 -52.76 -14.33
C ARG B 12 -15.65 -53.56 -14.24
N ILE B 13 -14.58 -52.88 -14.65
CA ILE B 13 -13.25 -53.46 -14.75
C ILE B 13 -12.39 -52.66 -13.79
N THR B 14 -11.75 -53.35 -12.86
CA THR B 14 -10.85 -52.70 -11.89
C THR B 14 -9.42 -52.99 -12.32
N CYS B 15 -8.48 -52.11 -11.99
CA CYS B 15 -7.09 -52.27 -12.43
C CYS B 15 -6.16 -51.62 -11.41
N GLY B 16 -4.97 -52.16 -11.21
CA GLY B 16 -3.97 -51.53 -10.35
C GLY B 16 -4.14 -51.61 -8.85
N GLU B 17 -3.17 -51.03 -8.15
CA GLU B 17 -3.15 -50.97 -6.68
C GLU B 17 -4.13 -49.93 -6.12
N GLU B 18 -4.38 -50.01 -4.82
CA GLU B 18 -5.14 -48.97 -4.12
C GLU B 18 -4.36 -47.65 -4.17
N SER B 19 -5.07 -46.55 -4.35
CA SER B 19 -4.48 -45.22 -4.42
C SER B 19 -3.77 -44.77 -3.15
N LEU B 20 -2.75 -43.94 -3.29
CA LEU B 20 -2.03 -43.41 -2.13
C LEU B 20 -2.08 -41.89 -2.09
N GLY B 21 -1.97 -41.26 -3.24
CA GLY B 21 -2.03 -39.81 -3.36
C GLY B 21 -3.09 -39.37 -4.37
N SER B 22 -2.91 -38.20 -4.95
CA SER B 22 -3.79 -37.72 -6.01
C SER B 22 -3.35 -38.44 -7.29
N ARG B 23 -4.23 -38.63 -8.26
CA ARG B 23 -3.96 -39.54 -9.39
C ARG B 23 -4.40 -39.10 -10.76
N SER B 24 -3.80 -39.70 -11.77
CA SER B 24 -4.24 -39.61 -13.17
C SER B 24 -4.19 -41.01 -13.74
N VAL B 25 -5.33 -41.69 -13.72
CA VAL B 25 -5.44 -43.02 -14.29
C VAL B 25 -5.64 -42.81 -15.78
N ILE B 26 -4.92 -43.59 -16.57
CA ILE B 26 -5.07 -43.62 -18.02
C ILE B 26 -5.61 -45.03 -18.27
N TRP B 27 -6.51 -45.20 -19.23
CA TRP B 27 -7.02 -46.52 -19.59
C TRP B 27 -6.82 -46.78 -21.08
N TYR B 28 -6.55 -48.04 -21.41
CA TYR B 28 -6.33 -48.46 -22.78
C TYR B 28 -7.12 -49.74 -23.05
N GLN B 29 -7.53 -49.95 -24.29
CA GLN B 29 -8.26 -51.13 -24.74
C GLN B 29 -7.37 -51.78 -25.79
N GLN B 30 -7.33 -53.09 -25.85
CA GLN B 30 -6.68 -53.81 -26.94
C GLN B 30 -7.61 -54.87 -27.50
N ARG B 31 -8.06 -54.65 -28.73
CA ARG B 31 -8.89 -55.64 -29.43
C ARG B 31 -7.97 -56.77 -29.90
N PRO B 32 -8.51 -58.00 -30.04
CA PRO B 32 -7.61 -59.08 -30.47
C PRO B 32 -6.95 -58.82 -31.81
N GLY B 33 -5.65 -59.07 -31.86
CA GLY B 33 -4.88 -58.87 -33.07
C GLY B 33 -4.42 -57.44 -33.29
N GLN B 34 -4.79 -56.52 -32.41
CA GLN B 34 -4.60 -55.08 -32.62
C GLN B 34 -3.67 -54.43 -31.58
N ALA B 35 -3.18 -53.23 -31.84
CA ALA B 35 -2.33 -52.51 -30.89
C ALA B 35 -3.16 -51.93 -29.73
N PRO B 36 -2.56 -51.75 -28.53
CA PRO B 36 -3.35 -51.06 -27.50
C PRO B 36 -3.68 -49.62 -27.90
N SER B 37 -4.88 -49.17 -27.52
CA SER B 37 -5.40 -47.86 -27.92
C SER B 37 -6.10 -47.20 -26.74
N LEU B 38 -5.95 -45.89 -26.61
CA LEU B 38 -6.48 -45.10 -25.50
C LEU B 38 -8.01 -45.08 -25.38
N ILE B 39 -8.52 -45.20 -24.17
CA ILE B 39 -9.96 -45.02 -23.89
C ILE B 39 -10.17 -43.68 -23.21
N ILE B 40 -9.36 -43.45 -22.17
CA ILE B 40 -9.57 -42.38 -21.21
C ILE B 40 -8.17 -42.00 -20.78
N TYR B 41 -7.95 -40.73 -20.50
CA TYR B 41 -6.75 -40.26 -19.82
C TYR B 41 -7.29 -39.32 -18.77
N ASN B 42 -6.45 -38.92 -17.82
CA ASN B 42 -6.84 -37.96 -16.77
C ASN B 42 -8.11 -38.37 -16.03
N ASN B 43 -8.20 -39.65 -15.71
CA ASN B 43 -9.32 -40.30 -15.02
C ASN B 43 -10.67 -40.39 -15.75
N ASN B 44 -11.11 -39.36 -16.46
CA ASN B 44 -12.39 -39.43 -17.16
C ASN B 44 -12.48 -38.48 -18.36
N ASP B 45 -11.36 -38.20 -19.02
CA ASP B 45 -11.37 -37.38 -20.25
C ASP B 45 -11.10 -38.35 -21.39
N ARG B 46 -11.93 -38.31 -22.41
CA ARG B 46 -11.88 -39.27 -23.53
C ARG B 46 -11.37 -38.59 -24.80
N PRO B 47 -10.52 -39.26 -25.59
CA PRO B 47 -10.16 -38.65 -26.89
C PRO B 47 -11.32 -38.73 -27.87
N SER B 48 -11.18 -38.03 -29.00
CA SER B 48 -12.22 -38.01 -30.02
C SER B 48 -12.48 -39.40 -30.58
N GLY B 49 -13.74 -39.83 -30.55
CA GLY B 49 -14.14 -41.13 -31.08
C GLY B 49 -14.50 -42.18 -30.06
N ILE B 50 -14.29 -41.93 -28.77
CA ILE B 50 -14.70 -42.89 -27.72
C ILE B 50 -16.09 -42.48 -27.23
N PRO B 51 -17.07 -43.41 -27.21
CA PRO B 51 -18.37 -42.95 -26.75
C PRO B 51 -18.42 -42.73 -25.24
N ASP B 52 -19.40 -41.93 -24.81
CA ASP B 52 -19.60 -41.61 -23.39
C ASP B 52 -20.15 -42.78 -22.56
N ARG B 53 -20.28 -43.94 -23.20
CA ARG B 53 -20.59 -45.19 -22.50
C ARG B 53 -19.44 -45.62 -21.60
N PHE B 54 -18.22 -45.31 -21.98
CA PHE B 54 -17.06 -45.63 -21.15
C PHE B 54 -16.91 -44.47 -20.18
N SER B 55 -16.69 -44.75 -18.91
CA SER B 55 -16.42 -43.70 -17.92
C SER B 55 -15.43 -44.30 -16.93
N GLY B 56 -14.65 -43.48 -16.26
CA GLY B 56 -13.68 -43.98 -15.31
C GLY B 56 -13.90 -43.36 -13.95
N SER B 57 -13.54 -44.06 -12.89
CA SER B 57 -13.67 -43.53 -11.54
C SER B 57 -12.64 -42.41 -11.42
N PRO B 58 -12.97 -41.33 -10.68
CA PRO B 58 -12.00 -40.25 -10.55
C PRO B 58 -10.76 -40.65 -9.76
N GLY B 59 -9.78 -39.77 -9.74
CA GLY B 59 -8.60 -39.96 -8.91
C GLY B 59 -8.84 -39.52 -7.48
N SER B 60 -10.06 -39.66 -7.00
CA SER B 60 -10.52 -39.03 -5.77
C SER B 60 -10.02 -39.65 -4.47
N THR B 61 -10.68 -40.69 -3.98
CA THR B 61 -10.54 -41.17 -2.61
C THR B 61 -9.29 -42.04 -2.41
N PHE B 62 -8.52 -41.76 -1.36
CA PHE B 62 -7.32 -42.54 -1.05
C PHE B 62 -7.70 -43.95 -0.61
N GLY B 63 -6.90 -44.94 -0.99
CA GLY B 63 -7.18 -46.32 -0.62
C GLY B 63 -8.32 -46.96 -1.38
N THR B 64 -8.54 -46.55 -2.62
CA THR B 64 -9.54 -47.19 -3.50
C THR B 64 -8.84 -47.54 -4.79
N THR B 65 -9.35 -48.49 -5.56
CA THR B 65 -8.73 -48.88 -6.83
C THR B 65 -9.44 -48.21 -7.99
N ALA B 66 -8.72 -48.05 -9.08
CA ALA B 66 -9.25 -47.49 -10.31
C ALA B 66 -10.29 -48.46 -10.86
N THR B 67 -11.36 -47.92 -11.42
CA THR B 67 -12.40 -48.71 -12.07
C THR B 67 -12.79 -48.03 -13.39
N LEU B 68 -12.86 -48.80 -14.46
CA LEU B 68 -13.43 -48.38 -15.73
C LEU B 68 -14.83 -48.97 -15.69
N THR B 69 -15.83 -48.20 -16.05
CA THR B 69 -17.20 -48.68 -16.13
C THR B 69 -17.55 -48.54 -17.60
N ILE B 70 -18.25 -49.52 -18.14
CA ILE B 70 -18.68 -49.49 -19.54
C ILE B 70 -20.17 -49.80 -19.47
N THR B 71 -21.01 -48.86 -19.85
CA THR B 71 -22.45 -49.08 -19.83
C THR B 71 -22.86 -49.54 -21.23
N SER B 72 -24.01 -50.20 -21.29
CA SER B 72 -24.62 -50.66 -22.54
C SER B 72 -23.64 -51.40 -23.45
N VAL B 73 -22.93 -52.36 -22.89
CA VAL B 73 -21.85 -53.07 -23.58
C VAL B 73 -22.37 -53.78 -24.83
N GLU B 74 -21.60 -53.74 -25.90
CA GLU B 74 -21.95 -54.40 -27.16
C GLU B 74 -20.82 -55.37 -27.51
N ALA B 75 -21.08 -56.28 -28.45
CA ALA B 75 -20.10 -57.28 -28.86
C ALA B 75 -18.76 -56.69 -29.34
N GLY B 76 -18.78 -55.48 -29.89
CA GLY B 76 -17.57 -54.80 -30.31
C GLY B 76 -16.71 -54.27 -29.18
N ASP B 77 -17.12 -54.49 -27.94
CA ASP B 77 -16.34 -54.10 -26.76
C ASP B 77 -15.64 -55.32 -26.15
N GLU B 78 -15.76 -56.46 -26.80
CA GLU B 78 -15.08 -57.68 -26.36
C GLU B 78 -13.56 -57.59 -26.61
N ALA B 79 -12.80 -57.19 -25.59
CA ALA B 79 -11.40 -56.81 -25.75
C ALA B 79 -10.65 -56.99 -24.43
N ASP B 80 -9.33 -56.84 -24.47
CA ASP B 80 -8.51 -56.73 -23.26
C ASP B 80 -8.49 -55.27 -22.84
N TYR B 81 -8.44 -55.01 -21.54
CA TYR B 81 -8.39 -53.64 -21.01
C TYR B 81 -7.25 -53.50 -20.02
N TYR B 82 -6.50 -52.42 -20.17
CA TYR B 82 -5.30 -52.16 -19.37
C TYR B 82 -5.44 -50.75 -18.78
N CYS B 83 -4.65 -50.44 -17.78
CA CYS B 83 -4.61 -49.10 -17.21
C CYS B 83 -3.15 -48.73 -17.01
N HIS B 84 -2.89 -47.47 -16.73
CA HIS B 84 -1.55 -46.98 -16.42
C HIS B 84 -1.82 -45.95 -15.32
N ILE B 85 -1.22 -46.15 -14.15
CA ILE B 85 -1.57 -45.34 -12.98
C ILE B 85 -0.46 -44.31 -12.76
N TRP B 86 -0.84 -43.04 -12.74
CA TRP B 86 0.02 -41.99 -12.23
C TRP B 86 -0.54 -41.63 -10.87
N ASP B 87 0.31 -41.51 -9.87
CA ASP B 87 -0.08 -41.18 -8.50
C ASP B 87 0.98 -40.22 -7.99
N SER B 88 0.57 -39.17 -7.28
CA SER B 88 1.47 -38.14 -6.79
C SER B 88 2.47 -38.67 -5.76
N ARG B 89 2.11 -39.72 -5.04
CA ARG B 89 2.95 -40.35 -4.01
C ARG B 89 3.65 -41.64 -4.45
N ARG B 90 3.45 -42.06 -5.69
CA ARG B 90 4.16 -43.22 -6.25
C ARG B 90 5.05 -42.81 -7.44
N PRO B 91 6.11 -43.59 -7.73
CA PRO B 91 6.90 -43.28 -8.94
C PRO B 91 6.12 -43.47 -10.24
N THR B 92 6.72 -43.05 -11.35
CA THR B 92 6.22 -43.37 -12.68
C THR B 92 6.22 -44.89 -12.81
N ASN B 93 5.12 -45.47 -13.29
CA ASN B 93 5.06 -46.91 -13.49
C ASN B 93 5.42 -47.18 -14.95
N TRP B 94 6.40 -48.05 -15.20
CA TRP B 94 6.85 -48.34 -16.57
C TRP B 94 6.29 -49.66 -17.05
N VAL B 95 5.35 -50.23 -16.32
CA VAL B 95 4.64 -51.43 -16.77
C VAL B 95 3.17 -51.04 -16.57
N PHE B 96 2.30 -51.47 -17.46
CA PHE B 96 0.89 -51.16 -17.36
C PHE B 96 0.30 -52.00 -16.22
N GLY B 97 -0.94 -51.71 -15.85
CA GLY B 97 -1.68 -52.57 -14.94
C GLY B 97 -2.06 -53.85 -15.66
N GLU B 98 -2.33 -54.89 -14.91
CA GLU B 98 -2.61 -56.22 -15.45
C GLU B 98 -3.93 -56.23 -16.21
N GLY B 99 -3.95 -56.88 -17.36
CA GLY B 99 -5.08 -56.76 -18.25
C GLY B 99 -6.29 -57.59 -17.88
N THR B 100 -7.46 -56.97 -18.03
CA THR B 100 -8.71 -57.65 -17.76
C THR B 100 -9.38 -57.90 -19.10
N THR B 101 -9.69 -59.16 -19.36
CA THR B 101 -10.29 -59.55 -20.63
C THR B 101 -11.80 -59.54 -20.49
N LEU B 102 -12.47 -58.69 -21.26
CA LEU B 102 -13.93 -58.60 -21.24
C LEU B 102 -14.49 -59.54 -22.28
N ILE B 103 -15.31 -60.48 -21.83
CA ILE B 103 -15.96 -61.47 -22.68
C ILE B 103 -17.40 -60.98 -22.77
N VAL B 104 -17.97 -60.90 -23.97
CA VAL B 104 -19.35 -60.44 -24.11
C VAL B 104 -20.18 -61.66 -24.51
N LEU B 105 -21.09 -62.05 -23.63
CA LEU B 105 -21.76 -63.35 -23.73
C LEU B 105 -23.02 -63.32 -24.57
N SER B 106 -22.83 -63.19 -25.88
CA SER B 106 -23.93 -63.10 -26.83
C SER B 106 -24.66 -64.42 -27.00
N GLN B 107 -23.90 -65.48 -27.18
CA GLN B 107 -24.42 -66.82 -27.50
C GLN B 107 -24.09 -67.79 -26.35
N PRO B 108 -25.07 -68.53 -25.82
CA PRO B 108 -24.74 -69.43 -24.71
C PRO B 108 -24.31 -70.85 -25.12
N LYS B 109 -23.89 -71.65 -24.14
CA LYS B 109 -24.07 -73.12 -24.08
C LYS B 109 -23.44 -74.13 -25.03
N ALA B 110 -22.84 -73.76 -26.15
CA ALA B 110 -22.30 -74.76 -27.07
C ALA B 110 -21.17 -75.57 -26.40
N ALA B 111 -21.44 -76.85 -26.20
CA ALA B 111 -20.56 -77.73 -25.43
C ALA B 111 -19.46 -78.29 -26.34
N PRO B 112 -18.31 -78.71 -25.79
CA PRO B 112 -17.30 -79.26 -26.70
C PRO B 112 -17.61 -80.65 -27.29
N SER B 113 -16.88 -80.95 -28.34
CA SER B 113 -16.67 -82.30 -28.84
C SER B 113 -15.22 -82.65 -28.49
N VAL B 114 -14.98 -83.75 -27.79
CA VAL B 114 -13.63 -84.14 -27.38
C VAL B 114 -13.25 -85.49 -28.00
N THR B 115 -12.03 -85.57 -28.53
CA THR B 115 -11.44 -86.77 -29.11
C THR B 115 -10.12 -87.02 -28.39
N LEU B 116 -9.86 -88.24 -27.95
CA LEU B 116 -8.59 -88.59 -27.30
C LEU B 116 -7.94 -89.78 -28.02
N PHE B 117 -6.65 -89.67 -28.32
CA PHE B 117 -5.89 -90.74 -28.98
C PHE B 117 -4.81 -91.36 -28.09
N PRO B 118 -4.54 -92.67 -28.22
CA PRO B 118 -3.32 -93.24 -27.62
C PRO B 118 -2.09 -92.91 -28.48
N PRO B 119 -0.85 -93.17 -28.01
CA PRO B 119 0.29 -92.89 -28.90
C PRO B 119 0.33 -93.78 -30.14
N SER B 120 0.94 -93.31 -31.21
CA SER B 120 1.05 -94.11 -32.44
C SER B 120 2.03 -95.24 -32.24
N SER B 121 1.88 -96.31 -32.99
CA SER B 121 2.82 -97.42 -32.89
C SER B 121 4.18 -96.92 -33.38
N GLU B 122 4.20 -95.99 -34.31
CA GLU B 122 5.46 -95.41 -34.78
C GLU B 122 6.20 -94.64 -33.69
N GLU B 123 5.46 -93.97 -32.81
CA GLU B 123 6.08 -93.23 -31.72
C GLU B 123 6.58 -94.18 -30.64
N LEU B 124 5.84 -95.26 -30.38
CA LEU B 124 6.30 -96.24 -29.40
C LEU B 124 7.54 -96.95 -29.94
N GLN B 125 7.62 -97.14 -31.25
CA GLN B 125 8.80 -97.67 -31.94
C GLN B 125 9.94 -96.65 -32.07
N ALA B 126 9.69 -95.43 -31.61
CA ALA B 126 10.69 -94.37 -31.52
C ALA B 126 11.08 -94.15 -30.05
N ASN B 127 10.60 -95.04 -29.16
CA ASN B 127 10.85 -95.01 -27.72
C ASN B 127 10.28 -93.75 -27.05
N LYS B 128 9.16 -93.26 -27.57
CA LYS B 128 8.52 -92.00 -27.14
C LYS B 128 7.03 -92.26 -26.95
N ALA B 129 6.31 -91.31 -26.36
CA ALA B 129 4.84 -91.37 -26.28
C ALA B 129 4.21 -89.97 -26.13
N THR B 130 3.12 -89.74 -26.84
CA THR B 130 2.25 -88.57 -26.63
C THR B 130 0.79 -89.01 -26.63
N LEU B 131 0.02 -88.65 -25.61
CA LEU B 131 -1.42 -88.78 -25.66
C LEU B 131 -1.92 -87.46 -26.21
N VAL B 132 -2.86 -87.50 -27.16
CA VAL B 132 -3.32 -86.28 -27.83
C VAL B 132 -4.81 -86.13 -27.53
N CYS B 133 -5.22 -85.01 -26.96
CA CYS B 133 -6.61 -84.75 -26.58
C CYS B 133 -7.06 -83.49 -27.34
N LEU B 134 -8.06 -83.60 -28.18
CA LEU B 134 -8.46 -82.53 -29.11
C LEU B 134 -9.88 -82.12 -28.81
N ILE B 135 -10.12 -80.81 -28.79
CA ILE B 135 -11.36 -80.24 -28.25
C ILE B 135 -11.89 -79.28 -29.32
N SER B 136 -13.15 -79.36 -29.72
CA SER B 136 -13.66 -78.51 -30.79
C SER B 136 -15.12 -78.14 -30.60
N ASP B 137 -15.62 -77.26 -31.46
CA ASP B 137 -17.05 -76.95 -31.63
C ASP B 137 -17.78 -76.33 -30.43
N PHE B 138 -17.06 -75.69 -29.52
CA PHE B 138 -17.64 -75.05 -28.33
C PHE B 138 -17.71 -73.53 -28.38
N TYR B 139 -18.55 -72.94 -27.53
CA TYR B 139 -18.66 -71.49 -27.34
C TYR B 139 -19.28 -71.30 -25.95
N PRO B 140 -18.84 -70.33 -25.13
CA PRO B 140 -17.77 -69.33 -25.29
C PRO B 140 -16.39 -69.96 -25.25
N GLY B 141 -15.39 -69.17 -25.61
CA GLY B 141 -14.01 -69.63 -25.67
C GLY B 141 -13.30 -69.62 -24.33
N ALA B 142 -13.67 -70.55 -23.46
CA ALA B 142 -13.04 -70.68 -22.16
C ALA B 142 -13.12 -72.15 -21.77
N VAL B 143 -12.00 -72.85 -21.76
CA VAL B 143 -11.94 -74.25 -21.31
C VAL B 143 -10.75 -74.38 -20.35
N THR B 144 -10.79 -75.37 -19.47
CA THR B 144 -9.62 -75.76 -18.68
C THR B 144 -9.47 -77.27 -18.81
N VAL B 145 -8.23 -77.71 -18.93
CA VAL B 145 -7.91 -79.11 -19.23
C VAL B 145 -6.95 -79.66 -18.18
N ALA B 146 -7.22 -80.86 -17.71
CA ALA B 146 -6.43 -81.52 -16.67
C ALA B 146 -6.36 -83.01 -17.06
N TRP B 147 -5.35 -83.72 -16.59
CA TRP B 147 -5.18 -85.13 -16.93
C TRP B 147 -5.00 -85.99 -15.68
N LYS B 148 -5.29 -87.28 -15.79
CA LYS B 148 -5.08 -88.23 -14.68
C LYS B 148 -4.38 -89.49 -15.17
N ALA B 149 -3.60 -90.10 -14.30
CA ALA B 149 -2.90 -91.35 -14.53
C ALA B 149 -3.47 -92.33 -13.51
N ASP B 150 -4.30 -93.24 -14.00
CA ASP B 150 -5.37 -93.85 -13.22
C ASP B 150 -6.16 -92.72 -12.57
N SER B 151 -6.26 -92.62 -11.25
CA SER B 151 -7.01 -91.52 -10.62
C SER B 151 -6.11 -90.39 -10.13
N SER B 152 -4.81 -90.55 -10.21
CA SER B 152 -3.86 -89.54 -9.71
C SER B 152 -3.74 -88.39 -10.70
N PRO B 153 -3.91 -87.13 -10.26
CA PRO B 153 -3.69 -86.05 -11.23
C PRO B 153 -2.27 -86.02 -11.80
N VAL B 154 -2.13 -85.64 -13.07
CA VAL B 154 -0.83 -85.55 -13.72
C VAL B 154 -0.28 -84.15 -13.54
N LYS B 155 0.95 -84.07 -13.04
CA LYS B 155 1.59 -82.80 -12.69
C LYS B 155 2.61 -82.33 -13.71
N ALA B 156 3.15 -83.26 -14.48
CA ALA B 156 4.23 -82.99 -15.43
C ALA B 156 3.92 -83.50 -16.83
N GLY B 157 4.38 -82.75 -17.83
CA GLY B 157 4.26 -83.15 -19.22
C GLY B 157 2.99 -82.71 -19.95
N VAL B 158 2.07 -82.02 -19.28
CA VAL B 158 0.84 -81.57 -19.93
C VAL B 158 1.10 -80.25 -20.65
N GLU B 159 0.70 -80.19 -21.91
CA GLU B 159 0.89 -79.02 -22.77
C GLU B 159 -0.45 -78.69 -23.43
N THR B 160 -0.88 -77.44 -23.44
CA THR B 160 -2.23 -77.08 -23.92
C THR B 160 -2.27 -75.74 -24.67
N THR B 161 -3.01 -75.68 -25.77
CA THR B 161 -3.16 -74.47 -26.57
C THR B 161 -4.15 -73.49 -25.91
N THR B 162 -4.23 -72.26 -26.41
CA THR B 162 -5.30 -71.33 -26.00
C THR B 162 -6.45 -71.57 -26.99
N PRO B 163 -7.71 -71.62 -26.55
CA PRO B 163 -8.70 -71.91 -27.60
C PRO B 163 -8.85 -70.76 -28.61
N SER B 164 -8.97 -71.11 -29.89
CA SER B 164 -9.00 -70.13 -30.97
C SER B 164 -9.77 -70.68 -32.17
N LYS B 170 -10.42 -69.80 -32.90
CA LYS B 170 -11.85 -69.54 -32.69
C LYS B 170 -12.79 -70.58 -33.30
N TYR B 171 -13.38 -71.48 -32.52
CA TYR B 171 -12.91 -71.97 -31.20
C TYR B 171 -12.74 -73.49 -31.19
N ALA B 172 -11.49 -73.91 -31.11
CA ALA B 172 -11.12 -75.30 -30.91
C ALA B 172 -9.78 -75.21 -30.17
N ALA B 173 -9.35 -76.31 -29.58
CA ALA B 173 -8.15 -76.36 -28.74
C ALA B 173 -7.55 -77.76 -28.79
N SER B 174 -6.36 -77.90 -28.25
CA SER B 174 -5.70 -79.20 -28.11
C SER B 174 -4.99 -79.22 -26.78
N SER B 175 -4.75 -80.42 -26.28
CA SER B 175 -3.91 -80.66 -25.13
C SER B 175 -3.16 -81.95 -25.42
N TYR B 176 -1.97 -82.07 -24.86
CA TYR B 176 -1.09 -83.19 -25.13
C TYR B 176 -0.55 -83.60 -23.77
N LEU B 177 -0.19 -84.87 -23.63
CA LEU B 177 0.52 -85.36 -22.45
C LEU B 177 1.70 -86.23 -22.88
N SER B 178 2.90 -85.71 -22.62
CA SER B 178 4.13 -86.45 -22.89
C SER B 178 4.38 -87.53 -21.84
N LEU B 179 4.56 -88.75 -22.30
CA LEU B 179 4.80 -89.91 -21.45
C LEU B 179 6.04 -90.60 -21.99
N THR B 180 6.56 -91.58 -21.27
CA THR B 180 7.45 -92.56 -21.88
C THR B 180 6.54 -93.75 -22.17
N PRO B 181 6.90 -94.64 -23.11
CA PRO B 181 6.10 -95.85 -23.24
C PRO B 181 5.93 -96.67 -21.95
N GLU B 182 6.91 -96.72 -21.07
CA GLU B 182 6.73 -97.43 -19.80
C GLU B 182 5.67 -96.76 -18.92
N GLN B 183 5.68 -95.44 -18.82
CA GLN B 183 4.70 -94.73 -17.98
C GLN B 183 3.29 -94.92 -18.53
N TRP B 184 3.19 -94.97 -19.84
CA TRP B 184 1.92 -95.27 -20.51
C TRP B 184 1.43 -96.65 -20.12
N LYS B 185 2.26 -97.67 -20.31
CA LYS B 185 1.87 -99.06 -20.05
C LYS B 185 1.68 -99.44 -18.59
N SER B 186 2.30 -98.71 -17.68
CA SER B 186 2.25 -99.06 -16.25
C SER B 186 0.89 -98.83 -15.60
N HIS B 187 0.15 -97.83 -16.05
CA HIS B 187 -1.18 -97.51 -15.49
C HIS B 187 -2.23 -98.31 -16.23
N LYS B 188 -3.38 -98.55 -15.62
CA LYS B 188 -4.45 -99.31 -16.27
C LYS B 188 -5.03 -98.46 -17.39
N SER B 189 -5.07 -97.15 -17.16
CA SER B 189 -5.56 -96.17 -18.14
C SER B 189 -5.14 -94.75 -17.74
N TYR B 190 -5.44 -93.80 -18.60
CA TYR B 190 -5.26 -92.37 -18.36
C TYR B 190 -6.54 -91.65 -18.75
N SER B 191 -6.80 -90.51 -18.14
CA SER B 191 -7.96 -89.68 -18.46
C SER B 191 -7.54 -88.30 -18.93
N CYS B 192 -8.35 -87.70 -19.79
CA CYS B 192 -8.24 -86.29 -20.18
C CYS B 192 -9.57 -85.70 -19.73
N GLN B 193 -9.54 -84.68 -18.87
CA GLN B 193 -10.75 -84.01 -18.40
C GLN B 193 -10.80 -82.63 -19.00
N VAL B 194 -11.97 -82.21 -19.47
CA VAL B 194 -12.16 -80.88 -20.05
C VAL B 194 -13.37 -80.24 -19.37
N THR B 195 -13.20 -79.10 -18.75
CA THR B 195 -14.29 -78.41 -18.06
C THR B 195 -14.70 -77.22 -18.92
N HIS B 196 -16.00 -77.11 -19.18
CA HIS B 196 -16.57 -76.01 -19.95
C HIS B 196 -17.90 -75.60 -19.34
N GLU B 197 -18.00 -74.33 -18.97
CA GLU B 197 -19.23 -73.67 -18.52
C GLU B 197 -20.02 -74.47 -17.48
N GLY B 198 -19.32 -74.81 -16.41
CA GLY B 198 -19.93 -75.44 -15.25
C GLY B 198 -20.05 -76.94 -15.25
N SER B 199 -19.56 -77.62 -16.29
CA SER B 199 -19.62 -79.07 -16.36
C SER B 199 -18.31 -79.60 -16.96
N THR B 200 -18.00 -80.85 -16.65
CA THR B 200 -16.76 -81.50 -17.07
C THR B 200 -17.02 -82.78 -17.85
N VAL B 201 -16.35 -82.92 -18.97
CA VAL B 201 -16.36 -84.13 -19.80
C VAL B 201 -15.04 -84.86 -19.51
N GLU B 202 -15.10 -86.16 -19.27
CA GLU B 202 -13.90 -86.98 -19.14
C GLU B 202 -13.85 -88.02 -20.26
N LYS B 203 -12.72 -88.09 -20.94
CA LYS B 203 -12.47 -89.11 -21.97
C LYS B 203 -11.33 -89.94 -21.41
N THR B 204 -11.36 -91.24 -21.65
CA THR B 204 -10.33 -92.16 -21.13
C THR B 204 -9.70 -92.95 -22.25
N VAL B 205 -8.45 -93.35 -22.05
CA VAL B 205 -7.75 -94.19 -23.01
C VAL B 205 -6.87 -95.14 -22.20
N ALA B 206 -6.83 -96.40 -22.62
CA ALA B 206 -6.08 -97.44 -21.91
C ALA B 206 -5.06 -98.08 -22.85
N PRO B 207 -3.90 -98.54 -22.32
CA PRO B 207 -2.99 -99.35 -23.15
C PRO B 207 -3.64 -100.64 -23.63
N GLN C 1 -4.18 -37.63 -41.39
CA GLN C 1 -4.10 -38.51 -40.20
C GLN C 1 -2.64 -38.83 -39.88
N VAL C 2 -2.25 -38.76 -38.61
CA VAL C 2 -0.90 -39.16 -38.21
C VAL C 2 -0.82 -40.68 -38.37
N HIS C 3 0.25 -41.15 -38.99
CA HIS C 3 0.46 -42.58 -39.23
C HIS C 3 1.86 -42.95 -38.79
N LEU C 4 1.97 -44.05 -38.06
CA LEU C 4 3.23 -44.55 -37.53
C LEU C 4 3.41 -45.98 -38.04
N GLN C 5 4.61 -46.37 -38.44
CA GLN C 5 4.86 -47.75 -38.84
C GLN C 5 6.26 -48.22 -38.42
N GLU C 6 6.26 -49.21 -37.55
CA GLU C 6 7.46 -49.85 -37.02
C GLU C 6 7.98 -50.94 -37.96
N SER C 7 9.28 -51.15 -37.97
CA SER C 7 9.92 -52.22 -38.73
C SER C 7 11.12 -52.71 -37.92
N GLY C 8 11.57 -53.92 -38.23
CA GLY C 8 12.69 -54.54 -37.53
C GLY C 8 13.12 -55.87 -38.15
N PRO C 9 14.13 -56.56 -37.60
CA PRO C 9 14.63 -57.80 -38.20
C PRO C 9 13.77 -59.07 -38.06
N GLY C 10 12.89 -59.08 -37.06
CA GLY C 10 12.02 -60.22 -36.78
C GLY C 10 12.60 -61.26 -35.83
N LEU C 11 13.81 -61.72 -36.11
CA LEU C 11 14.50 -62.71 -35.30
C LEU C 11 15.84 -62.11 -34.89
N VAL C 12 16.20 -62.22 -33.62
CA VAL C 12 17.46 -61.71 -33.07
C VAL C 12 18.08 -62.88 -32.29
N LYS C 13 19.39 -62.89 -32.10
CA LYS C 13 20.08 -63.96 -31.37
C LYS C 13 20.47 -63.36 -30.01
N PRO C 14 20.72 -64.20 -28.98
CA PRO C 14 20.99 -63.53 -27.69
C PRO C 14 22.26 -62.69 -27.70
N SER C 15 22.31 -61.71 -26.81
CA SER C 15 23.39 -60.74 -26.60
C SER C 15 23.63 -59.77 -27.76
N GLU C 16 22.88 -59.90 -28.83
CA GLU C 16 22.96 -58.97 -29.96
C GLU C 16 22.15 -57.71 -29.65
N THR C 17 22.27 -56.71 -30.51
CA THR C 17 21.53 -55.46 -30.35
C THR C 17 20.28 -55.53 -31.21
N LEU C 18 19.12 -55.43 -30.59
CA LEU C 18 17.86 -55.26 -31.31
C LEU C 18 17.89 -53.83 -31.81
N SER C 19 17.49 -53.60 -33.05
CA SER C 19 17.34 -52.25 -33.58
C SER C 19 16.02 -52.20 -34.33
N LEU C 20 15.25 -51.15 -34.08
CA LEU C 20 13.96 -50.93 -34.72
C LEU C 20 13.90 -49.50 -35.24
N THR C 21 13.04 -49.28 -36.23
CA THR C 21 12.80 -47.95 -36.77
C THR C 21 11.29 -47.74 -36.77
N CYS C 22 10.82 -46.52 -36.57
CA CYS C 22 9.41 -46.16 -36.63
C CYS C 22 9.30 -44.96 -37.57
N ASN C 23 8.78 -45.19 -38.77
CA ASN C 23 8.63 -44.13 -39.76
C ASN C 23 7.35 -43.37 -39.44
N VAL C 24 7.37 -42.06 -39.54
CA VAL C 24 6.26 -41.21 -39.10
C VAL C 24 5.82 -40.36 -40.28
N SER C 25 4.52 -40.15 -40.43
CA SER C 25 3.98 -39.21 -41.40
C SER C 25 2.75 -38.58 -40.75
N GLY C 26 2.31 -37.43 -41.24
CA GLY C 26 1.16 -36.73 -40.70
C GLY C 26 1.47 -35.75 -39.59
N THR C 27 2.68 -35.82 -39.08
CA THR C 27 3.23 -34.90 -38.08
C THR C 27 4.74 -34.95 -38.29
N LEU C 28 5.46 -33.98 -37.75
CA LEU C 28 6.92 -33.97 -37.76
C LEU C 28 7.41 -34.38 -36.38
N VAL C 29 8.40 -35.25 -36.31
CA VAL C 29 8.82 -35.82 -35.02
C VAL C 29 9.29 -34.78 -33.98
N ARG C 30 9.80 -33.63 -34.39
CA ARG C 30 10.17 -32.60 -33.41
C ARG C 30 9.01 -32.06 -32.58
N ASP C 31 7.81 -32.06 -33.14
CA ASP C 31 6.63 -31.43 -32.54
C ASP C 31 5.94 -32.31 -31.51
N ASN C 32 6.43 -33.52 -31.33
CA ASN C 32 5.79 -34.53 -30.46
C ASN C 32 6.74 -35.25 -29.52
N TYR C 33 6.21 -35.73 -28.40
CA TYR C 33 6.90 -36.71 -27.57
C TYR C 33 6.66 -38.06 -28.22
N TRP C 34 7.65 -38.93 -28.13
CA TRP C 34 7.54 -40.26 -28.69
C TRP C 34 7.89 -41.25 -27.61
N SER C 35 7.22 -42.40 -27.61
CA SER C 35 7.57 -43.47 -26.71
C SER C 35 7.73 -44.72 -27.53
N TRP C 36 8.54 -45.62 -26.99
CA TRP C 36 8.56 -46.99 -27.45
C TRP C 36 7.95 -47.73 -26.27
N ILE C 37 7.15 -48.73 -26.58
CA ILE C 37 6.35 -49.48 -25.62
C ILE C 37 6.51 -50.87 -26.23
N ARG C 38 6.34 -51.94 -25.48
CA ARG C 38 6.36 -53.29 -26.03
C ARG C 38 5.40 -54.11 -25.21
N GLN C 39 4.93 -55.22 -25.73
CA GLN C 39 4.05 -56.11 -24.98
C GLN C 39 4.45 -57.56 -25.25
N PRO C 40 4.99 -58.27 -24.23
CA PRO C 40 5.21 -59.71 -24.43
C PRO C 40 3.92 -60.49 -24.61
N LEU C 41 4.00 -61.68 -25.20
CA LEU C 41 2.82 -62.49 -25.48
C LEU C 41 2.10 -62.89 -24.20
N GLY C 42 0.82 -62.54 -24.10
CA GLY C 42 0.01 -62.88 -22.95
C GLY C 42 0.25 -62.00 -21.73
N LYS C 43 1.07 -60.96 -21.88
CA LYS C 43 1.40 -60.06 -20.77
C LYS C 43 0.85 -58.68 -21.03
N GLN C 44 0.83 -57.84 -20.01
CA GLN C 44 0.39 -56.45 -20.15
C GLN C 44 1.51 -55.63 -20.80
N PRO C 45 1.19 -54.50 -21.46
CA PRO C 45 2.30 -53.73 -22.02
C PRO C 45 3.31 -53.16 -21.01
N GLU C 46 4.47 -52.84 -21.53
CA GLU C 46 5.58 -52.26 -20.78
C GLU C 46 6.09 -51.05 -21.56
N TRP C 47 6.34 -49.95 -20.87
CA TRP C 47 6.82 -48.72 -21.45
C TRP C 47 8.35 -48.80 -21.44
N ILE C 48 8.98 -48.53 -22.56
CA ILE C 48 10.43 -48.65 -22.67
C ILE C 48 11.10 -47.33 -22.30
N GLY C 49 10.54 -46.22 -22.76
CA GLY C 49 11.14 -44.93 -22.53
C GLY C 49 10.34 -43.92 -23.30
N TYR C 50 10.59 -42.63 -23.10
CA TYR C 50 10.04 -41.59 -23.96
C TYR C 50 11.18 -40.65 -24.32
N VAL C 51 11.06 -40.00 -25.47
CA VAL C 51 12.09 -39.15 -26.05
C VAL C 51 11.45 -37.92 -26.69
N HIS C 52 12.16 -36.81 -26.68
CA HIS C 52 11.71 -35.56 -27.27
C HIS C 52 12.98 -34.86 -27.78
N ASP C 53 12.91 -34.10 -28.86
CA ASP C 53 14.10 -33.45 -29.45
C ASP C 53 14.72 -32.40 -28.52
N SER C 54 13.93 -31.91 -27.59
CA SER C 54 14.41 -31.00 -26.55
C SER C 54 15.39 -31.66 -25.58
N GLY C 55 15.39 -32.98 -25.51
CA GLY C 55 16.20 -33.73 -24.56
C GLY C 55 15.40 -34.11 -23.33
N ASP C 56 14.09 -34.03 -23.46
CA ASP C 56 13.13 -34.39 -22.40
C ASP C 56 12.83 -35.88 -22.54
N THR C 57 13.83 -36.63 -22.13
CA THR C 57 13.98 -38.05 -22.47
C THR C 57 14.35 -38.81 -21.21
N ASN C 58 13.60 -39.87 -20.90
CA ASN C 58 13.87 -40.70 -19.72
C ASN C 58 13.46 -42.12 -20.05
N TYR C 59 14.19 -43.10 -19.56
CA TYR C 59 13.91 -44.51 -19.88
C TYR C 59 13.41 -45.29 -18.66
N ASN C 60 12.91 -46.48 -18.93
CA ASN C 60 12.56 -47.46 -17.92
C ASN C 60 13.85 -47.82 -17.16
N PRO C 61 13.89 -47.67 -15.83
CA PRO C 61 15.12 -47.94 -15.08
C PRO C 61 15.70 -49.34 -15.20
N SER C 62 14.89 -50.34 -15.54
CA SER C 62 15.40 -51.71 -15.70
C SER C 62 16.22 -51.87 -16.97
N LEU C 63 15.94 -51.02 -17.96
CA LEU C 63 16.53 -51.11 -19.30
C LEU C 63 17.58 -50.02 -19.53
N LYS C 64 17.83 -49.23 -18.51
CA LYS C 64 18.63 -48.00 -18.66
C LYS C 64 20.04 -48.20 -19.23
N SER C 65 20.74 -49.27 -18.87
CA SER C 65 22.07 -49.53 -19.42
C SER C 65 22.03 -50.16 -20.82
N ARG C 66 20.92 -50.79 -21.17
CA ARG C 66 20.81 -51.47 -22.46
C ARG C 66 20.11 -50.70 -23.57
N VAL C 67 19.20 -49.79 -23.24
CA VAL C 67 18.34 -49.17 -24.25
C VAL C 67 18.71 -47.74 -24.63
N HIS C 68 18.43 -47.39 -25.87
CA HIS C 68 18.59 -46.05 -26.40
C HIS C 68 17.40 -45.74 -27.30
N LEU C 69 16.82 -44.56 -27.18
CA LEU C 69 15.73 -44.11 -28.07
C LEU C 69 16.30 -42.88 -28.73
N SER C 70 15.99 -42.65 -29.99
CA SER C 70 16.53 -41.50 -30.70
C SER C 70 15.55 -41.00 -31.75
N LEU C 71 15.76 -39.77 -32.21
CA LEU C 71 14.92 -39.14 -33.22
C LEU C 71 15.79 -38.66 -34.38
N ASP C 72 15.28 -38.79 -35.59
CA ASP C 72 15.96 -38.29 -36.78
C ASP C 72 14.99 -37.42 -37.57
N LYS C 73 15.13 -36.11 -37.41
CA LYS C 73 14.23 -35.16 -38.07
C LYS C 73 14.42 -35.11 -39.58
N SER C 74 15.63 -35.35 -40.05
CA SER C 74 15.89 -35.31 -41.50
C SER C 74 15.16 -36.43 -42.24
N LYS C 75 15.05 -37.61 -41.64
CA LYS C 75 14.27 -38.71 -42.22
C LYS C 75 12.85 -38.79 -41.63
N ASN C 76 12.58 -37.89 -40.71
CA ASN C 76 11.32 -37.76 -39.97
C ASN C 76 10.85 -39.07 -39.34
N LEU C 77 11.72 -39.65 -38.53
CA LEU C 77 11.47 -40.95 -37.93
C LEU C 77 11.98 -41.04 -36.48
N VAL C 78 11.57 -42.11 -35.80
CA VAL C 78 11.93 -42.39 -34.41
C VAL C 78 12.67 -43.73 -34.48
N SER C 79 13.65 -43.98 -33.63
CA SER C 79 14.39 -45.25 -33.63
C SER C 79 14.60 -45.77 -32.21
N LEU C 80 14.86 -47.07 -32.11
CA LEU C 80 15.13 -47.75 -30.84
C LEU C 80 16.29 -48.71 -31.03
N ARG C 81 17.20 -48.75 -30.08
CA ARG C 81 18.22 -49.80 -30.02
C ARG C 81 18.19 -50.37 -28.60
N LEU C 82 18.30 -51.68 -28.47
CA LEU C 82 18.33 -52.37 -27.17
C LEU C 82 19.44 -53.40 -27.22
N THR C 83 20.52 -53.20 -26.49
CA THR C 83 21.67 -54.11 -26.52
C THR C 83 21.42 -55.33 -25.62
N GLY C 84 22.27 -56.33 -25.75
CA GLY C 84 22.31 -57.42 -24.78
C GLY C 84 21.06 -58.26 -24.63
N VAL C 85 20.29 -58.47 -25.70
CA VAL C 85 18.99 -59.10 -25.54
C VAL C 85 18.97 -60.57 -25.10
N THR C 86 17.87 -60.98 -24.50
CA THR C 86 17.63 -62.39 -24.11
C THR C 86 16.19 -62.70 -24.50
N ALA C 87 15.70 -63.92 -24.32
CA ALA C 87 14.31 -64.26 -24.65
C ALA C 87 13.27 -63.49 -23.81
N ALA C 88 13.70 -62.90 -22.71
CA ALA C 88 12.84 -61.99 -21.95
C ALA C 88 12.50 -60.72 -22.74
N ASP C 89 13.25 -60.43 -23.80
CA ASP C 89 13.02 -59.25 -24.63
C ASP C 89 12.19 -59.56 -25.87
N SER C 90 11.69 -60.78 -25.98
CA SER C 90 10.72 -61.09 -27.03
C SER C 90 9.43 -60.38 -26.65
N ALA C 91 8.87 -59.60 -27.58
CA ALA C 91 7.62 -58.87 -27.40
C ALA C 91 7.22 -58.38 -28.79
N ILE C 92 5.97 -57.95 -28.97
CA ILE C 92 5.66 -57.05 -30.09
C ILE C 92 6.03 -55.69 -29.54
N TYR C 93 6.84 -54.93 -30.27
CA TYR C 93 7.26 -53.60 -29.87
C TYR C 93 6.42 -52.60 -30.65
N TYR C 94 6.05 -51.51 -30.00
CA TYR C 94 5.19 -50.48 -30.56
C TYR C 94 5.87 -49.12 -30.42
N CYS C 95 5.53 -48.23 -31.33
CA CYS C 95 5.96 -46.85 -31.35
C CYS C 95 4.66 -46.09 -31.13
N ALA C 96 4.68 -45.08 -30.28
CA ALA C 96 3.49 -44.28 -30.03
C ALA C 96 3.79 -42.78 -29.92
N THR C 97 2.89 -42.00 -30.49
CA THR C 97 2.86 -40.56 -30.29
C THR C 97 2.37 -40.44 -28.87
N THR C 98 3.10 -39.71 -28.06
CA THR C 98 2.81 -39.63 -26.64
C THR C 98 2.39 -38.20 -26.40
N LYS C 99 1.34 -37.98 -25.63
CA LYS C 99 0.87 -36.65 -25.30
C LYS C 99 1.07 -36.46 -23.82
N HIS C 100 1.54 -35.27 -23.49
CA HIS C 100 1.85 -34.88 -22.13
C HIS C 100 0.62 -34.19 -21.54
N GLY C 101 0.39 -34.30 -20.24
CA GLY C 101 -0.66 -33.56 -19.59
C GLY C 101 -0.29 -33.34 -18.13
N ARG C 102 -1.02 -32.48 -17.43
CA ARG C 102 -0.70 -32.16 -16.03
C ARG C 102 -1.88 -32.21 -15.11
N ARG C 103 -1.65 -32.59 -13.87
CA ARG C 103 -2.65 -32.38 -12.81
C ARG C 103 -2.10 -31.29 -11.90
N ILE C 104 -2.91 -30.25 -11.76
CA ILE C 104 -2.54 -29.02 -11.08
C ILE C 104 -3.68 -28.78 -10.11
N TYR C 105 -3.37 -28.35 -8.90
CA TYR C 105 -4.33 -28.21 -7.81
C TYR C 105 -4.13 -26.82 -7.21
N GLY C 106 -4.58 -26.57 -5.99
CA GLY C 106 -4.23 -25.33 -5.31
C GLY C 106 -2.78 -25.34 -4.86
N VAL C 107 -2.23 -24.21 -4.45
CA VAL C 107 -0.82 -24.16 -3.99
C VAL C 107 -0.63 -24.86 -2.65
N VAL C 108 -1.72 -25.10 -1.93
CA VAL C 108 -1.63 -25.90 -0.70
C VAL C 108 -1.31 -27.36 -1.03
N ALA C 109 -1.48 -27.73 -2.28
CA ALA C 109 -1.19 -29.07 -2.79
C ALA C 109 -0.10 -29.01 -3.87
N PHE C 110 0.81 -28.04 -3.81
CA PHE C 110 1.90 -27.96 -4.78
C PHE C 110 2.76 -29.22 -4.82
N LYS C 111 2.92 -29.85 -3.67
CA LYS C 111 3.60 -31.15 -3.54
C LYS C 111 2.92 -32.29 -4.29
N GLU C 112 1.66 -32.08 -4.64
CA GLU C 112 0.79 -33.07 -5.26
C GLU C 112 0.48 -32.77 -6.72
N TRP C 113 1.02 -31.67 -7.24
CA TRP C 113 0.92 -31.40 -8.67
C TRP C 113 1.87 -32.39 -9.33
N PHE C 114 1.51 -32.98 -10.46
CA PHE C 114 2.41 -33.88 -11.18
C PHE C 114 2.11 -33.86 -12.67
N THR C 115 3.06 -34.34 -13.45
CA THR C 115 2.92 -34.43 -14.89
C THR C 115 2.62 -35.88 -15.22
N TYR C 116 1.98 -36.14 -16.34
CA TYR C 116 1.68 -37.50 -16.74
C TYR C 116 1.76 -37.54 -18.26
N PHE C 117 1.80 -38.74 -18.80
CA PHE C 117 1.80 -38.95 -20.25
C PHE C 117 0.72 -39.97 -20.52
N TYR C 118 0.20 -39.95 -21.74
CA TYR C 118 -0.66 -41.00 -22.25
C TYR C 118 -0.27 -41.15 -23.71
N MET C 119 -0.60 -42.27 -24.32
CA MET C 119 -0.21 -42.53 -25.71
C MET C 119 -1.44 -42.34 -26.57
N ASP C 120 -1.36 -41.52 -27.60
CA ASP C 120 -2.54 -41.15 -28.38
C ASP C 120 -2.72 -41.84 -29.72
N VAL C 121 -1.62 -42.01 -30.45
CA VAL C 121 -1.61 -42.62 -31.78
C VAL C 121 -0.54 -43.70 -31.70
N TRP C 122 -0.85 -44.89 -32.17
CA TRP C 122 0.05 -46.03 -32.10
C TRP C 122 0.36 -46.53 -33.51
N GLY C 123 1.46 -47.25 -33.65
CA GLY C 123 1.73 -47.98 -34.88
C GLY C 123 1.30 -49.43 -34.70
N LYS C 124 1.30 -50.19 -35.78
CA LYS C 124 0.78 -51.56 -35.77
C LYS C 124 1.65 -52.54 -35.01
N GLY C 125 2.91 -52.19 -34.81
CA GLY C 125 3.85 -52.98 -34.04
C GLY C 125 4.71 -53.95 -34.83
N THR C 126 5.89 -54.25 -34.29
CA THR C 126 6.84 -55.21 -34.88
C THR C 126 7.10 -56.33 -33.89
N SER C 127 6.82 -57.56 -34.30
CA SER C 127 7.12 -58.72 -33.47
C SER C 127 8.63 -58.93 -33.44
N VAL C 128 9.17 -59.13 -32.25
CA VAL C 128 10.58 -59.44 -32.04
C VAL C 128 10.60 -60.75 -31.28
N THR C 129 11.35 -61.72 -31.75
CA THR C 129 11.59 -62.96 -31.03
C THR C 129 13.10 -63.07 -30.87
N VAL C 130 13.54 -63.38 -29.66
CA VAL C 130 14.95 -63.67 -29.40
C VAL C 130 14.96 -65.17 -29.07
N SER C 131 15.84 -65.91 -29.72
CA SER C 131 15.93 -67.37 -29.58
C SER C 131 17.36 -67.72 -29.97
N SER C 132 17.80 -68.94 -29.71
CA SER C 132 19.12 -69.43 -30.12
C SER C 132 19.03 -70.78 -30.87
N ALA C 133 18.68 -70.72 -32.14
CA ALA C 133 18.62 -71.88 -33.04
C ALA C 133 18.71 -71.39 -34.50
N SER C 134 19.47 -72.08 -35.33
CA SER C 134 19.52 -71.72 -36.76
C SER C 134 18.30 -72.29 -37.49
N THR C 135 17.99 -73.56 -37.22
CA THR C 135 16.82 -74.26 -37.77
C THR C 135 16.53 -75.56 -37.02
N LYS C 136 15.29 -76.05 -37.02
CA LYS C 136 15.00 -77.46 -36.77
C LYS C 136 13.77 -77.91 -37.56
N GLY C 137 13.86 -79.01 -38.29
CA GLY C 137 12.72 -79.51 -39.03
C GLY C 137 11.89 -80.50 -38.22
N PRO C 138 10.66 -80.83 -38.63
CA PRO C 138 9.79 -81.69 -37.82
C PRO C 138 10.08 -83.19 -37.86
N SER C 139 9.36 -83.91 -37.00
CA SER C 139 9.02 -85.31 -37.22
C SER C 139 7.52 -85.37 -37.38
N VAL C 140 7.01 -86.38 -38.06
CA VAL C 140 5.57 -86.55 -38.27
C VAL C 140 5.20 -87.97 -37.88
N PHE C 141 4.19 -88.14 -37.04
CA PHE C 141 3.68 -89.45 -36.65
C PHE C 141 2.21 -89.50 -37.05
N PRO C 142 1.73 -90.62 -37.61
CA PRO C 142 0.30 -90.61 -37.94
C PRO C 142 -0.60 -90.81 -36.71
N LEU C 143 -1.85 -90.39 -36.82
CA LEU C 143 -2.88 -90.64 -35.81
C LEU C 143 -3.92 -91.50 -36.51
N ALA C 144 -3.79 -92.80 -36.36
CA ALA C 144 -4.66 -93.75 -37.02
C ALA C 144 -6.13 -93.62 -36.55
N PRO C 145 -7.10 -93.91 -37.43
CA PRO C 145 -8.48 -93.92 -36.95
C PRO C 145 -8.88 -95.19 -36.20
N SER C 146 -9.90 -95.12 -35.35
CA SER C 146 -10.36 -96.30 -34.60
C SER C 146 -11.86 -96.48 -34.26
N SER C 151 -12.65 -95.42 -34.09
CA SER C 151 -14.08 -95.59 -33.71
C SER C 151 -14.97 -94.39 -34.05
N GLY C 152 -16.27 -94.66 -34.22
CA GLY C 152 -17.30 -93.62 -34.30
C GLY C 152 -18.28 -93.54 -35.46
N GLY C 153 -18.10 -94.28 -36.55
CA GLY C 153 -19.04 -94.25 -37.66
C GLY C 153 -18.80 -93.11 -38.66
N THR C 154 -18.34 -91.99 -38.12
CA THR C 154 -17.33 -91.14 -38.73
C THR C 154 -16.28 -91.10 -37.64
N ALA C 155 -15.02 -91.05 -38.03
CA ALA C 155 -13.90 -91.15 -37.13
C ALA C 155 -12.86 -90.08 -37.44
N ALA C 156 -12.14 -89.66 -36.41
CA ALA C 156 -11.03 -88.74 -36.59
C ALA C 156 -9.83 -89.56 -37.06
N LEU C 157 -9.05 -88.98 -37.96
CA LEU C 157 -7.88 -89.60 -38.56
C LEU C 157 -6.92 -88.43 -38.67
N GLY C 158 -5.63 -88.58 -38.42
CA GLY C 158 -4.77 -87.41 -38.42
C GLY C 158 -3.28 -87.62 -38.46
N CYS C 159 -2.55 -86.56 -38.12
CA CYS C 159 -1.09 -86.55 -38.02
C CYS C 159 -0.70 -85.65 -36.86
N LEU C 160 0.37 -86.02 -36.18
CA LEU C 160 0.97 -85.24 -35.09
C LEU C 160 2.30 -84.78 -35.66
N VAL C 161 2.61 -83.49 -35.56
CA VAL C 161 3.83 -82.92 -36.12
C VAL C 161 4.61 -82.39 -34.93
N LYS C 162 5.84 -82.84 -34.76
CA LYS C 162 6.56 -82.71 -33.50
C LYS C 162 7.95 -82.08 -33.63
N ASP C 163 8.28 -81.16 -32.73
CA ASP C 163 9.61 -80.57 -32.55
C ASP C 163 10.23 -79.84 -33.75
N TYR C 164 9.63 -78.75 -34.21
CA TYR C 164 10.24 -77.93 -35.26
C TYR C 164 10.42 -76.50 -34.76
N PHE C 165 11.28 -75.73 -35.41
CA PHE C 165 11.46 -74.32 -35.10
C PHE C 165 12.12 -73.61 -36.29
N PRO C 166 11.74 -72.36 -36.62
CA PRO C 166 10.68 -71.44 -36.16
C PRO C 166 9.32 -71.75 -36.80
N GLU C 167 8.29 -71.01 -36.46
CA GLU C 167 6.98 -71.14 -37.12
C GLU C 167 7.04 -70.54 -38.54
N PRO C 168 6.11 -70.92 -39.44
CA PRO C 168 5.03 -71.92 -39.40
C PRO C 168 5.40 -73.30 -39.93
N VAL C 169 4.45 -74.22 -39.81
CA VAL C 169 4.41 -75.46 -40.58
C VAL C 169 3.07 -75.38 -41.29
N THR C 170 3.03 -75.79 -42.55
CA THR C 170 1.78 -75.88 -43.29
C THR C 170 1.43 -77.36 -43.41
N VAL C 171 0.15 -77.67 -43.35
CA VAL C 171 -0.34 -79.03 -43.57
C VAL C 171 -1.52 -78.94 -44.55
N SER C 172 -1.53 -79.79 -45.56
CA SER C 172 -2.70 -79.97 -46.41
C SER C 172 -2.94 -81.47 -46.36
N TRP C 173 -4.09 -81.91 -46.86
CA TRP C 173 -4.41 -83.32 -46.91
C TRP C 173 -4.78 -83.68 -48.33
N ASN C 174 -4.26 -84.82 -48.79
CA ASN C 174 -4.51 -85.35 -50.13
C ASN C 174 -4.18 -84.31 -51.21
N SER C 175 -3.10 -83.55 -51.00
CA SER C 175 -2.67 -82.46 -51.89
C SER C 175 -3.76 -81.41 -52.13
N GLY C 176 -4.64 -81.24 -51.14
CA GLY C 176 -5.68 -80.24 -51.17
C GLY C 176 -7.01 -80.74 -51.71
N ALA C 177 -7.09 -82.05 -51.96
CA ALA C 177 -8.33 -82.68 -52.44
C ALA C 177 -9.24 -83.06 -51.26
N LEU C 178 -8.80 -82.74 -50.05
CA LEU C 178 -9.58 -82.91 -48.82
C LEU C 178 -9.48 -81.64 -47.98
N THR C 179 -10.56 -80.88 -47.91
CA THR C 179 -10.64 -79.63 -47.14
C THR C 179 -11.85 -79.49 -46.23
N SER C 180 -12.93 -80.25 -46.43
CA SER C 180 -14.07 -80.25 -45.49
C SER C 180 -13.83 -81.24 -44.35
N GLY C 181 -14.22 -80.86 -43.14
CA GLY C 181 -14.01 -81.71 -41.96
C GLY C 181 -12.58 -81.71 -41.44
N VAL C 182 -11.73 -80.92 -42.07
CA VAL C 182 -10.30 -80.88 -41.78
C VAL C 182 -10.01 -79.75 -40.79
N HIS C 183 -9.22 -80.06 -39.77
CA HIS C 183 -8.83 -79.11 -38.76
C HIS C 183 -7.35 -79.27 -38.41
N THR C 184 -6.57 -78.21 -38.61
CA THR C 184 -5.16 -78.18 -38.20
C THR C 184 -5.13 -77.23 -37.02
N PHE C 185 -4.71 -77.77 -35.88
CA PHE C 185 -4.75 -77.02 -34.63
C PHE C 185 -3.52 -76.14 -34.54
N PRO C 186 -3.56 -75.06 -33.73
CA PRO C 186 -2.35 -74.23 -33.72
C PRO C 186 -1.21 -74.89 -32.97
N ALA C 187 0.00 -74.44 -33.24
CA ALA C 187 1.16 -75.00 -32.57
C ALA C 187 1.19 -74.62 -31.10
N VAL C 188 1.68 -75.58 -30.32
CA VAL C 188 2.07 -75.41 -28.92
C VAL C 188 3.56 -75.10 -28.96
N LEU C 189 3.98 -74.03 -28.31
CA LEU C 189 5.39 -73.84 -28.01
C LEU C 189 5.66 -74.64 -26.74
N GLN C 190 6.54 -75.61 -26.84
CA GLN C 190 6.87 -76.53 -25.76
C GLN C 190 7.97 -75.88 -24.91
N SER C 191 8.23 -76.39 -23.71
CA SER C 191 9.19 -75.76 -22.78
C SER C 191 10.64 -75.87 -23.25
N SER C 192 10.87 -76.72 -24.23
CA SER C 192 12.15 -76.86 -24.91
C SER C 192 12.46 -75.69 -25.83
N GLY C 193 11.45 -74.91 -26.18
CA GLY C 193 11.60 -73.80 -27.10
C GLY C 193 11.37 -74.21 -28.55
N LEU C 194 10.71 -75.35 -28.73
CA LEU C 194 10.37 -75.90 -30.05
C LEU C 194 8.86 -76.03 -30.14
N TYR C 195 8.33 -76.05 -31.35
CA TYR C 195 6.89 -76.13 -31.56
C TYR C 195 6.44 -77.52 -31.99
N SER C 196 5.20 -77.85 -31.67
CA SER C 196 4.54 -79.06 -32.17
C SER C 196 3.07 -78.74 -32.40
N LEU C 197 2.38 -79.47 -33.27
CA LEU C 197 0.98 -79.22 -33.61
C LEU C 197 0.34 -80.55 -34.00
N SER C 198 -0.96 -80.58 -34.21
CA SER C 198 -1.61 -81.77 -34.75
C SER C 198 -2.62 -81.33 -35.79
N SER C 199 -2.98 -82.23 -36.69
CA SER C 199 -3.94 -81.96 -37.75
C SER C 199 -4.77 -83.23 -37.86
N VAL C 200 -6.07 -83.10 -38.03
CA VAL C 200 -6.97 -84.23 -38.16
C VAL C 200 -8.02 -83.93 -39.22
N VAL C 201 -8.59 -84.99 -39.77
CA VAL C 201 -9.70 -84.93 -40.70
C VAL C 201 -10.77 -85.76 -40.01
N THR C 202 -12.02 -85.60 -40.39
CA THR C 202 -13.10 -86.43 -39.86
C THR C 202 -13.73 -87.08 -41.07
N VAL C 203 -13.62 -88.40 -41.16
CA VAL C 203 -14.02 -89.15 -42.35
C VAL C 203 -14.91 -90.33 -41.99
N PRO C 204 -15.75 -90.82 -42.92
CA PRO C 204 -16.55 -92.00 -42.59
C PRO C 204 -15.71 -93.24 -42.32
N SER C 205 -16.32 -94.26 -41.74
CA SER C 205 -15.62 -95.46 -41.31
C SER C 205 -15.53 -96.58 -42.35
N SER C 206 -16.27 -96.48 -43.44
CA SER C 206 -16.34 -97.57 -44.41
C SER C 206 -15.11 -97.75 -45.31
N GLY C 209 -14.36 -96.70 -45.59
CA GLY C 209 -13.00 -96.85 -46.12
C GLY C 209 -12.75 -97.22 -47.56
N THR C 210 -12.90 -96.30 -48.51
CA THR C 210 -12.47 -96.51 -49.90
C THR C 210 -11.34 -95.57 -50.37
N GLN C 211 -11.26 -94.37 -49.82
CA GLN C 211 -10.23 -93.40 -50.20
C GLN C 211 -8.98 -93.50 -49.33
N THR C 212 -7.85 -93.11 -49.89
CA THR C 212 -6.56 -93.07 -49.22
C THR C 212 -6.37 -91.69 -48.59
N TYR C 213 -5.80 -91.61 -47.39
CA TYR C 213 -5.59 -90.33 -46.72
C TYR C 213 -4.11 -90.08 -46.43
N ILE C 214 -3.61 -88.91 -46.83
CA ILE C 214 -2.19 -88.55 -46.68
C ILE C 214 -2.13 -87.13 -46.15
N CYS C 215 -1.38 -86.87 -45.08
CA CYS C 215 -1.13 -85.49 -44.66
C CYS C 215 0.18 -85.05 -45.32
N ASN C 216 0.21 -83.81 -45.77
CA ASN C 216 1.31 -83.27 -46.55
C ASN C 216 1.95 -82.13 -45.76
N VAL C 217 2.91 -82.47 -44.92
CA VAL C 217 3.48 -81.52 -43.95
C VAL C 217 4.68 -80.83 -44.59
N ASN C 218 4.74 -79.51 -44.56
CA ASN C 218 5.88 -78.77 -45.11
C ASN C 218 6.36 -77.71 -44.12
N HIS C 219 7.68 -77.63 -43.97
CA HIS C 219 8.35 -76.67 -43.13
C HIS C 219 9.43 -75.98 -43.97
N LYS C 220 9.09 -74.83 -44.53
CA LYS C 220 10.00 -74.08 -45.39
C LYS C 220 11.31 -73.62 -44.72
N PRO C 221 11.31 -73.17 -43.45
CA PRO C 221 12.65 -72.83 -42.90
C PRO C 221 13.71 -73.93 -42.89
N SER C 222 13.32 -75.19 -42.76
CA SER C 222 14.26 -76.32 -42.80
C SER C 222 14.30 -76.98 -44.19
N ASN C 223 13.50 -76.46 -45.09
CA ASN C 223 13.28 -77.00 -46.44
C ASN C 223 12.87 -78.47 -46.43
N THR C 224 11.94 -78.81 -45.54
CA THR C 224 11.54 -80.20 -45.33
C THR C 224 10.07 -80.43 -45.68
N LYS C 225 9.79 -81.44 -46.49
CA LYS C 225 8.42 -81.78 -46.88
C LYS C 225 8.22 -83.28 -46.69
N VAL C 226 7.19 -83.65 -45.96
CA VAL C 226 6.91 -85.03 -45.57
C VAL C 226 5.48 -85.41 -45.91
N ASP C 227 5.30 -86.39 -46.75
CA ASP C 227 3.99 -87.00 -46.96
C ASP C 227 3.86 -88.12 -45.95
N LYS C 228 2.77 -88.19 -45.20
CA LYS C 228 2.53 -89.33 -44.33
C LYS C 228 1.16 -89.95 -44.59
N ARG C 229 1.17 -91.16 -45.13
CA ARG C 229 -0.05 -91.93 -45.36
C ARG C 229 -0.53 -92.37 -43.98
N VAL C 230 -1.83 -92.37 -43.77
CA VAL C 230 -2.40 -92.73 -42.48
C VAL C 230 -3.37 -93.88 -42.70
N GLU C 231 -3.22 -94.96 -41.93
CA GLU C 231 -4.05 -96.16 -42.07
C GLU C 231 -4.56 -96.63 -40.70
N PRO C 232 -5.64 -97.44 -40.64
CA PRO C 232 -6.06 -98.03 -39.35
C PRO C 232 -4.99 -98.88 -38.67
N LYS D 1 30.84 13.41 -32.82
CA LYS D 1 31.98 13.08 -33.72
C LYS D 1 33.19 12.62 -32.92
N LYS D 2 33.13 11.44 -32.30
CA LYS D 2 34.21 10.92 -31.44
C LYS D 2 34.43 9.49 -31.84
N VAL D 3 35.64 8.96 -31.69
CA VAL D 3 35.95 7.57 -32.02
C VAL D 3 36.69 6.92 -30.87
N VAL D 4 36.32 5.70 -30.51
CA VAL D 4 36.99 4.95 -29.46
C VAL D 4 37.39 3.59 -30.04
N LEU D 5 38.64 3.20 -29.83
CA LEU D 5 39.11 1.90 -30.29
C LEU D 5 39.06 0.93 -29.12
N GLY D 6 38.56 -0.28 -29.36
CA GLY D 6 38.48 -1.33 -28.36
C GLY D 6 39.25 -2.55 -28.78
N LYS D 7 39.71 -3.35 -27.83
CA LYS D 7 40.42 -4.59 -28.11
C LYS D 7 39.46 -5.75 -27.87
N LYS D 8 39.38 -6.69 -28.81
CA LYS D 8 38.50 -7.84 -28.65
C LYS D 8 38.91 -8.61 -27.40
N GLY D 9 37.94 -8.97 -26.57
CA GLY D 9 38.20 -9.71 -25.35
C GLY D 9 38.57 -8.87 -24.15
N ASP D 10 38.70 -7.56 -24.29
CA ASP D 10 38.98 -6.68 -23.15
C ASP D 10 37.84 -5.66 -22.99
N THR D 11 37.61 -5.23 -21.76
CA THR D 11 36.51 -4.33 -21.43
C THR D 11 36.75 -2.94 -22.03
N VAL D 12 35.68 -2.18 -22.27
CA VAL D 12 35.76 -0.77 -22.66
C VAL D 12 34.66 0.03 -21.96
N GLU D 13 34.83 1.35 -21.93
CA GLU D 13 33.86 2.27 -21.33
C GLU D 13 33.57 3.40 -22.32
N LEU D 14 32.33 3.88 -22.37
CA LEU D 14 31.92 5.03 -23.18
C LEU D 14 31.38 5.97 -22.11
N THR D 15 31.46 7.27 -22.32
CA THR D 15 31.08 8.22 -21.27
C THR D 15 30.15 9.32 -21.78
N CYS D 16 29.15 9.66 -20.98
CA CYS D 16 28.15 10.66 -21.30
C CYS D 16 28.06 11.63 -20.13
N THR D 17 28.26 12.92 -20.36
CA THR D 17 28.37 13.89 -19.27
C THR D 17 27.44 15.08 -19.47
N ALA D 18 26.67 15.39 -18.44
CA ALA D 18 25.70 16.48 -18.45
C ALA D 18 26.27 17.77 -17.85
N SER D 19 25.60 18.88 -18.11
CA SER D 19 25.97 20.18 -17.54
C SER D 19 25.42 20.35 -16.12
N GLN D 20 24.37 19.61 -15.78
CA GLN D 20 23.79 19.64 -14.44
C GLN D 20 24.52 18.61 -13.58
N LYS D 21 24.71 18.85 -12.29
CA LYS D 21 25.39 17.87 -11.42
C LYS D 21 24.42 16.86 -10.83
N LYS D 22 23.15 17.00 -11.15
CA LYS D 22 22.07 16.14 -10.63
C LYS D 22 22.00 14.81 -11.37
N SER D 23 21.52 13.76 -10.71
CA SER D 23 21.21 12.52 -11.42
C SER D 23 19.89 12.75 -12.16
N ILE D 24 20.00 12.69 -13.48
CA ILE D 24 18.88 12.90 -14.38
C ILE D 24 18.84 11.70 -15.30
N GLN D 25 17.70 11.46 -15.92
CA GLN D 25 17.53 10.27 -16.74
C GLN D 25 18.32 10.39 -18.04
N PHE D 26 18.93 9.29 -18.45
CA PHE D 26 19.68 9.19 -19.69
C PHE D 26 19.34 7.82 -20.27
N HIS D 27 19.57 7.64 -21.56
CA HIS D 27 19.48 6.34 -22.20
C HIS D 27 20.63 6.23 -23.18
N TRP D 28 21.10 5.01 -23.36
CA TRP D 28 22.13 4.69 -24.33
C TRP D 28 21.46 3.89 -25.42
N LYS D 29 21.76 4.21 -26.67
CA LYS D 29 21.16 3.53 -27.81
C LYS D 29 22.28 3.26 -28.81
N ASN D 30 22.04 2.30 -29.69
CA ASN D 30 22.99 1.95 -30.75
C ASN D 30 22.61 2.70 -32.03
N SER D 31 23.32 2.53 -33.14
CA SER D 31 23.05 3.32 -34.35
C SER D 31 21.68 3.13 -34.99
N ASN D 32 21.02 2.00 -34.74
CA ASN D 32 19.67 1.72 -35.23
C ASN D 32 18.62 2.15 -34.19
N GLN D 33 19.09 2.92 -33.21
CA GLN D 33 18.28 3.60 -32.20
C GLN D 33 17.45 2.59 -31.39
N ILE D 34 18.12 1.51 -31.01
CA ILE D 34 17.61 0.47 -30.13
C ILE D 34 18.28 0.67 -28.77
N LYS D 35 17.50 0.61 -27.68
CA LYS D 35 18.01 0.79 -26.31
C LYS D 35 19.01 -0.29 -25.90
N ILE D 36 20.14 0.16 -25.35
CA ILE D 36 21.14 -0.71 -24.74
C ILE D 36 21.02 -0.63 -23.23
N LEU D 37 20.85 0.58 -22.73
CA LEU D 37 20.87 0.84 -21.31
C LEU D 37 20.02 2.06 -21.03
N GLY D 38 19.62 2.26 -19.78
CA GLY D 38 19.05 3.51 -19.34
C GLY D 38 18.97 3.41 -17.83
N ASN D 39 18.51 4.47 -17.19
CA ASN D 39 18.24 4.44 -15.76
C ASN D 39 16.77 4.79 -15.57
N GLN D 40 16.22 4.43 -14.43
CA GLN D 40 14.84 4.72 -14.06
C GLN D 40 14.94 5.27 -12.64
N GLY D 41 15.10 6.58 -12.48
CA GLY D 41 15.45 7.10 -11.17
C GLY D 41 16.85 6.63 -10.85
N SER D 42 17.05 5.90 -9.75
CA SER D 42 18.36 5.38 -9.37
C SER D 42 18.53 3.91 -9.74
N PHE D 43 17.54 3.32 -10.41
CA PHE D 43 17.63 1.92 -10.82
C PHE D 43 18.29 1.75 -12.18
N LEU D 44 19.10 0.71 -12.36
CA LEU D 44 19.69 0.39 -13.66
C LEU D 44 18.71 -0.43 -14.49
N THR D 45 18.58 -0.10 -15.76
CA THR D 45 17.77 -0.85 -16.72
C THR D 45 18.60 -1.17 -17.94
N LYS D 46 18.53 -2.40 -18.42
CA LYS D 46 19.25 -2.81 -19.62
C LYS D 46 18.21 -2.90 -20.73
N GLY D 47 18.63 -2.77 -21.97
CA GLY D 47 17.73 -2.81 -23.10
C GLY D 47 18.02 -3.97 -24.03
N PRO D 48 17.09 -4.36 -24.92
CA PRO D 48 17.12 -5.55 -25.78
C PRO D 48 18.11 -5.49 -26.94
N SER D 49 19.38 -5.52 -26.56
CA SER D 49 20.51 -5.43 -27.48
C SER D 49 21.35 -6.70 -27.39
N LYS D 50 22.26 -6.88 -28.34
CA LYS D 50 23.22 -8.00 -28.29
C LYS D 50 24.21 -7.88 -27.14
N LEU D 51 24.27 -6.68 -26.58
CA LEU D 51 25.14 -6.36 -25.44
C LEU D 51 24.46 -6.66 -24.11
N ASN D 52 23.22 -7.14 -24.11
CA ASN D 52 22.40 -7.26 -22.90
C ASN D 52 23.02 -8.07 -21.74
N ASP D 53 23.72 -9.15 -22.03
CA ASP D 53 24.32 -9.95 -20.97
C ASP D 53 25.63 -9.31 -20.42
N ARG D 54 26.16 -8.32 -21.14
CA ARG D 54 27.50 -7.76 -20.90
C ARG D 54 27.62 -6.25 -20.62
N ALA D 55 26.55 -5.49 -20.83
CA ALA D 55 26.54 -4.05 -20.58
C ALA D 55 26.31 -3.73 -19.09
N ASP D 56 26.83 -2.61 -18.60
CA ASP D 56 26.65 -2.17 -17.21
C ASP D 56 26.94 -0.66 -17.16
N SER D 57 26.90 -0.04 -15.99
CA SER D 57 27.26 1.37 -15.80
C SER D 57 27.54 1.61 -14.32
N ARG D 58 28.43 2.53 -13.95
CA ARG D 58 28.69 2.81 -12.52
C ARG D 58 27.66 3.82 -12.02
N ARG D 59 26.78 3.39 -11.12
CA ARG D 59 25.65 4.20 -10.68
C ARG D 59 26.06 5.32 -9.75
N SER D 60 27.19 5.16 -9.08
CA SER D 60 27.71 6.19 -8.18
C SER D 60 27.97 7.49 -8.95
N LEU D 61 28.40 7.34 -10.20
CA LEU D 61 28.71 8.48 -11.05
C LEU D 61 27.46 9.22 -11.52
N TRP D 62 26.31 8.54 -11.55
CA TRP D 62 25.09 9.19 -12.04
C TRP D 62 24.74 10.34 -11.12
N ASP D 63 25.06 10.18 -9.84
CA ASP D 63 24.74 11.18 -8.82
C ASP D 63 25.74 12.32 -8.83
N GLN D 64 26.68 12.23 -9.73
CA GLN D 64 27.67 13.28 -9.97
C GLN D 64 27.37 13.98 -11.29
N GLY D 65 26.33 13.53 -12.00
CA GLY D 65 25.99 14.14 -13.28
C GLY D 65 26.67 13.54 -14.50
N ASN D 66 27.25 12.35 -14.37
CA ASN D 66 27.87 11.70 -15.53
C ASN D 66 27.64 10.19 -15.55
N PHE D 67 27.52 9.64 -16.74
CA PHE D 67 26.87 8.36 -16.95
C PHE D 67 27.69 7.52 -17.92
N PRO D 68 28.44 6.50 -17.44
CA PRO D 68 29.11 5.68 -18.47
C PRO D 68 28.18 4.63 -19.10
N LEU D 69 28.68 3.96 -20.12
CA LEU D 69 28.20 2.65 -20.56
C LEU D 69 29.47 1.81 -20.57
N ILE D 70 29.42 0.65 -19.95
CA ILE D 70 30.59 -0.20 -19.80
C ILE D 70 30.22 -1.47 -20.52
N ILE D 71 31.11 -2.01 -21.35
CA ILE D 71 30.84 -3.26 -22.07
C ILE D 71 32.00 -4.22 -21.74
N LYS D 72 31.68 -5.39 -21.21
CA LYS D 72 32.69 -6.42 -20.93
C LYS D 72 32.83 -7.40 -22.07
N ASN D 73 33.93 -8.14 -22.10
CA ASN D 73 34.14 -9.28 -23.01
C ASN D 73 33.81 -8.95 -24.46
N LEU D 74 34.30 -7.78 -24.87
CA LEU D 74 33.96 -7.15 -26.14
C LEU D 74 34.26 -7.98 -27.39
N LYS D 75 33.38 -7.94 -28.38
CA LYS D 75 33.53 -8.71 -29.63
C LYS D 75 33.53 -7.76 -30.82
N ILE D 76 34.02 -8.20 -31.97
CA ILE D 76 34.20 -7.32 -33.13
C ILE D 76 32.85 -6.78 -33.61
N GLU D 77 31.82 -7.58 -33.50
CA GLU D 77 30.48 -7.16 -33.90
C GLU D 77 29.87 -6.07 -33.00
N ASP D 78 30.53 -5.74 -31.89
CA ASP D 78 30.06 -4.68 -31.02
C ASP D 78 30.47 -3.31 -31.56
N SER D 79 31.17 -3.27 -32.69
CA SER D 79 31.56 -1.99 -33.29
C SER D 79 30.38 -1.24 -33.89
N ASP D 80 30.04 -0.07 -33.37
CA ASP D 80 28.90 0.70 -33.85
C ASP D 80 29.03 2.15 -33.41
N THR D 81 28.29 3.04 -34.05
CA THR D 81 28.02 4.34 -33.44
C THR D 81 27.10 4.07 -32.25
N TYR D 82 27.44 4.59 -31.09
CA TYR D 82 26.62 4.49 -29.90
C TYR D 82 26.31 5.92 -29.51
N ILE D 83 25.11 6.13 -28.99
CA ILE D 83 24.67 7.47 -28.63
C ILE D 83 24.18 7.50 -27.19
N CYS D 84 24.15 8.70 -26.63
CA CYS D 84 23.59 8.95 -25.32
C CYS D 84 22.65 10.14 -25.43
N GLU D 85 21.45 9.99 -24.88
CA GLU D 85 20.40 11.02 -24.94
C GLU D 85 20.13 11.64 -23.57
N VAL D 86 20.89 12.68 -23.20
CA VAL D 86 20.73 13.34 -21.90
C VAL D 86 20.66 14.84 -22.12
N GLU D 87 19.85 15.53 -21.32
CA GLU D 87 19.62 16.98 -21.38
C GLU D 87 19.04 17.48 -22.71
N ASP D 88 18.41 16.60 -23.48
CA ASP D 88 17.92 16.87 -24.84
C ASP D 88 19.08 17.19 -25.78
N GLN D 89 20.25 16.63 -25.49
CA GLN D 89 21.43 16.73 -26.33
C GLN D 89 21.78 15.30 -26.72
N LYS D 90 22.36 15.09 -27.89
CA LYS D 90 22.70 13.74 -28.36
C LYS D 90 24.19 13.61 -28.61
N GLU D 91 24.86 12.89 -27.71
CA GLU D 91 26.29 12.65 -27.85
C GLU D 91 26.42 11.43 -28.75
N GLU D 92 27.29 11.44 -29.75
CA GLU D 92 27.49 10.29 -30.62
C GLU D 92 28.96 9.88 -30.55
N VAL D 93 29.27 8.62 -30.29
CA VAL D 93 30.65 8.13 -30.21
C VAL D 93 30.74 6.82 -31.01
N GLN D 94 31.73 6.70 -31.88
CA GLN D 94 31.85 5.57 -32.80
C GLN D 94 32.84 4.55 -32.22
N LEU D 95 32.35 3.43 -31.72
CA LEU D 95 33.22 2.41 -31.15
C LEU D 95 33.65 1.48 -32.28
N LEU D 96 34.94 1.20 -32.37
CA LEU D 96 35.48 0.26 -33.34
C LEU D 96 36.28 -0.76 -32.55
N VAL D 97 36.10 -2.04 -32.82
CA VAL D 97 36.76 -3.09 -32.05
C VAL D 97 37.66 -3.87 -32.99
N PHE D 98 38.90 -4.06 -32.58
CA PHE D 98 39.90 -4.78 -33.38
C PHE D 98 40.49 -5.93 -32.57
N GLY D 99 41.05 -6.93 -33.23
CA GLY D 99 41.64 -8.08 -32.56
C GLY D 99 42.69 -8.73 -33.44
N LEU D 100 43.39 -9.74 -32.96
CA LEU D 100 44.49 -10.37 -33.69
C LEU D 100 44.46 -11.90 -33.58
N THR D 101 44.49 -12.58 -34.72
CA THR D 101 44.58 -14.04 -34.77
C THR D 101 45.81 -14.47 -35.55
N ALA D 102 46.72 -15.20 -34.92
CA ALA D 102 47.82 -15.81 -35.66
C ALA D 102 47.28 -17.01 -36.42
N ASN D 103 47.57 -17.11 -37.71
CA ASN D 103 47.13 -18.25 -38.52
C ASN D 103 48.19 -19.35 -38.46
N SER D 104 49.42 -18.94 -38.18
CA SER D 104 50.56 -19.83 -38.02
C SER D 104 50.60 -20.40 -36.59
N ASP D 105 51.34 -21.48 -36.37
CA ASP D 105 51.38 -22.18 -35.06
C ASP D 105 51.85 -21.40 -33.83
N THR D 106 51.42 -21.86 -32.66
CA THR D 106 51.92 -21.31 -31.39
C THR D 106 53.40 -21.67 -31.22
N HIS D 107 53.79 -22.82 -31.76
CA HIS D 107 55.17 -23.31 -31.78
C HIS D 107 55.66 -23.42 -33.24
N LEU D 108 56.41 -22.42 -33.67
CA LEU D 108 56.96 -22.40 -35.03
C LEU D 108 58.23 -23.22 -35.12
N LEU D 109 58.51 -23.79 -36.28
CA LEU D 109 59.77 -24.51 -36.53
C LEU D 109 60.85 -23.52 -36.95
N GLN D 110 62.08 -23.97 -37.11
CA GLN D 110 63.19 -23.13 -37.53
C GLN D 110 63.02 -22.57 -38.95
N GLY D 111 63.26 -21.27 -39.08
CA GLY D 111 63.38 -20.64 -40.39
C GLY D 111 62.12 -20.67 -41.22
N GLN D 112 61.00 -20.32 -40.60
CA GLN D 112 59.66 -20.41 -41.18
C GLN D 112 59.04 -19.00 -41.32
N SER D 113 57.73 -18.93 -41.50
CA SER D 113 57.01 -17.67 -41.70
C SER D 113 55.92 -17.49 -40.64
N LEU D 114 55.75 -16.25 -40.21
CA LEU D 114 54.70 -15.86 -39.28
C LEU D 114 53.54 -15.33 -40.12
N THR D 115 52.32 -15.67 -39.76
CA THR D 115 51.13 -15.17 -40.47
C THR D 115 50.12 -14.66 -39.45
N LEU D 116 49.75 -13.39 -39.53
CA LEU D 116 48.78 -12.78 -38.61
C LEU D 116 47.63 -12.18 -39.39
N THR D 117 46.41 -12.54 -39.04
CA THR D 117 45.21 -12.00 -39.67
C THR D 117 44.48 -11.23 -38.58
N LEU D 118 44.38 -9.91 -38.74
CA LEU D 118 43.66 -9.12 -37.75
C LEU D 118 42.17 -9.25 -37.96
N GLU D 119 41.42 -9.00 -36.91
CA GLU D 119 39.96 -8.99 -36.98
C GLU D 119 39.53 -7.53 -36.93
N SER D 120 38.64 -7.16 -37.86
CA SER D 120 38.21 -5.77 -38.04
C SER D 120 36.73 -5.74 -38.41
N PRO D 121 36.03 -4.62 -38.19
CA PRO D 121 34.64 -4.51 -38.66
C PRO D 121 34.48 -4.61 -40.18
N PRO D 122 33.32 -5.08 -40.67
CA PRO D 122 33.13 -4.94 -42.12
C PRO D 122 33.11 -3.48 -42.56
N GLY D 123 33.53 -3.19 -43.78
CA GLY D 123 33.52 -1.81 -44.26
C GLY D 123 34.46 -0.89 -43.51
N SER D 124 35.63 -1.41 -43.16
CA SER D 124 36.68 -0.64 -42.48
C SER D 124 38.00 -0.79 -43.23
N SER D 125 38.87 0.20 -43.10
CA SER D 125 40.19 0.21 -43.74
C SER D 125 41.29 0.31 -42.67
N PRO D 126 41.64 -0.79 -41.99
CA PRO D 126 42.64 -0.70 -40.91
C PRO D 126 44.06 -0.39 -41.39
N SER D 127 44.93 0.00 -40.46
CA SER D 127 46.33 0.27 -40.75
C SER D 127 47.09 -0.30 -39.55
N VAL D 128 48.25 -0.87 -39.81
CA VAL D 128 48.94 -1.74 -38.86
C VAL D 128 50.45 -1.47 -38.93
N GLN D 129 51.13 -1.49 -37.78
CA GLN D 129 52.59 -1.44 -37.74
C GLN D 129 53.06 -2.42 -36.67
N CYS D 130 53.68 -3.52 -37.07
CA CYS D 130 54.13 -4.55 -36.13
C CYS D 130 55.62 -4.40 -35.85
N ARG D 131 56.07 -4.98 -34.74
CA ARG D 131 57.47 -4.94 -34.30
C ARG D 131 57.88 -6.29 -33.74
N SER D 132 59.16 -6.60 -33.82
CA SER D 132 59.71 -7.85 -33.30
C SER D 132 60.22 -7.69 -31.85
N PRO D 133 60.58 -8.79 -31.17
CA PRO D 133 61.17 -8.63 -29.83
C PRO D 133 62.42 -7.75 -29.77
N ARG D 134 63.26 -7.74 -30.81
CA ARG D 134 64.49 -6.95 -30.77
C ARG D 134 64.47 -5.59 -31.47
N GLY D 135 64.55 -5.54 -32.79
CA GLY D 135 64.68 -4.24 -33.47
C GLY D 135 64.29 -4.20 -34.93
N LYS D 136 63.11 -4.72 -35.25
CA LYS D 136 62.67 -4.85 -36.64
C LYS D 136 61.24 -4.34 -36.84
N ASN D 137 61.10 -3.28 -37.60
CA ASN D 137 59.80 -2.73 -37.97
C ASN D 137 59.20 -3.52 -39.13
N ILE D 138 57.88 -3.69 -39.07
CA ILE D 138 57.11 -4.47 -40.03
C ILE D 138 55.94 -3.59 -40.42
N GLN D 139 55.64 -3.52 -41.71
CA GLN D 139 54.61 -2.65 -42.26
C GLN D 139 53.62 -3.49 -43.07
N GLY D 140 52.41 -3.03 -43.29
CA GLY D 140 51.45 -3.84 -44.05
C GLY D 140 50.01 -3.37 -44.06
N GLY D 141 49.14 -4.22 -44.60
CA GLY D 141 47.72 -3.96 -44.71
C GLY D 141 46.80 -4.97 -44.01
N LYS D 142 45.88 -5.54 -44.79
CA LYS D 142 44.82 -6.40 -44.25
C LYS D 142 45.31 -7.63 -43.49
N THR D 143 46.30 -8.32 -44.04
CA THR D 143 46.92 -9.48 -43.40
C THR D 143 48.43 -9.27 -43.36
N LEU D 144 49.06 -9.27 -42.18
CA LEU D 144 50.50 -9.07 -42.08
C LEU D 144 51.21 -10.41 -41.93
N SER D 145 52.17 -10.67 -42.79
CA SER D 145 52.93 -11.91 -42.74
C SER D 145 54.41 -11.65 -43.00
N VAL D 146 55.22 -12.11 -42.06
CA VAL D 146 56.68 -12.03 -42.17
C VAL D 146 57.14 -13.33 -42.81
N SER D 147 57.70 -13.27 -44.01
CA SER D 147 58.06 -14.47 -44.77
C SER D 147 59.33 -15.15 -44.30
N GLN D 148 60.21 -14.44 -43.62
CA GLN D 148 61.49 -15.00 -43.17
C GLN D 148 61.75 -14.60 -41.72
N LEU D 149 62.00 -15.57 -40.86
CA LEU D 149 62.26 -15.36 -39.42
C LEU D 149 63.63 -15.92 -39.04
N GLU D 150 64.12 -15.57 -37.86
CA GLU D 150 65.34 -16.16 -37.30
C GLU D 150 65.01 -16.68 -35.90
N LEU D 151 65.82 -17.56 -35.32
CA LEU D 151 65.59 -18.06 -33.96
C LEU D 151 65.89 -17.00 -32.91
N GLN D 152 66.42 -15.86 -33.35
CA GLN D 152 66.60 -14.68 -32.49
C GLN D 152 65.28 -13.92 -32.32
N ASP D 153 64.23 -14.35 -33.01
CA ASP D 153 62.92 -13.66 -32.99
C ASP D 153 61.92 -14.34 -32.07
N SER D 154 62.41 -15.19 -31.17
CA SER D 154 61.57 -15.70 -30.09
C SER D 154 61.36 -14.57 -29.08
N GLY D 155 60.24 -14.56 -28.38
CA GLY D 155 59.96 -13.56 -27.37
C GLY D 155 58.63 -12.89 -27.60
N THR D 156 58.36 -11.81 -26.86
CA THR D 156 57.10 -11.10 -26.99
C THR D 156 57.12 -10.12 -28.18
N TRP D 157 56.17 -10.29 -29.09
CA TRP D 157 56.01 -9.41 -30.24
C TRP D 157 54.90 -8.41 -29.95
N THR D 158 55.10 -7.16 -30.34
CA THR D 158 54.14 -6.08 -30.13
C THR D 158 53.66 -5.59 -31.48
N CYS D 159 52.37 -5.33 -31.65
CA CYS D 159 51.88 -4.80 -32.90
C CYS D 159 50.85 -3.70 -32.67
N THR D 160 51.07 -2.55 -33.29
CA THR D 160 50.17 -1.41 -33.17
C THR D 160 49.10 -1.49 -34.25
N VAL D 161 47.85 -1.26 -33.91
CA VAL D 161 46.78 -1.14 -34.91
C VAL D 161 46.31 0.30 -34.76
N LEU D 162 46.19 1.00 -35.88
CA LEU D 162 45.93 2.45 -35.90
C LEU D 162 44.68 2.76 -36.72
N GLN D 163 43.86 3.69 -36.23
CA GLN D 163 42.67 4.14 -36.95
C GLN D 163 42.25 5.53 -36.45
N ASN D 164 41.99 6.46 -37.36
CA ASN D 164 41.45 7.79 -37.05
C ASN D 164 42.28 8.57 -36.02
N GLN D 165 43.59 8.62 -36.23
CA GLN D 165 44.61 9.24 -35.35
C GLN D 165 44.74 8.58 -33.98
N LYS D 166 44.11 7.44 -33.75
CA LYS D 166 44.18 6.77 -32.45
C LYS D 166 44.86 5.43 -32.66
N LYS D 167 45.48 4.88 -31.63
CA LYS D 167 46.20 3.61 -31.72
C LYS D 167 46.14 2.78 -30.44
N VAL D 168 46.22 1.47 -30.62
CA VAL D 168 46.24 0.48 -29.53
C VAL D 168 47.39 -0.48 -29.87
N GLU D 169 47.94 -1.20 -28.90
CA GLU D 169 49.01 -2.19 -29.14
C GLU D 169 48.57 -3.54 -28.61
N PHE D 170 48.86 -4.59 -29.37
CA PHE D 170 48.56 -5.97 -29.01
C PHE D 170 49.87 -6.66 -28.70
N LYS D 171 49.84 -7.67 -27.82
CA LYS D 171 51.05 -8.40 -27.38
C LYS D 171 50.84 -9.89 -27.59
N ILE D 172 51.76 -10.57 -28.25
CA ILE D 172 51.69 -12.03 -28.47
C ILE D 172 53.05 -12.64 -28.16
N ASP D 173 53.08 -13.93 -27.86
CA ASP D 173 54.31 -14.62 -27.46
C ASP D 173 54.68 -15.71 -28.45
N ILE D 174 55.90 -15.68 -28.98
CA ILE D 174 56.33 -16.60 -30.04
C ILE D 174 57.59 -17.31 -29.56
N VAL D 175 57.73 -18.60 -29.85
CA VAL D 175 58.90 -19.40 -29.47
C VAL D 175 59.45 -20.17 -30.66
N VAL E 1 -25.23 29.11 -12.35
CA VAL E 1 -26.07 27.91 -12.09
C VAL E 1 -25.87 27.42 -10.67
N TRP E 2 -26.89 27.55 -9.83
CA TRP E 2 -26.83 27.08 -8.45
C TRP E 2 -27.56 25.73 -8.36
N LYS E 3 -27.01 24.74 -7.65
CA LYS E 3 -27.65 23.42 -7.49
C LYS E 3 -27.63 22.98 -6.04
N ASP E 4 -28.73 22.44 -5.54
CA ASP E 4 -28.90 22.13 -4.11
C ASP E 4 -28.83 20.65 -3.71
N ALA E 5 -28.77 20.43 -2.40
CA ALA E 5 -28.57 19.15 -1.72
C ALA E 5 -27.29 18.34 -2.04
N GLU E 6 -26.27 18.61 -1.22
CA GLU E 6 -25.05 17.80 -1.07
C GLU E 6 -24.85 17.45 0.42
N THR E 7 -24.22 16.32 0.72
CA THR E 7 -24.00 15.88 2.11
C THR E 7 -22.59 16.18 2.63
N THR E 8 -22.02 17.32 2.24
CA THR E 8 -20.73 17.78 2.78
C THR E 8 -20.85 19.02 3.66
N LEU E 9 -20.11 18.98 4.76
CA LEU E 9 -19.96 20.07 5.72
C LEU E 9 -18.50 20.11 6.18
N PHE E 10 -18.09 21.19 6.84
CA PHE E 10 -16.78 21.26 7.48
C PHE E 10 -17.11 21.83 8.85
N CYS E 11 -16.23 21.61 9.80
CA CYS E 11 -16.44 21.93 11.21
C CYS E 11 -15.33 22.90 11.63
N ALA E 12 -15.68 23.98 12.33
CA ALA E 12 -14.69 24.84 12.95
C ALA E 12 -15.15 25.23 14.37
N SER E 13 -14.25 25.18 15.34
CA SER E 13 -14.53 25.51 16.73
C SER E 13 -13.16 25.41 17.41
N ASP E 14 -12.85 26.29 18.36
CA ASP E 14 -11.83 26.21 19.44
C ASP E 14 -11.32 27.59 19.91
N ALA E 15 -11.16 27.77 21.22
CA ALA E 15 -10.54 28.94 21.82
C ALA E 15 -9.81 28.64 23.15
N LYS E 16 -10.48 28.03 24.12
CA LYS E 16 -9.87 27.72 25.43
C LYS E 16 -10.03 26.29 25.94
N ALA E 17 -10.91 25.52 25.33
CA ALA E 17 -11.17 24.13 25.72
C ALA E 17 -10.13 23.17 25.16
N TYR E 18 -10.05 21.98 25.74
CA TYR E 18 -9.20 20.90 25.22
C TYR E 18 -9.96 19.55 25.24
N GLU E 19 -9.51 18.59 26.03
CA GLU E 19 -10.18 17.30 26.19
C GLU E 19 -11.11 17.39 27.41
N THR E 20 -11.44 16.26 28.04
CA THR E 20 -12.33 16.14 29.21
C THR E 20 -13.80 16.24 28.82
N GLU E 21 -14.36 17.44 28.72
CA GLU E 21 -15.80 17.58 28.55
C GLU E 21 -16.26 17.18 27.14
N LYS E 22 -17.40 16.51 26.98
CA LYS E 22 -17.64 15.76 25.74
C LYS E 22 -17.76 16.58 24.45
N HIS E 23 -18.36 17.76 24.49
CA HIS E 23 -18.44 18.58 23.28
C HIS E 23 -17.11 19.24 23.02
N ASN E 24 -16.29 19.36 24.05
CA ASN E 24 -14.97 19.97 23.92
C ASN E 24 -14.17 18.97 23.10
N VAL E 25 -14.28 17.71 23.49
CA VAL E 25 -13.64 16.59 22.77
C VAL E 25 -14.18 16.50 21.34
N TRP E 26 -15.47 16.71 21.12
CA TRP E 26 -16.00 16.69 19.76
C TRP E 26 -15.51 17.86 18.90
N ALA E 27 -15.31 19.04 19.47
CA ALA E 27 -14.71 20.12 18.71
C ALA E 27 -13.24 19.75 18.42
N THR E 28 -12.55 19.27 19.44
CA THR E 28 -11.15 18.87 19.34
C THR E 28 -10.90 17.81 18.27
N HIS E 29 -11.79 16.83 18.13
CA HIS E 29 -11.65 15.76 17.13
C HIS E 29 -12.45 15.87 15.82
N ALA E 30 -13.35 16.85 15.68
CA ALA E 30 -14.08 17.05 14.44
C ALA E 30 -13.76 18.38 13.72
N CYS E 31 -13.36 19.39 14.48
CA CYS E 31 -13.18 20.76 14.01
C CYS E 31 -11.72 21.19 14.17
N VAL E 32 -11.38 22.36 13.63
CA VAL E 32 -10.10 23.04 13.86
C VAL E 32 -10.48 24.48 14.24
N PRO E 33 -9.54 25.34 14.72
CA PRO E 33 -9.96 26.72 15.01
C PRO E 33 -10.64 27.50 13.87
N THR E 34 -11.43 28.49 14.26
CA THR E 34 -12.35 29.20 13.37
C THR E 34 -11.81 30.57 12.97
N ASP E 35 -12.25 31.02 11.80
CA ASP E 35 -11.60 32.14 11.13
C ASP E 35 -12.52 33.36 10.84
N PRO E 36 -12.51 34.37 11.74
CA PRO E 36 -13.70 35.17 12.04
C PRO E 36 -14.09 36.37 11.12
N ASN E 37 -14.21 36.21 9.80
CA ASN E 37 -14.40 37.36 8.88
C ASN E 37 -15.61 37.53 7.89
N PRO E 38 -16.80 36.96 8.12
CA PRO E 38 -17.71 36.86 6.95
C PRO E 38 -18.26 38.13 6.28
N GLN E 39 -17.84 38.36 5.03
CA GLN E 39 -18.25 39.54 4.27
C GLN E 39 -19.70 39.42 3.79
N GLU E 40 -20.07 38.20 3.40
CA GLU E 40 -21.36 37.75 2.87
C GLU E 40 -21.86 38.36 1.55
N ILE E 41 -21.55 39.62 1.33
CA ILE E 41 -21.93 40.42 0.15
C ILE E 41 -23.16 39.99 -0.65
N HIS E 42 -24.33 40.34 -0.13
CA HIS E 42 -25.61 40.09 -0.80
C HIS E 42 -25.63 40.76 -2.19
N LEU E 43 -25.77 39.94 -3.24
CA LEU E 43 -25.75 40.48 -4.59
C LEU E 43 -27.14 40.89 -4.99
N GLU E 44 -27.21 41.98 -5.74
CA GLU E 44 -28.47 42.63 -6.12
C GLU E 44 -29.35 41.70 -6.94
N ASN E 45 -30.64 41.69 -6.59
CA ASN E 45 -31.66 40.77 -7.10
C ASN E 45 -31.28 39.32 -6.70
N VAL E 46 -30.92 38.46 -7.66
CA VAL E 46 -30.63 37.04 -7.44
C VAL E 46 -31.75 36.30 -6.70
N THR E 47 -32.84 36.08 -7.42
CA THR E 47 -34.01 35.27 -7.05
C THR E 47 -34.78 35.63 -5.78
N GLU E 48 -36.02 35.14 -5.70
CA GLU E 48 -36.90 35.35 -4.55
C GLU E 48 -37.61 34.04 -4.20
N GLU E 49 -36.88 32.97 -3.91
CA GLU E 49 -37.49 31.65 -3.64
C GLU E 49 -36.66 30.81 -2.67
N PHE E 50 -37.27 30.29 -1.62
CA PHE E 50 -36.57 29.48 -0.62
C PHE E 50 -37.56 28.62 0.19
N ASN E 51 -37.22 27.38 0.51
CA ASN E 51 -37.98 26.57 1.49
C ASN E 51 -36.97 26.10 2.53
N MET E 52 -37.25 26.41 3.80
CA MET E 52 -36.32 26.06 4.89
C MET E 52 -36.34 24.60 5.34
N TRP E 53 -37.51 24.01 5.40
CA TRP E 53 -37.71 22.76 6.13
C TRP E 53 -37.32 21.55 5.30
N LYS E 54 -37.29 21.73 3.98
CA LYS E 54 -36.93 20.66 3.05
C LYS E 54 -35.42 20.62 2.81
N ASN E 55 -34.68 20.80 3.90
CA ASN E 55 -33.23 20.86 3.92
C ASN E 55 -32.59 19.61 4.52
N ASN E 56 -31.90 18.80 3.72
CA ASN E 56 -31.25 17.58 4.20
C ASN E 56 -30.03 17.87 5.07
N MET E 57 -29.51 19.09 5.05
CA MET E 57 -28.37 19.46 5.90
C MET E 57 -28.72 19.39 7.40
N VAL E 58 -30.00 19.56 7.71
CA VAL E 58 -30.48 19.46 9.09
C VAL E 58 -30.21 18.04 9.58
N GLU E 59 -30.53 17.09 8.71
CA GLU E 59 -30.47 15.68 9.07
C GLU E 59 -29.00 15.29 9.19
N GLN E 60 -28.18 15.84 8.30
CA GLN E 60 -26.75 15.63 8.32
C GLN E 60 -26.13 16.04 9.66
N MET E 61 -26.47 17.21 10.19
CA MET E 61 -25.87 17.63 11.45
C MET E 61 -26.39 16.80 12.61
N HIS E 62 -27.70 16.56 12.59
CA HIS E 62 -28.38 15.79 13.64
C HIS E 62 -27.85 14.37 13.80
N THR E 63 -27.78 13.64 12.70
CA THR E 63 -27.33 12.24 12.72
C THR E 63 -25.82 12.19 12.96
N ASP E 64 -25.10 13.26 12.65
CA ASP E 64 -23.69 13.30 12.98
C ASP E 64 -23.44 13.55 14.47
N ILE E 65 -24.25 14.37 15.13
CA ILE E 65 -24.17 14.54 16.59
C ILE E 65 -24.50 13.22 17.30
N ILE E 66 -25.45 12.48 16.73
CA ILE E 66 -25.77 11.14 17.26
C ILE E 66 -24.58 10.20 17.08
N SER E 67 -23.86 10.29 15.98
CA SER E 67 -22.65 9.46 15.81
C SER E 67 -21.52 9.91 16.74
N LEU E 68 -21.37 11.21 17.00
CA LEU E 68 -20.34 11.70 17.93
C LEU E 68 -20.64 11.24 19.35
N TRP E 69 -21.92 11.21 19.72
CA TRP E 69 -22.32 10.64 21.00
C TRP E 69 -21.96 9.16 21.04
N ASP E 70 -22.24 8.42 19.99
CA ASP E 70 -21.92 7.00 19.96
C ASP E 70 -20.41 6.78 20.02
N GLN E 71 -19.62 7.65 19.41
CA GLN E 71 -18.17 7.56 19.55
C GLN E 71 -17.71 7.82 20.98
N SER E 72 -18.38 8.70 21.71
CA SER E 72 -18.01 8.96 23.11
C SER E 72 -18.39 7.77 24.00
N LEU E 73 -19.29 6.93 23.54
CA LEU E 73 -19.64 5.72 24.27
C LEU E 73 -18.60 4.60 24.06
N LYS E 74 -17.76 4.66 23.04
CA LYS E 74 -16.83 3.56 22.79
C LYS E 74 -15.79 3.27 23.89
N PRO E 75 -14.95 4.23 24.33
CA PRO E 75 -13.96 3.73 25.31
C PRO E 75 -14.41 3.50 26.76
N CYS E 76 -14.84 4.51 27.51
CA CYS E 76 -15.11 4.37 28.95
C CYS E 76 -16.41 3.67 29.32
N VAL E 77 -17.39 3.79 28.44
CA VAL E 77 -18.78 3.68 28.83
C VAL E 77 -19.21 2.21 28.78
N LYS E 78 -19.78 1.71 29.87
CA LYS E 78 -19.87 0.28 30.16
C LYS E 78 -21.20 -0.38 29.84
N LEU E 79 -21.25 -1.31 28.89
CA LEU E 79 -22.53 -1.91 28.51
C LEU E 79 -23.10 -2.90 29.52
N THR E 80 -22.23 -3.54 30.28
CA THR E 80 -22.62 -4.58 31.23
C THR E 80 -21.73 -4.44 32.48
N PRO E 81 -21.82 -5.35 33.46
CA PRO E 81 -22.80 -6.35 33.91
C PRO E 81 -23.72 -6.05 35.10
N LEU E 82 -23.52 -4.95 35.81
CA LEU E 82 -23.86 -4.93 37.23
C LEU E 82 -25.35 -4.84 37.59
N CYS E 83 -26.20 -4.44 36.66
CA CYS E 83 -27.63 -4.30 36.94
C CYS E 83 -28.39 -5.63 36.99
N VAL E 84 -28.80 -6.04 38.19
CA VAL E 84 -29.43 -7.34 38.46
C VAL E 84 -30.58 -7.24 39.48
N THR E 85 -30.32 -6.59 40.61
CA THR E 85 -31.27 -6.52 41.73
C THR E 85 -30.81 -5.37 42.62
N LEU E 86 -31.72 -4.76 43.37
CA LEU E 86 -31.37 -3.64 44.24
C LEU E 86 -31.99 -3.80 45.62
N GLN E 87 -31.20 -3.61 46.67
CA GLN E 87 -31.69 -3.70 48.04
C GLN E 87 -31.84 -2.26 48.57
N CYS E 88 -32.88 -1.59 48.10
CA CYS E 88 -33.15 -0.20 48.47
C CYS E 88 -34.05 -0.08 49.70
N THR E 89 -33.98 1.06 50.38
CA THR E 89 -34.84 1.33 51.53
C THR E 89 -35.36 2.75 51.37
N ASN E 90 -36.33 3.15 52.18
CA ASN E 90 -36.79 4.54 52.23
C ASN E 90 -36.09 5.20 53.42
N VAL E 91 -35.81 6.50 53.34
CA VAL E 91 -35.32 7.28 54.50
C VAL E 91 -36.45 7.88 55.34
N THR E 92 -37.68 7.76 54.87
CA THR E 92 -38.84 8.37 55.52
C THR E 92 -39.38 7.53 56.69
N ASN E 93 -39.46 8.15 57.87
CA ASN E 93 -39.93 7.49 59.10
C ASN E 93 -41.33 7.96 59.52
N ASN E 94 -41.78 9.10 59.00
CA ASN E 94 -43.13 9.65 59.22
C ASN E 94 -43.55 10.37 57.95
N ILE E 95 -44.70 10.04 57.35
CA ILE E 95 -45.06 10.55 56.02
C ILE E 95 -46.44 11.22 55.86
N THR E 96 -46.45 12.26 55.06
CA THR E 96 -47.66 12.92 54.59
C THR E 96 -47.56 12.90 53.07
N ASP E 97 -48.71 12.88 52.39
CA ASP E 97 -48.87 12.84 50.92
C ASP E 97 -48.43 11.54 50.21
N ASP E 98 -48.12 10.49 50.95
CA ASP E 98 -47.76 9.17 50.40
C ASP E 98 -46.65 9.23 49.33
N MET E 99 -45.61 9.99 49.63
CA MET E 99 -44.60 10.42 48.66
C MET E 99 -43.58 9.42 48.08
N ARG E 100 -43.45 8.22 48.65
CA ARG E 100 -42.46 7.21 48.21
C ARG E 100 -41.04 7.78 48.01
N GLY E 101 -40.46 7.62 46.83
CA GLY E 101 -39.18 8.27 46.53
C GLY E 101 -38.84 8.33 45.06
N GLU E 102 -38.42 9.48 44.54
CA GLU E 102 -37.88 9.52 43.17
C GLU E 102 -36.41 9.16 43.23
N LEU E 103 -35.80 9.30 44.40
CA LEU E 103 -34.43 8.87 44.61
C LEU E 103 -34.26 8.20 45.97
N LYS E 104 -33.69 7.00 45.98
CA LYS E 104 -33.44 6.27 47.22
C LYS E 104 -32.01 5.79 47.28
N ASN E 105 -31.49 5.72 48.50
CA ASN E 105 -30.21 5.11 48.78
C ASN E 105 -30.44 3.61 48.81
N CYS E 106 -29.63 2.87 48.08
CA CYS E 106 -29.71 1.43 48.01
C CYS E 106 -28.36 0.83 48.37
N SER E 107 -28.35 -0.47 48.61
CA SER E 107 -27.12 -1.24 48.69
C SER E 107 -27.22 -2.30 47.60
N PHE E 108 -26.07 -2.78 47.16
CA PHE E 108 -25.96 -3.85 46.19
C PHE E 108 -24.72 -4.66 46.55
N ASN E 109 -24.80 -5.97 46.47
CA ASN E 109 -23.64 -6.83 46.69
C ASN E 109 -22.91 -6.93 45.34
N MET E 110 -21.94 -6.05 45.15
CA MET E 110 -21.20 -5.94 43.90
C MET E 110 -19.97 -6.83 43.89
N THR E 111 -19.74 -7.55 42.80
CA THR E 111 -18.50 -8.28 42.57
C THR E 111 -17.29 -7.35 42.63
N THR E 112 -16.25 -7.73 43.38
CA THR E 112 -15.11 -6.85 43.63
C THR E 112 -13.81 -7.21 42.92
N GLU E 113 -13.15 -8.31 43.27
CA GLU E 113 -11.90 -8.71 42.64
C GLU E 113 -11.83 -10.23 42.70
N LEU E 114 -10.86 -10.82 42.02
CA LEU E 114 -10.58 -12.25 42.03
C LEU E 114 -11.83 -13.04 41.60
N ARG E 115 -12.18 -14.15 42.24
CA ARG E 115 -13.32 -14.96 41.82
C ARG E 115 -14.40 -15.07 42.90
N ASP E 116 -15.57 -14.56 42.54
CA ASP E 116 -16.80 -14.64 43.34
C ASP E 116 -16.68 -13.95 44.70
N LYS E 117 -15.91 -12.87 44.74
CA LYS E 117 -15.86 -12.01 45.92
C LYS E 117 -16.80 -10.84 45.67
N LYS E 118 -17.53 -10.44 46.70
CA LYS E 118 -18.49 -9.33 46.66
C LYS E 118 -18.42 -8.49 47.92
N GLN E 119 -18.74 -7.22 47.81
CA GLN E 119 -18.89 -6.32 48.97
C GLN E 119 -20.19 -5.52 48.79
N LYS E 120 -20.70 -5.02 49.90
CA LYS E 120 -21.85 -4.12 49.92
C LYS E 120 -21.35 -2.76 49.43
N VAL E 121 -21.91 -2.28 48.33
CA VAL E 121 -21.53 -1.00 47.73
C VAL E 121 -22.81 -0.18 47.60
N TYR E 122 -22.75 1.10 47.96
CA TYR E 122 -23.88 2.02 47.84
C TYR E 122 -24.31 2.19 46.38
N SER E 123 -25.59 2.41 46.14
CA SER E 123 -26.12 2.65 44.80
C SER E 123 -27.31 3.60 44.94
N LEU E 124 -27.74 4.21 43.84
CA LEU E 124 -28.91 5.09 43.80
C LEU E 124 -29.70 4.65 42.59
N PHE E 125 -31.03 4.76 42.62
CA PHE E 125 -31.88 4.49 41.45
C PHE E 125 -33.20 5.27 41.64
N TYR E 126 -34.09 5.13 40.67
CA TYR E 126 -35.28 5.98 40.51
C TYR E 126 -36.60 5.22 40.43
N ARG E 127 -36.76 4.13 41.18
CA ARG E 127 -38.00 3.32 41.14
C ARG E 127 -38.44 2.71 42.49
N TYR E 148 -38.01 1.52 42.90
CA TYR E 148 -38.33 1.02 44.26
C TYR E 148 -37.41 -0.02 44.93
N ARG E 149 -37.45 -1.29 44.52
CA ARG E 149 -36.72 -2.39 45.20
C ARG E 149 -36.71 -3.49 44.15
N LEU E 150 -35.66 -4.31 44.08
CA LEU E 150 -35.48 -5.34 43.04
C LEU E 150 -35.47 -4.59 41.70
N ILE E 151 -36.40 -4.86 40.80
CA ILE E 151 -36.84 -3.96 39.72
C ILE E 151 -35.96 -3.94 38.47
N ASN E 152 -34.64 -3.84 38.67
CA ASN E 152 -33.60 -3.88 37.64
C ASN E 152 -33.80 -3.09 36.33
N CYS E 153 -32.86 -3.23 35.41
CA CYS E 153 -32.85 -2.46 34.16
C CYS E 153 -33.72 -3.10 33.08
N ASN E 154 -34.27 -2.31 32.18
CA ASN E 154 -35.15 -2.84 31.13
C ASN E 154 -34.38 -2.99 29.83
N THR E 155 -34.04 -4.23 29.50
CA THR E 155 -33.22 -4.65 28.34
C THR E 155 -31.75 -4.18 28.30
N SER E 156 -31.46 -2.97 28.76
CA SER E 156 -30.11 -2.42 28.82
C SER E 156 -30.11 -1.29 29.84
N ALA E 157 -28.95 -1.03 30.43
CA ALA E 157 -28.51 0.31 30.77
C ALA E 157 -26.97 0.32 30.62
N ILE E 158 -26.43 1.39 30.06
CA ILE E 158 -25.00 1.51 29.78
C ILE E 158 -24.45 2.61 30.69
N THR E 159 -23.50 2.30 31.56
CA THR E 159 -23.02 3.28 32.54
C THR E 159 -21.95 4.21 31.98
N GLN E 160 -22.22 5.50 31.96
CA GLN E 160 -21.35 6.47 31.27
C GLN E 160 -20.09 6.92 32.01
N ALA E 161 -19.86 6.44 33.22
CA ALA E 161 -19.13 7.21 34.25
C ALA E 161 -17.91 8.00 33.76
N CYS E 162 -16.85 7.32 33.33
CA CYS E 162 -15.60 7.89 32.81
C CYS E 162 -14.84 8.88 33.74
N PRO E 163 -13.53 8.67 33.96
CA PRO E 163 -12.92 9.58 34.95
C PRO E 163 -12.94 11.08 34.66
N LYS E 164 -12.78 11.47 33.41
CA LYS E 164 -12.70 12.88 33.01
C LYS E 164 -13.71 13.25 31.93
N VAL E 165 -14.95 13.53 32.31
CA VAL E 165 -15.99 14.07 31.42
C VAL E 165 -16.85 15.12 32.12
N SER E 166 -17.60 15.90 31.33
CA SER E 166 -18.66 16.80 31.80
C SER E 166 -19.39 17.07 30.49
N PHE E 167 -20.46 17.86 30.51
CA PHE E 167 -21.28 18.07 29.30
C PHE E 167 -21.85 19.49 29.25
N GLU E 168 -21.34 20.32 28.35
CA GLU E 168 -21.96 21.62 28.04
C GLU E 168 -21.78 21.83 26.54
N PRO E 169 -22.85 22.20 25.81
CA PRO E 169 -22.63 22.45 24.37
C PRO E 169 -21.64 23.56 24.08
N ILE E 170 -20.94 23.43 22.96
CA ILE E 170 -19.87 24.35 22.56
C ILE E 170 -20.27 24.80 21.15
N PRO E 171 -20.06 26.08 20.78
CA PRO E 171 -20.45 26.45 19.42
C PRO E 171 -19.70 25.68 18.33
N ILE E 172 -20.44 25.01 17.45
CA ILE E 172 -19.85 24.36 16.29
C ILE E 172 -20.15 25.26 15.10
N HIS E 173 -19.13 25.82 14.47
CA HIS E 173 -19.32 26.62 13.28
C HIS E 173 -19.37 25.56 12.19
N TYR E 174 -20.51 25.39 11.58
CA TYR E 174 -20.61 24.49 10.44
C TYR E 174 -20.37 25.36 9.21
N CYS E 175 -19.56 24.86 8.29
CA CYS E 175 -19.16 25.60 7.09
C CYS E 175 -19.55 24.81 5.84
N ALA E 176 -19.77 25.51 4.73
CA ALA E 176 -19.82 24.85 3.44
C ALA E 176 -18.32 24.71 3.18
N PRO E 177 -17.81 23.49 2.92
CA PRO E 177 -16.35 23.36 2.94
C PRO E 177 -15.48 24.20 2.02
N ALA E 178 -15.65 24.07 0.71
CA ALA E 178 -14.72 24.66 -0.23
C ALA E 178 -15.47 25.18 -1.46
N GLY E 179 -15.55 26.49 -1.57
CA GLY E 179 -16.17 27.16 -2.72
C GLY E 179 -17.68 27.11 -2.86
N PHE E 180 -18.37 26.24 -2.13
CA PHE E 180 -19.83 26.13 -2.23
C PHE E 180 -20.37 27.32 -1.47
N ALA E 181 -21.60 27.72 -1.75
CA ALA E 181 -22.25 28.75 -0.95
C ALA E 181 -22.79 28.02 0.28
N ILE E 182 -22.89 28.68 1.41
CA ILE E 182 -24.09 28.55 2.23
C ILE E 182 -24.82 29.77 1.71
N LEU E 183 -25.97 29.58 1.07
CA LEU E 183 -26.78 30.73 0.72
C LEU E 183 -27.51 31.02 2.01
N LYS E 184 -27.58 32.31 2.33
CA LYS E 184 -28.17 32.78 3.58
C LYS E 184 -29.31 33.76 3.38
N CYS E 185 -30.53 33.31 3.59
CA CYS E 185 -31.69 34.20 3.51
C CYS E 185 -31.74 35.03 4.79
N LYS E 186 -31.45 36.33 4.66
CA LYS E 186 -31.35 37.23 5.81
C LYS E 186 -32.64 37.92 6.21
N ASP E 187 -33.69 37.70 5.43
CA ASP E 187 -34.92 38.48 5.53
C ASP E 187 -35.56 38.49 6.93
N LYS E 188 -35.78 39.67 7.50
CA LYS E 188 -36.35 39.79 8.85
C LYS E 188 -37.80 39.34 8.90
N LYS E 189 -38.47 39.32 7.75
CA LYS E 189 -39.86 38.85 7.64
C LYS E 189 -40.08 37.75 6.59
N PHE E 190 -39.49 36.60 6.80
CA PHE E 190 -39.58 35.46 5.89
C PHE E 190 -40.77 34.53 6.20
N ASN E 191 -41.39 33.92 5.19
CA ASN E 191 -42.58 33.07 5.38
C ASN E 191 -42.39 31.55 5.45
N GLY E 192 -41.18 31.07 5.26
CA GLY E 192 -40.88 29.63 5.37
C GLY E 192 -40.71 28.93 4.04
N THR E 193 -41.58 29.28 3.10
CA THR E 193 -41.61 28.72 1.75
C THR E 193 -41.57 29.83 0.69
N GLY E 194 -41.23 31.02 1.15
CA GLY E 194 -41.59 32.25 0.47
C GLY E 194 -40.46 33.02 -0.19
N PRO E 195 -40.71 34.26 -0.64
CA PRO E 195 -39.61 35.03 -1.22
C PRO E 195 -38.62 35.55 -0.19
N CYS E 196 -37.43 35.88 -0.63
CA CYS E 196 -36.41 36.44 0.24
C CYS E 196 -35.66 37.51 -0.57
N PRO E 197 -35.95 38.81 -0.37
CA PRO E 197 -35.25 39.84 -1.16
C PRO E 197 -33.82 40.19 -0.73
N SER E 198 -33.28 39.49 0.25
CA SER E 198 -31.87 39.61 0.63
C SER E 198 -31.31 38.24 0.97
N VAL E 199 -30.59 37.68 0.01
CA VAL E 199 -29.90 36.41 0.19
C VAL E 199 -28.43 36.73 -0.02
N SER E 200 -27.57 36.25 0.87
CA SER E 200 -26.13 36.46 0.79
C SER E 200 -25.43 35.11 0.69
N THR E 201 -24.11 35.11 0.50
CA THR E 201 -23.32 33.88 0.34
C THR E 201 -22.21 33.86 1.38
N VAL E 202 -22.20 32.88 2.27
CA VAL E 202 -21.24 32.82 3.39
C VAL E 202 -20.54 31.46 3.51
N GLN E 203 -19.27 31.44 3.90
CA GLN E 203 -18.53 30.18 4.01
C GLN E 203 -18.81 29.43 5.30
N CYS E 204 -18.80 30.13 6.43
CA CYS E 204 -19.04 29.50 7.74
C CYS E 204 -20.12 30.21 8.55
N THR E 205 -20.87 29.44 9.32
CA THR E 205 -21.87 29.99 10.23
C THR E 205 -21.21 30.50 11.51
N HIS E 206 -21.92 31.35 12.25
CA HIS E 206 -21.44 31.96 13.49
C HIS E 206 -21.20 31.06 14.71
N GLY E 207 -21.47 29.77 14.56
CA GLY E 207 -21.34 28.83 15.67
C GLY E 207 -22.69 28.55 16.28
N ILE E 208 -23.12 27.30 16.20
CA ILE E 208 -24.41 26.86 16.72
C ILE E 208 -24.08 25.85 17.81
N LYS E 209 -24.63 26.07 19.00
CA LYS E 209 -24.43 25.14 20.10
C LYS E 209 -25.40 23.96 19.89
N PRO E 210 -24.93 22.71 19.93
CA PRO E 210 -25.83 21.55 19.83
C PRO E 210 -26.69 21.32 21.08
N VAL E 211 -27.86 21.94 21.13
CA VAL E 211 -28.74 21.89 22.29
C VAL E 211 -29.75 20.76 22.14
N VAL E 212 -29.99 20.04 23.23
CA VAL E 212 -30.96 18.95 23.27
C VAL E 212 -32.02 19.29 24.32
N SER E 213 -33.08 19.94 23.89
CA SER E 213 -34.18 20.36 24.77
C SER E 213 -35.51 20.12 24.06
N THR E 214 -36.56 19.89 24.83
CA THR E 214 -37.90 19.69 24.27
C THR E 214 -38.71 20.91 24.66
N GLN E 215 -39.75 21.20 23.89
CA GLN E 215 -40.75 22.25 24.12
C GLN E 215 -40.29 23.71 24.08
N LEU E 216 -39.07 23.98 24.54
CA LEU E 216 -38.48 25.30 24.56
C LEU E 216 -37.12 25.11 23.92
N LEU E 217 -36.58 26.16 23.33
CA LEU E 217 -35.20 26.13 22.86
C LEU E 217 -34.44 26.94 23.89
N LEU E 218 -33.26 26.47 24.25
CA LEU E 218 -32.42 27.12 25.25
C LEU E 218 -31.13 27.46 24.53
N ASN E 219 -30.39 28.45 25.02
CA ASN E 219 -29.19 29.04 24.38
C ASN E 219 -29.48 29.64 23.00
N GLY E 220 -29.66 28.86 21.95
CA GLY E 220 -30.21 29.33 20.68
C GLY E 220 -29.65 30.58 20.04
N SER E 221 -30.56 31.40 19.52
CA SER E 221 -30.28 32.71 18.93
C SER E 221 -31.60 33.51 19.00
N LEU E 222 -31.57 34.81 18.74
CA LEU E 222 -32.78 35.66 18.83
C LEU E 222 -33.11 36.35 17.51
N ALA E 223 -34.40 36.60 17.31
CA ALA E 223 -34.94 37.26 16.14
C ALA E 223 -34.41 38.69 16.04
N GLU E 224 -34.09 39.14 14.83
CA GLU E 224 -33.42 40.44 14.67
C GLU E 224 -34.32 41.63 15.00
N GLU E 225 -35.62 41.49 14.76
CA GLU E 225 -36.56 42.60 14.91
C GLU E 225 -37.74 42.35 15.85
N GLU E 226 -38.53 41.33 15.57
CA GLU E 226 -39.75 41.02 16.34
C GLU E 226 -39.94 39.50 16.34
N VAL E 227 -40.84 39.02 17.19
CA VAL E 227 -41.17 37.60 17.31
C VAL E 227 -41.59 37.06 15.95
N MET E 228 -41.08 35.88 15.60
CA MET E 228 -41.34 35.24 14.32
C MET E 228 -41.97 33.90 14.65
N ILE E 229 -42.96 33.48 13.88
CA ILE E 229 -43.61 32.19 14.08
C ILE E 229 -43.58 31.45 12.73
N ARG E 230 -43.07 30.24 12.73
CA ARG E 230 -42.77 29.50 11.51
C ARG E 230 -43.37 28.10 11.61
N SER E 231 -43.93 27.57 10.55
CA SER E 231 -44.33 26.15 10.52
C SER E 231 -44.11 25.63 9.12
N GLU E 232 -43.89 24.33 9.02
CA GLU E 232 -43.68 23.67 7.74
C GLU E 232 -44.95 23.78 6.90
N ASN E 233 -46.09 23.66 7.58
CA ASN E 233 -47.43 23.79 6.99
C ASN E 233 -48.38 24.21 8.12
N ILE E 234 -48.73 25.49 8.20
CA ILE E 234 -49.53 26.00 9.32
C ILE E 234 -50.97 25.47 9.33
N THR E 235 -51.46 25.02 8.18
CA THR E 235 -52.77 24.40 8.10
C THR E 235 -52.77 23.02 8.76
N ASN E 236 -51.63 22.34 8.70
CA ASN E 236 -51.48 20.97 9.21
C ASN E 236 -51.08 20.97 10.69
N ASN E 237 -51.99 20.54 11.54
CA ASN E 237 -51.77 20.54 12.99
C ASN E 237 -50.71 19.52 13.41
N ALA E 238 -50.37 18.58 12.54
CA ALA E 238 -49.30 17.62 12.81
C ALA E 238 -47.90 18.24 12.77
N LYS E 239 -47.73 19.32 12.01
CA LYS E 239 -46.41 19.96 11.86
C LYS E 239 -46.16 20.82 13.09
N ASN E 240 -44.96 20.81 13.63
CA ASN E 240 -44.71 21.67 14.78
C ASN E 240 -44.53 23.09 14.32
N ILE E 241 -44.91 23.98 15.22
CA ILE E 241 -44.82 25.41 15.04
C ILE E 241 -43.58 25.80 15.84
N LEU E 242 -42.65 26.49 15.21
CA LEU E 242 -41.45 26.98 15.87
C LEU E 242 -41.69 28.45 16.09
N VAL E 243 -41.27 28.95 17.24
CA VAL E 243 -41.39 30.36 17.57
C VAL E 243 -40.00 30.84 17.92
N GLN E 244 -39.64 32.00 17.40
CA GLN E 244 -38.34 32.61 17.65
C GLN E 244 -38.65 34.00 18.20
N PHE E 245 -37.91 34.47 19.19
CA PHE E 245 -38.29 35.69 19.92
C PHE E 245 -37.24 36.75 19.73
N ASN E 246 -37.63 38.02 19.75
CA ASN E 246 -36.66 39.10 19.65
C ASN E 246 -36.01 39.43 21.00
N THR E 247 -36.48 38.80 22.07
CA THR E 247 -36.01 39.09 23.43
C THR E 247 -35.97 37.73 24.13
N PRO E 248 -34.96 37.48 25.00
CA PRO E 248 -34.95 36.16 25.66
C PRO E 248 -35.90 36.13 26.85
N VAL E 249 -36.08 34.96 27.45
CA VAL E 249 -36.83 34.84 28.71
C VAL E 249 -35.92 34.15 29.74
N GLN E 250 -35.85 34.69 30.95
CA GLN E 250 -35.02 34.11 32.01
C GLN E 250 -35.60 32.79 32.50
N ILE E 251 -34.77 31.76 32.59
CA ILE E 251 -35.13 30.50 33.24
C ILE E 251 -33.92 30.15 34.10
N ASN E 252 -34.15 29.68 35.32
CA ASN E 252 -33.06 29.41 36.27
C ASN E 252 -33.34 28.15 37.05
N CYS E 253 -32.53 27.11 36.83
CA CYS E 253 -32.74 25.83 37.49
C CYS E 253 -31.63 25.45 38.45
N THR E 254 -31.84 25.66 39.74
CA THR E 254 -30.92 25.22 40.78
C THR E 254 -31.25 23.81 41.27
N ARG E 255 -30.22 23.01 41.47
CA ARG E 255 -30.32 21.71 42.15
C ARG E 255 -29.34 21.71 43.33
N PRO E 256 -29.80 21.98 44.55
CA PRO E 256 -28.98 21.70 45.74
C PRO E 256 -28.81 20.23 46.18
N ASN E 257 -29.16 19.25 45.35
CA ASN E 257 -29.00 17.83 45.73
C ASN E 257 -27.52 17.47 45.79
N ASN E 258 -27.06 16.87 46.88
CA ASN E 258 -25.63 16.64 47.10
C ASN E 258 -25.17 15.22 46.83
N ASN E 259 -23.96 15.10 46.30
CA ASN E 259 -23.27 13.83 46.17
C ASN E 259 -21.79 14.07 46.40
N THR E 260 -21.08 13.00 46.72
CA THR E 260 -19.63 13.03 46.86
C THR E 260 -19.20 11.97 45.87
N ARG E 261 -18.33 12.33 44.94
CA ARG E 261 -17.86 11.39 43.93
C ARG E 261 -16.91 10.42 44.63
N LYS E 262 -17.17 9.13 44.50
CA LYS E 262 -16.38 8.08 45.13
C LYS E 262 -16.15 6.96 44.13
N SER E 263 -14.97 6.89 43.52
CA SER E 263 -14.66 5.85 42.54
C SER E 263 -13.89 4.73 43.23
N ILE E 264 -14.38 3.50 43.05
CA ILE E 264 -13.79 2.34 43.71
C ILE E 264 -13.19 1.41 42.65
N ARG E 265 -11.87 1.38 42.59
CA ARG E 265 -11.10 0.62 41.60
C ARG E 265 -10.55 -0.63 42.27
N ILE E 266 -11.29 -1.72 42.15
CA ILE E 266 -11.02 -2.96 42.89
C ILE E 266 -10.46 -4.02 41.96
N GLY E 267 -11.15 -4.27 40.85
CA GLY E 267 -10.68 -5.24 39.87
C GLY E 267 -10.11 -4.55 38.65
N PRO E 268 -9.28 -5.21 37.81
CA PRO E 268 -8.75 -4.50 36.64
C PRO E 268 -9.81 -4.18 35.59
N GLY E 269 -10.87 -4.97 35.56
CA GLY E 269 -11.95 -4.81 34.60
C GLY E 269 -13.05 -3.94 35.14
N GLN E 270 -13.46 -4.17 36.38
CA GLN E 270 -14.55 -3.40 36.99
C GLN E 270 -14.18 -1.92 37.13
N ALA E 271 -15.18 -1.05 36.96
CA ALA E 271 -15.05 0.39 37.16
C ALA E 271 -16.41 0.90 37.62
N PHE E 272 -16.45 1.43 38.83
CA PHE E 272 -17.73 1.74 39.49
C PHE E 272 -17.62 2.88 40.49
N TYR E 273 -18.78 3.46 40.78
CA TYR E 273 -18.93 4.69 41.52
C TYR E 273 -19.71 4.35 42.78
N ALA E 274 -19.66 5.20 43.78
CA ALA E 274 -20.62 5.18 44.88
C ALA E 274 -21.13 6.61 44.94
N THR E 275 -22.41 6.76 45.20
CA THR E 275 -23.08 8.05 45.26
C THR E 275 -24.10 7.87 46.39
N GLY E 276 -24.76 8.95 46.77
CA GLY E 276 -25.77 8.89 47.82
C GLY E 276 -25.29 9.33 49.18
N ASP E 277 -24.02 9.65 49.29
CA ASP E 277 -23.45 10.09 50.56
C ASP E 277 -23.91 11.51 50.91
N ILE E 278 -23.65 11.94 52.16
CA ILE E 278 -23.91 13.30 52.65
C ILE E 278 -25.44 13.48 52.83
N ILE E 279 -25.85 14.62 53.32
CA ILE E 279 -27.24 14.93 53.70
C ILE E 279 -27.63 16.23 52.99
N GLY E 280 -28.89 16.61 53.10
CA GLY E 280 -29.37 17.87 52.56
C GLY E 280 -30.88 17.92 52.49
N ASP E 281 -31.51 16.79 52.18
CA ASP E 281 -32.97 16.67 52.14
C ASP E 281 -33.66 17.71 51.24
N ILE E 282 -33.15 17.89 50.03
CA ILE E 282 -33.69 18.88 49.10
C ILE E 282 -35.07 18.46 48.60
N ARG E 283 -35.93 19.42 48.30
CA ARG E 283 -37.14 19.18 47.51
C ARG E 283 -36.77 18.92 46.06
N GLN E 284 -36.67 17.64 45.70
CA GLN E 284 -36.42 17.19 44.33
C GLN E 284 -35.28 17.94 43.60
N ALA E 285 -35.62 18.74 42.61
CA ALA E 285 -34.74 19.68 41.94
C ALA E 285 -35.78 20.76 41.62
N HIS E 286 -35.37 22.00 41.38
CA HIS E 286 -36.32 23.10 41.22
C HIS E 286 -35.95 23.97 40.03
N CYS E 287 -36.88 24.77 39.51
CA CYS E 287 -36.54 25.76 38.50
C CYS E 287 -37.49 26.94 38.63
N ASN E 288 -37.14 28.09 38.05
CA ASN E 288 -37.96 29.30 38.11
C ASN E 288 -37.97 29.89 36.70
N VAL E 289 -39.01 30.64 36.37
CA VAL E 289 -39.06 31.39 35.09
C VAL E 289 -39.53 32.79 35.47
N SER E 290 -38.80 33.82 35.06
CA SER E 290 -39.24 35.18 35.34
C SER E 290 -40.38 35.52 34.39
N LYS E 291 -41.58 35.67 34.93
CA LYS E 291 -42.76 35.82 34.08
C LYS E 291 -42.74 37.16 33.34
N ALA E 292 -41.98 38.11 33.86
CA ALA E 292 -41.88 39.44 33.26
C ALA E 292 -41.51 39.45 31.78
N THR E 293 -40.68 38.51 31.33
CA THR E 293 -40.32 38.40 29.92
C THR E 293 -41.11 37.29 29.21
N TRP E 294 -41.56 36.29 29.95
CA TRP E 294 -42.49 35.27 29.41
C TRP E 294 -43.80 35.93 28.97
N ASN E 295 -44.27 36.90 29.75
CA ASN E 295 -45.51 37.63 29.47
C ASN E 295 -45.43 38.42 28.19
N GLU E 296 -44.29 39.06 27.96
CA GLU E 296 -44.15 39.87 26.75
C GLU E 296 -43.93 38.96 25.54
N THR E 297 -43.13 37.91 25.68
CA THR E 297 -42.90 37.04 24.53
C THR E 297 -44.17 36.30 24.15
N LEU E 298 -44.93 35.72 25.06
CA LEU E 298 -46.17 35.08 24.63
C LEU E 298 -47.26 36.09 24.30
N GLY E 299 -47.21 37.29 24.85
CA GLY E 299 -48.15 38.32 24.46
C GLY E 299 -47.93 38.70 23.00
N LYS E 300 -46.67 38.72 22.60
CA LYS E 300 -46.33 38.96 21.20
C LYS E 300 -46.61 37.74 20.36
N VAL E 301 -46.46 36.54 20.88
CA VAL E 301 -46.87 35.32 20.17
C VAL E 301 -48.35 35.37 19.87
N VAL E 302 -49.21 35.68 20.83
CA VAL E 302 -50.64 35.66 20.52
C VAL E 302 -51.03 36.78 19.55
N LYS E 303 -50.38 37.94 19.61
CA LYS E 303 -50.57 38.96 18.58
C LYS E 303 -50.17 38.40 17.21
N GLN E 304 -49.00 37.80 17.14
CA GLN E 304 -48.51 37.27 15.88
C GLN E 304 -49.34 36.12 15.34
N LEU E 305 -49.87 35.25 16.18
CA LEU E 305 -50.77 34.18 15.74
C LEU E 305 -52.07 34.76 15.20
N ARG E 306 -52.63 35.75 15.89
CA ARG E 306 -53.84 36.45 15.46
C ARG E 306 -53.62 37.16 14.13
N LYS E 307 -52.45 37.75 13.91
CA LYS E 307 -52.14 38.41 12.64
C LYS E 307 -51.80 37.45 11.50
N HIS E 308 -51.57 36.19 11.79
CA HIS E 308 -51.21 35.21 10.75
C HIS E 308 -52.28 34.18 10.39
N PHE E 309 -52.93 33.57 11.38
CA PHE E 309 -54.01 32.62 11.10
C PHE E 309 -55.18 32.58 12.08
N GLY E 310 -55.15 33.36 13.16
CA GLY E 310 -56.23 33.44 14.13
C GLY E 310 -56.89 34.80 14.24
N ASN E 311 -57.34 35.40 13.13
CA ASN E 311 -57.75 36.80 13.06
C ASN E 311 -58.65 37.39 14.16
N ASN E 312 -59.57 36.59 14.67
CA ASN E 312 -60.39 36.97 15.82
C ASN E 312 -60.68 35.70 16.62
N THR E 313 -59.84 35.39 17.59
CA THR E 313 -60.06 34.22 18.44
C THR E 313 -59.40 34.41 19.80
N ILE E 314 -59.82 33.60 20.77
CA ILE E 314 -59.15 33.52 22.07
C ILE E 314 -58.14 32.42 21.85
N ILE E 315 -56.91 32.60 22.31
CA ILE E 315 -55.86 31.60 22.12
C ILE E 315 -55.53 31.01 23.49
N ARG E 316 -55.61 29.69 23.63
CA ARG E 316 -55.37 29.06 24.93
C ARG E 316 -54.15 28.17 24.86
N PHE E 317 -53.45 28.05 25.97
CA PHE E 317 -52.35 27.12 26.09
C PHE E 317 -52.77 26.01 27.05
N ALA E 318 -52.34 24.79 26.74
CA ALA E 318 -52.65 23.61 27.51
C ALA E 318 -51.34 22.84 27.68
N ASN E 319 -51.24 22.03 28.71
CA ASN E 319 -50.02 21.28 29.00
C ASN E 319 -49.84 20.11 28.03
N SER E 320 -48.70 19.43 28.08
CA SER E 320 -48.40 18.35 27.16
C SER E 320 -49.44 17.22 27.22
N SER E 321 -49.75 16.66 26.07
CA SER E 321 -50.90 15.76 25.93
C SER E 321 -50.76 14.37 26.53
N GLY E 322 -49.54 13.91 26.76
CA GLY E 322 -49.30 12.61 27.37
C GLY E 322 -48.38 11.77 26.52
N GLY E 323 -47.72 10.79 27.13
CA GLY E 323 -46.74 9.98 26.43
C GLY E 323 -45.56 9.56 27.29
N ASP E 324 -44.37 9.60 26.70
CA ASP E 324 -43.11 9.39 27.43
C ASP E 324 -42.79 10.61 28.26
N LEU E 325 -41.98 10.45 29.29
CA LEU E 325 -41.63 11.55 30.19
C LEU E 325 -40.92 12.67 29.46
N GLU E 326 -40.14 12.31 28.45
CA GLU E 326 -39.41 13.28 27.64
C GLU E 326 -40.35 14.09 26.75
N VAL E 327 -41.59 13.62 26.61
CA VAL E 327 -42.58 14.22 25.71
C VAL E 327 -43.65 14.95 26.51
N THR E 328 -43.70 14.68 27.82
CA THR E 328 -44.63 15.37 28.71
C THR E 328 -44.01 16.48 29.53
N THR E 329 -42.70 16.63 29.47
CA THR E 329 -42.01 17.65 30.26
C THR E 329 -41.14 18.55 29.39
N HIS E 330 -40.78 19.68 29.94
CA HIS E 330 -39.67 20.47 29.41
C HIS E 330 -38.48 19.64 29.90
N SER E 331 -37.85 18.91 29.00
CA SER E 331 -36.75 18.01 29.35
C SER E 331 -35.51 18.53 28.62
N PHE E 332 -34.41 18.63 29.35
CA PHE E 332 -33.26 19.40 28.91
C PHE E 332 -32.05 18.95 29.73
N ASN E 333 -30.88 19.48 29.41
CA ASN E 333 -29.63 19.10 30.07
C ASN E 333 -29.16 20.26 30.97
N CYS E 334 -28.53 19.97 32.10
CA CYS E 334 -27.88 21.01 32.94
C CYS E 334 -26.45 20.57 33.33
N GLY E 335 -25.97 19.51 32.70
CA GLY E 335 -24.63 19.01 33.00
C GLY E 335 -24.40 17.53 32.77
N GLY E 336 -25.07 16.93 31.81
CA GLY E 336 -24.94 15.49 31.58
C GLY E 336 -26.01 14.74 32.35
N GLU E 337 -26.42 15.30 33.47
CA GLU E 337 -27.63 14.86 34.14
C GLU E 337 -28.80 15.40 33.32
N PHE E 338 -29.86 14.61 33.15
CA PHE E 338 -31.02 15.01 32.36
C PHE E 338 -32.14 15.40 33.30
N PHE E 339 -32.87 16.44 32.94
CA PHE E 339 -33.89 17.03 33.80
C PHE E 339 -35.23 16.95 33.10
N TYR E 340 -36.27 17.01 33.92
CA TYR E 340 -37.66 16.90 33.46
C TYR E 340 -38.46 17.88 34.31
N CYS E 341 -38.93 18.99 33.76
CA CYS E 341 -39.71 19.96 34.55
C CYS E 341 -41.15 20.08 34.07
N ASN E 342 -42.01 20.35 35.05
CA ASN E 342 -43.45 20.37 34.85
C ASN E 342 -43.83 21.51 33.92
N THR E 343 -44.66 21.22 32.93
CA THR E 343 -45.03 22.20 31.92
C THR E 343 -46.20 23.10 32.26
N SER E 344 -46.93 22.79 33.33
CA SER E 344 -48.20 23.47 33.60
C SER E 344 -48.06 24.99 33.75
N GLY E 345 -47.02 25.44 34.43
CA GLY E 345 -46.83 26.87 34.66
C GLY E 345 -46.51 27.68 33.43
N LEU E 346 -46.04 27.02 32.39
CA LEU E 346 -45.73 27.69 31.13
C LEU E 346 -46.98 27.80 30.25
N PHE E 347 -47.88 26.84 30.42
CA PHE E 347 -49.01 26.65 29.51
C PHE E 347 -50.36 26.62 30.23
N ASN E 348 -50.64 27.60 31.06
CA ASN E 348 -51.89 27.66 31.85
C ASN E 348 -52.76 28.89 31.60
N SER E 349 -52.45 29.66 30.57
CA SER E 349 -53.21 30.88 30.24
C SER E 349 -54.22 30.71 29.11
N THR E 350 -55.43 31.20 29.36
CA THR E 350 -56.42 31.44 28.32
C THR E 350 -56.20 32.90 27.94
N TRP E 351 -55.49 33.17 26.84
CA TRP E 351 -55.22 34.53 26.37
C TRP E 351 -56.45 35.08 25.66
N ILE E 352 -57.30 35.66 26.47
CA ILE E 352 -58.47 36.39 26.03
C ILE E 352 -57.89 37.55 25.23
N SER E 353 -58.50 37.87 24.10
CA SER E 353 -57.96 38.85 23.14
C SER E 353 -58.09 40.34 23.52
N ASN E 354 -57.80 40.69 24.78
CA ASN E 354 -57.87 42.08 25.24
C ASN E 354 -56.57 42.36 26.01
N THR E 355 -56.45 41.95 27.28
CA THR E 355 -55.39 42.41 28.20
C THR E 355 -54.80 41.26 29.04
N SER E 356 -53.64 41.47 29.64
CA SER E 356 -52.92 40.43 30.35
C SER E 356 -52.58 40.86 31.77
N VAL E 357 -52.07 39.91 32.57
CA VAL E 357 -51.90 40.12 34.03
C VAL E 357 -50.53 39.66 34.54
N ASN E 366 -50.04 40.16 35.68
CA ASN E 366 -48.71 40.00 36.29
C ASN E 366 -48.10 38.74 36.97
N ASP E 367 -47.44 38.97 38.10
CA ASP E 367 -46.81 37.98 39.01
C ASP E 367 -45.63 37.19 38.42
N SER E 368 -45.29 36.02 38.95
CA SER E 368 -44.05 35.27 38.58
C SER E 368 -44.19 33.73 38.69
N ILE E 369 -43.31 32.90 38.08
CA ILE E 369 -43.46 31.43 38.00
C ILE E 369 -42.31 30.66 38.71
N THR E 370 -42.66 29.65 39.49
CA THR E 370 -41.75 28.57 39.93
C THR E 370 -42.21 27.24 39.32
N LEU E 371 -41.27 26.43 38.82
CA LEU E 371 -41.58 25.16 38.18
C LEU E 371 -41.00 23.98 38.97
N PRO E 372 -41.85 23.01 39.37
CA PRO E 372 -41.26 21.78 39.90
C PRO E 372 -40.46 21.00 38.85
N CYS E 373 -39.41 20.34 39.27
CA CYS E 373 -38.56 19.55 38.37
C CYS E 373 -38.21 18.21 39.00
N ARG E 374 -37.73 17.30 38.17
CA ARG E 374 -37.15 16.02 38.58
C ARG E 374 -35.89 15.90 37.74
N ILE E 375 -35.02 14.98 38.10
CA ILE E 375 -33.75 14.76 37.42
C ILE E 375 -33.57 13.24 37.34
N LYS E 376 -33.01 12.75 36.24
CA LYS E 376 -32.59 11.34 36.13
C LYS E 376 -31.17 11.29 35.61
N GLN E 377 -30.49 10.23 35.98
CA GLN E 377 -29.20 9.87 35.37
C GLN E 377 -29.44 9.28 33.98
N ILE E 378 -30.61 8.69 33.80
CA ILE E 378 -30.82 7.59 32.86
C ILE E 378 -31.64 8.06 31.66
N ILE E 379 -31.09 7.95 30.47
CA ILE E 379 -31.71 8.48 29.25
C ILE E 379 -31.73 7.46 28.11
N ASN E 380 -32.83 7.41 27.38
CA ASN E 380 -33.01 6.49 26.26
C ASN E 380 -32.56 7.10 24.93
N MET E 381 -31.25 7.07 24.69
CA MET E 381 -30.66 7.66 23.48
C MET E 381 -30.97 6.84 22.23
N TRP E 382 -30.54 7.31 21.05
CA TRP E 382 -30.63 6.58 19.77
C TRP E 382 -32.03 6.09 19.37
N GLN E 383 -32.32 4.83 19.71
CA GLN E 383 -33.52 4.12 19.28
C GLN E 383 -33.86 3.17 20.44
N ARG E 384 -33.46 1.90 20.33
CA ARG E 384 -33.60 0.92 21.42
C ARG E 384 -32.32 0.10 21.60
N ILE E 385 -31.20 0.66 21.15
CA ILE E 385 -29.88 0.02 21.20
C ILE E 385 -29.49 -0.21 22.67
N GLY E 386 -29.80 0.78 23.49
CA GLY E 386 -29.62 0.72 24.93
C GLY E 386 -29.72 2.09 25.58
N GLN E 387 -30.07 2.11 26.86
CA GLN E 387 -30.20 3.34 27.64
C GLN E 387 -28.81 3.76 28.10
N ALA E 388 -28.60 5.02 28.43
CA ALA E 388 -27.31 5.48 28.93
C ALA E 388 -27.50 6.15 30.29
N MET E 389 -26.62 5.87 31.24
CA MET E 389 -26.70 6.41 32.60
C MET E 389 -25.54 7.34 32.97
N TYR E 390 -25.80 8.61 33.20
CA TYR E 390 -24.81 9.51 33.79
C TYR E 390 -24.79 9.25 35.30
N ALA E 391 -24.21 8.13 35.67
CA ALA E 391 -24.35 7.61 37.02
C ALA E 391 -23.71 8.34 38.22
N PRO E 392 -22.51 8.97 38.08
CA PRO E 392 -22.07 9.78 39.22
C PRO E 392 -22.42 11.29 39.13
N PRO E 393 -23.50 11.76 39.77
CA PRO E 393 -23.43 13.22 39.98
C PRO E 393 -22.25 13.61 40.87
N ILE E 394 -21.66 14.77 40.59
CA ILE E 394 -20.47 15.26 41.31
C ILE E 394 -20.87 16.57 42.00
N GLN E 395 -20.49 16.74 43.27
CA GLN E 395 -20.82 17.89 44.13
C GLN E 395 -22.32 18.15 44.29
N GLY E 396 -22.72 19.40 44.49
CA GLY E 396 -24.11 19.78 44.65
C GLY E 396 -24.20 21.28 44.47
N VAL E 397 -25.41 21.85 44.58
CA VAL E 397 -25.65 23.28 44.43
C VAL E 397 -25.20 23.72 43.03
N ILE E 398 -25.68 22.98 42.05
CA ILE E 398 -25.35 23.23 40.65
C ILE E 398 -26.56 23.90 40.02
N ARG E 399 -26.32 25.05 39.41
CA ARG E 399 -27.37 25.97 38.96
C ARG E 399 -27.20 26.32 37.49
N CYS E 400 -28.28 26.22 36.74
CA CYS E 400 -28.29 26.60 35.33
C CYS E 400 -29.20 27.80 35.08
N VAL E 401 -28.64 29.00 35.12
CA VAL E 401 -29.32 30.18 34.59
C VAL E 401 -29.16 30.07 33.08
N SER E 402 -30.27 30.10 32.36
CA SER E 402 -30.31 29.89 30.91
C SER E 402 -31.26 30.91 30.31
N ASN E 403 -31.16 31.14 29.00
CA ASN E 403 -32.12 31.97 28.29
C ASN E 403 -32.99 31.01 27.49
N ILE E 404 -34.30 31.14 27.62
CA ILE E 404 -35.21 30.52 26.67
C ILE E 404 -35.06 31.43 25.46
N THR E 405 -34.74 30.84 24.31
CA THR E 405 -34.57 31.57 23.07
C THR E 405 -35.39 30.96 21.94
N GLY E 406 -36.41 30.19 22.28
CA GLY E 406 -37.36 29.73 21.28
C GLY E 406 -38.42 28.86 21.93
N LEU E 407 -39.43 28.48 21.17
CA LEU E 407 -40.54 27.67 21.66
C LEU E 407 -40.86 26.66 20.56
N ILE E 408 -41.37 25.50 20.96
CA ILE E 408 -41.84 24.49 20.01
C ILE E 408 -43.29 24.18 20.45
N LEU E 409 -44.24 24.40 19.55
CA LEU E 409 -45.66 24.22 19.85
C LEU E 409 -46.31 23.29 18.83
N THR E 410 -47.48 22.79 19.17
CA THR E 410 -48.33 22.03 18.26
C THR E 410 -49.74 22.56 18.50
N ARG E 411 -50.55 22.71 17.47
CA ARG E 411 -51.95 23.09 17.70
C ARG E 411 -52.73 21.82 18.04
N ASP E 412 -53.65 21.93 18.98
CA ASP E 412 -54.64 20.89 19.26
C ASP E 412 -55.84 21.20 18.36
N GLY E 413 -56.21 20.25 17.51
CA GLY E 413 -57.29 20.49 16.56
C GLY E 413 -58.62 20.79 17.24
N GLY E 414 -59.35 21.73 16.69
CA GLY E 414 -60.57 22.23 17.30
C GLY E 414 -61.65 22.64 16.34
N SER E 415 -62.76 23.11 16.89
CA SER E 415 -63.92 23.55 16.14
C SER E 415 -63.83 25.04 15.83
N THR E 416 -64.77 25.58 15.06
CA THR E 416 -64.94 27.02 14.92
C THR E 416 -66.04 27.50 15.87
N ASN E 417 -66.82 26.56 16.38
CA ASN E 417 -67.94 26.90 17.28
C ASN E 417 -67.49 27.22 18.70
N SER E 418 -66.28 26.78 19.06
CA SER E 418 -65.70 27.05 20.38
C SER E 418 -65.16 28.48 20.50
N THR E 419 -64.94 29.10 19.34
CA THR E 419 -64.36 30.45 19.20
C THR E 419 -63.02 30.59 19.93
N THR E 420 -62.23 29.53 19.89
CA THR E 420 -60.90 29.52 20.49
C THR E 420 -59.99 28.58 19.70
N GLU E 421 -58.68 28.78 19.82
CA GLU E 421 -57.69 27.88 19.26
C GLU E 421 -56.77 27.51 20.41
N THR E 422 -56.36 26.26 20.51
CA THR E 422 -55.57 25.80 21.66
C THR E 422 -54.25 25.19 21.19
N PHE E 423 -53.17 25.55 21.86
CA PHE E 423 -51.84 25.08 21.53
C PHE E 423 -51.26 24.37 22.73
N ARG E 424 -50.46 23.35 22.46
CA ARG E 424 -49.82 22.53 23.49
C ARG E 424 -48.35 22.56 23.16
N PRO E 425 -47.47 22.30 24.12
CA PRO E 425 -46.07 22.25 23.67
C PRO E 425 -45.79 21.02 22.81
N GLY E 426 -44.71 21.07 22.05
CA GLY E 426 -44.37 20.01 21.12
C GLY E 426 -42.89 19.72 21.00
N GLY E 427 -42.55 18.86 20.06
CA GLY E 427 -41.16 18.51 19.82
C GLY E 427 -40.70 17.10 20.17
N GLY E 428 -39.43 16.96 20.52
CA GLY E 428 -38.86 15.66 20.86
C GLY E 428 -38.04 15.06 19.74
N ASP E 429 -37.88 15.85 18.69
CA ASP E 429 -37.07 15.51 17.53
C ASP E 429 -36.06 16.63 17.37
N MET E 430 -34.80 16.34 17.64
CA MET E 430 -33.77 17.37 17.59
C MET E 430 -33.53 17.92 16.21
N ARG E 431 -34.06 17.28 15.17
CA ARG E 431 -34.04 17.91 13.85
C ARG E 431 -34.85 19.20 13.84
N ASP E 432 -35.91 19.33 14.62
CA ASP E 432 -36.66 20.60 14.62
C ASP E 432 -35.87 21.67 15.36
N ASN E 433 -35.10 21.25 16.35
CA ASN E 433 -34.25 22.17 17.09
C ASN E 433 -33.13 22.63 16.18
N TRP E 434 -32.58 21.73 15.37
CA TRP E 434 -31.60 22.12 14.36
C TRP E 434 -32.25 23.03 13.32
N ARG E 435 -33.48 22.78 12.89
CA ARG E 435 -34.16 23.69 11.94
C ARG E 435 -34.35 25.09 12.51
N SER E 436 -34.59 25.24 13.81
CA SER E 436 -34.69 26.58 14.39
C SER E 436 -33.38 27.37 14.32
N GLU E 437 -32.23 26.69 14.31
CA GLU E 437 -30.94 27.39 14.24
C GLU E 437 -30.42 27.50 12.81
N LEU E 438 -30.79 26.52 11.99
CA LEU E 438 -30.39 26.43 10.58
C LEU E 438 -31.41 27.06 9.66
N TYR E 439 -32.32 27.81 10.27
CA TYR E 439 -33.41 28.47 9.57
C TYR E 439 -32.99 29.43 8.47
N LYS E 440 -31.73 29.87 8.48
CA LYS E 440 -31.21 30.79 7.47
C LYS E 440 -30.24 30.15 6.50
N TYR E 441 -29.99 28.84 6.57
CA TYR E 441 -28.84 28.26 5.86
C TYR E 441 -29.18 27.12 4.90
N LYS E 442 -28.70 27.21 3.66
CA LYS E 442 -28.84 26.12 2.68
C LYS E 442 -27.58 26.05 1.82
N VAL E 443 -26.86 24.95 1.88
CA VAL E 443 -25.61 24.79 1.13
C VAL E 443 -25.98 24.47 -0.30
N VAL E 444 -25.39 25.17 -1.27
CA VAL E 444 -25.58 24.86 -2.69
C VAL E 444 -24.24 24.90 -3.42
N LYS E 445 -24.13 24.13 -4.49
CA LYS E 445 -22.94 24.07 -5.32
C LYS E 445 -23.19 24.93 -6.57
N ILE E 446 -22.12 25.21 -7.31
CA ILE E 446 -22.09 26.28 -8.31
C ILE E 446 -21.51 25.72 -9.61
N GLU E 447 -22.10 26.03 -10.76
CA GLU E 447 -21.57 25.67 -12.08
C GLU E 447 -21.71 26.85 -13.05
N PRO E 448 -20.92 26.90 -14.14
CA PRO E 448 -21.14 28.05 -15.04
C PRO E 448 -22.39 27.99 -15.94
N VAL F 1 -17.57 49.28 -2.50
CA VAL F 1 -17.53 49.84 -1.13
C VAL F 1 -16.61 49.02 -0.25
N TRP F 2 -15.54 49.65 0.22
CA TRP F 2 -14.62 49.06 1.19
C TRP F 2 -14.75 49.87 2.48
N LYS F 3 -14.77 49.22 3.64
CA LYS F 3 -14.91 49.91 4.93
C LYS F 3 -13.83 49.39 5.87
N ASP F 4 -13.41 50.12 6.89
CA ASP F 4 -12.18 49.79 7.62
C ASP F 4 -12.27 49.50 9.13
N ALA F 5 -11.11 49.22 9.73
CA ALA F 5 -10.90 49.02 11.17
C ALA F 5 -11.67 47.89 11.89
N GLU F 6 -11.47 46.65 11.47
CA GLU F 6 -12.00 45.47 12.19
C GLU F 6 -10.88 44.77 12.98
N THR F 7 -11.16 44.23 14.16
CA THR F 7 -10.14 43.61 15.02
C THR F 7 -10.09 42.09 14.87
N THR F 8 -10.49 41.59 13.72
CA THR F 8 -10.61 40.15 13.47
C THR F 8 -9.50 39.65 12.55
N LEU F 9 -8.48 39.06 13.17
CA LEU F 9 -7.28 38.58 12.47
C LEU F 9 -7.07 37.11 12.79
N PHE F 10 -6.46 36.40 11.85
CA PHE F 10 -6.17 34.97 12.01
C PHE F 10 -4.66 34.79 12.01
N CYS F 11 -4.20 33.74 12.65
CA CYS F 11 -2.79 33.45 12.90
C CYS F 11 -2.39 32.22 12.07
N ALA F 12 -1.30 32.29 11.31
CA ALA F 12 -0.72 31.07 10.73
C ALA F 12 0.81 31.02 10.95
N SER F 13 1.34 29.84 11.26
CA SER F 13 2.78 29.64 11.53
C SER F 13 3.00 28.13 11.71
N ASP F 14 4.25 27.69 11.45
CA ASP F 14 4.87 26.37 11.70
C ASP F 14 5.72 25.88 10.50
N ALA F 15 6.97 25.50 10.72
CA ALA F 15 7.73 24.63 9.81
C ALA F 15 8.15 23.33 10.51
N LYS F 16 9.07 23.40 11.47
CA LYS F 16 9.60 22.18 12.14
C LYS F 16 9.60 22.26 13.66
N ALA F 17 8.88 23.21 14.24
CA ALA F 17 8.84 23.37 15.69
C ALA F 17 7.57 22.80 16.33
N TYR F 18 7.71 22.53 17.62
CA TYR F 18 6.64 22.00 18.46
C TYR F 18 6.65 22.86 19.72
N GLU F 19 6.72 22.26 20.90
CA GLU F 19 6.71 23.04 22.16
C GLU F 19 8.12 23.52 22.55
N THR F 20 8.45 23.52 23.83
CA THR F 20 9.72 24.03 24.38
C THR F 20 9.89 25.56 24.27
N GLU F 21 10.33 26.08 23.13
CA GLU F 21 10.70 27.50 23.05
C GLU F 21 9.44 28.38 23.00
N LYS F 22 9.39 29.50 23.71
CA LYS F 22 8.11 30.20 23.92
C LYS F 22 7.34 30.68 22.71
N HIS F 23 8.00 31.20 21.68
CA HIS F 23 7.27 31.63 20.49
C HIS F 23 6.86 30.42 19.69
N ASN F 24 7.58 29.32 19.87
CA ASN F 24 7.33 28.10 19.11
C ASN F 24 6.08 27.47 19.70
N VAL F 25 5.97 27.56 21.03
CA VAL F 25 4.76 27.18 21.74
C VAL F 25 3.62 28.12 21.32
N TRP F 26 3.86 29.41 21.23
CA TRP F 26 2.78 30.31 20.81
C TRP F 26 2.33 30.10 19.38
N ALA F 27 3.24 29.73 18.48
CA ALA F 27 2.85 29.37 17.12
C ALA F 27 2.00 28.11 17.18
N THR F 28 2.46 27.10 17.90
CA THR F 28 1.77 25.81 17.98
C THR F 28 0.36 25.92 18.56
N HIS F 29 0.17 26.78 19.55
CA HIS F 29 -1.14 26.98 20.19
C HIS F 29 -2.06 28.09 19.68
N ALA F 30 -1.55 29.11 19.00
CA ALA F 30 -2.39 30.19 18.48
C ALA F 30 -2.61 30.17 16.97
N CYS F 31 -1.74 29.46 16.25
CA CYS F 31 -1.76 29.42 14.79
C CYS F 31 -1.91 27.99 14.27
N VAL F 32 -2.26 27.87 13.01
CA VAL F 32 -2.24 26.61 12.27
C VAL F 32 -1.14 26.80 11.24
N PRO F 33 -0.69 25.74 10.53
CA PRO F 33 0.32 26.02 9.50
C PRO F 33 -0.09 27.04 8.45
N THR F 34 0.89 27.77 7.94
CA THR F 34 0.65 28.75 6.87
C THR F 34 0.60 28.00 5.57
N ASP F 35 -0.03 28.63 4.59
CA ASP F 35 -0.40 27.98 3.35
C ASP F 35 0.00 28.84 2.12
N PRO F 36 1.18 28.57 1.52
CA PRO F 36 2.12 29.62 1.08
C PRO F 36 1.98 30.27 -0.31
N ASN F 37 1.13 31.27 -0.50
CA ASN F 37 0.82 31.75 -1.86
C ASN F 37 1.15 33.19 -2.24
N PRO F 38 0.56 34.20 -1.60
CA PRO F 38 -0.58 34.99 -2.12
C PRO F 38 -0.55 35.56 -3.54
N GLN F 39 -1.73 35.61 -4.17
CA GLN F 39 -1.88 36.15 -5.54
C GLN F 39 -1.69 37.66 -5.57
N GLU F 40 -2.25 38.33 -4.56
CA GLU F 40 -2.22 39.78 -4.34
C GLU F 40 -2.94 40.64 -5.40
N ILE F 41 -2.62 40.46 -6.68
CA ILE F 41 -3.19 41.14 -7.85
C ILE F 41 -3.55 42.64 -7.70
N HIS F 42 -2.60 43.47 -8.09
CA HIS F 42 -2.77 44.92 -8.02
C HIS F 42 -3.76 45.38 -9.09
N LEU F 43 -5.03 45.50 -8.75
CA LEU F 43 -6.01 45.93 -9.74
C LEU F 43 -5.68 47.35 -10.23
N GLU F 44 -5.97 47.61 -11.49
CA GLU F 44 -5.74 48.93 -12.07
C GLU F 44 -6.69 49.94 -11.45
N ASN F 45 -6.17 51.14 -11.22
CA ASN F 45 -6.82 52.25 -10.53
C ASN F 45 -7.02 51.84 -9.06
N VAL F 46 -8.24 51.96 -8.54
CA VAL F 46 -8.59 51.72 -7.13
C VAL F 46 -7.80 52.63 -6.17
N THR F 47 -8.16 53.91 -6.23
CA THR F 47 -7.68 54.99 -5.35
C THR F 47 -6.17 55.24 -5.24
N GLU F 48 -5.81 56.38 -4.67
CA GLU F 48 -4.42 56.70 -4.33
C GLU F 48 -4.44 57.30 -2.91
N GLU F 49 -4.92 56.55 -1.92
CA GLU F 49 -5.07 57.06 -0.55
C GLU F 49 -4.82 56.02 0.55
N PHE F 50 -4.04 56.38 1.57
CA PHE F 50 -3.67 55.50 2.69
C PHE F 50 -3.04 56.26 3.86
N ASN F 51 -3.16 55.77 5.09
CA ASN F 51 -2.41 56.32 6.24
C ASN F 51 -1.85 55.20 7.12
N MET F 52 -0.55 54.98 7.11
CA MET F 52 0.04 53.85 7.84
C MET F 52 0.10 54.03 9.36
N TRP F 53 -0.04 55.25 9.86
CA TRP F 53 0.06 55.52 11.30
C TRP F 53 -1.33 55.56 11.94
N LYS F 54 -2.36 55.37 11.13
CA LYS F 54 -3.75 55.31 11.58
C LYS F 54 -4.28 53.92 11.22
N ASN F 55 -3.82 52.95 12.00
CA ASN F 55 -4.08 51.53 11.79
C ASN F 55 -4.18 50.75 13.11
N ASN F 56 -5.39 50.43 13.55
CA ASN F 56 -5.64 49.77 14.84
C ASN F 56 -5.16 48.31 14.87
N MET F 57 -4.74 47.76 13.73
CA MET F 57 -4.07 46.45 13.72
C MET F 57 -2.81 46.51 14.57
N VAL F 58 -2.12 47.64 14.55
CA VAL F 58 -0.84 47.77 15.26
C VAL F 58 -1.06 47.55 16.75
N GLU F 59 -2.13 48.13 17.25
CA GLU F 59 -2.45 48.04 18.67
C GLU F 59 -2.92 46.62 18.98
N GLN F 60 -3.61 45.98 18.04
CA GLN F 60 -4.07 44.61 18.21
C GLN F 60 -2.92 43.60 18.28
N MET F 61 -1.97 43.69 17.36
CA MET F 61 -0.84 42.76 17.36
C MET F 61 -0.01 42.93 18.63
N HIS F 62 0.22 44.18 19.01
CA HIS F 62 0.97 44.48 20.23
C HIS F 62 0.28 43.93 21.47
N THR F 63 -1.02 44.17 21.59
CA THR F 63 -1.80 43.69 22.73
C THR F 63 -1.81 42.17 22.74
N ASP F 64 -1.90 41.54 21.59
CA ASP F 64 -1.86 40.08 21.55
C ASP F 64 -0.53 39.47 21.97
N ILE F 65 0.61 40.07 21.64
CA ILE F 65 1.88 39.51 22.10
C ILE F 65 1.96 39.62 23.62
N ILE F 66 1.50 40.73 24.19
CA ILE F 66 1.48 40.88 25.64
C ILE F 66 0.49 39.90 26.27
N SER F 67 -0.64 39.66 25.63
CA SER F 67 -1.60 38.69 26.15
C SER F 67 -1.00 37.29 26.18
N LEU F 68 -0.26 36.91 25.15
CA LEU F 68 0.35 35.58 25.11
C LEU F 68 1.51 35.49 26.10
N TRP F 69 2.20 36.60 26.33
CA TRP F 69 3.18 36.65 27.40
C TRP F 69 2.50 36.43 28.76
N ASP F 70 1.39 37.10 28.99
CA ASP F 70 0.67 36.99 30.27
C ASP F 70 0.19 35.55 30.47
N GLN F 71 -0.20 34.90 29.39
CA GLN F 71 -0.61 33.51 29.45
C GLN F 71 0.56 32.57 29.70
N SER F 72 1.75 32.88 29.21
CA SER F 72 2.92 32.05 29.48
C SER F 72 3.39 32.18 30.92
N LEU F 73 2.98 33.26 31.59
CA LEU F 73 3.27 33.40 33.02
C LEU F 73 2.37 32.49 33.86
N LYS F 74 1.27 31.99 33.30
CA LYS F 74 0.36 31.17 34.11
C LYS F 74 0.94 29.82 34.57
N PRO F 75 1.46 28.94 33.68
CA PRO F 75 1.89 27.67 34.29
C PRO F 75 3.20 27.65 35.11
N CYS F 76 4.39 27.72 34.52
CA CYS F 76 5.63 27.56 35.29
C CYS F 76 6.07 28.72 36.16
N VAL F 77 5.72 29.93 35.73
CA VAL F 77 6.42 31.12 36.17
C VAL F 77 5.95 31.51 37.59
N LYS F 78 6.89 31.95 38.44
CA LYS F 78 6.73 31.99 39.90
C LYS F 78 6.67 33.34 40.61
N LEU F 79 5.49 33.65 41.16
CA LEU F 79 5.18 34.95 41.76
C LEU F 79 5.87 35.31 43.09
N THR F 80 6.10 34.32 43.93
CA THR F 80 6.61 34.48 45.31
C THR F 80 7.63 33.35 45.59
N PRO F 81 8.17 33.22 46.82
CA PRO F 81 8.44 34.08 47.99
C PRO F 81 9.88 34.52 48.30
N LEU F 82 10.88 34.07 47.55
CA LEU F 82 12.27 34.01 48.03
C LEU F 82 13.15 35.21 47.70
N CYS F 83 12.64 36.22 47.02
CA CYS F 83 13.40 37.47 46.91
C CYS F 83 13.14 38.28 48.18
N VAL F 84 14.10 38.27 49.10
CA VAL F 84 13.95 38.81 50.46
C VAL F 84 15.20 39.59 50.91
N THR F 85 16.37 38.99 50.78
CA THR F 85 17.62 39.58 51.25
C THR F 85 18.77 38.88 50.56
N LEU F 86 19.90 39.56 50.43
CA LEU F 86 21.04 39.05 49.67
C LEU F 86 22.34 39.10 50.47
N GLN F 87 22.91 37.95 50.82
CA GLN F 87 24.20 37.89 51.50
C GLN F 87 25.32 37.73 50.46
N CYS F 88 25.33 38.61 49.47
CA CYS F 88 26.31 38.57 48.40
C CYS F 88 27.69 38.98 48.90
N THR F 89 28.72 38.48 48.24
CA THR F 89 30.11 38.86 48.53
C THR F 89 30.71 39.27 47.19
N ASN F 90 31.90 39.85 47.21
CA ASN F 90 32.57 40.32 46.00
C ASN F 90 33.72 39.41 45.60
N VAL F 91 33.91 39.21 44.29
CA VAL F 91 34.94 38.29 43.81
C VAL F 91 36.34 38.90 43.78
N THR F 92 36.42 40.22 43.77
CA THR F 92 37.67 40.94 43.53
C THR F 92 38.62 40.90 44.73
N ASN F 93 39.91 40.61 44.56
CA ASN F 93 40.86 40.76 45.67
C ASN F 93 41.87 41.90 45.43
N ASN F 94 41.91 42.45 44.22
CA ASN F 94 42.68 43.67 43.94
C ASN F 94 41.90 44.48 42.91
N ILE F 95 41.60 45.73 43.20
CA ILE F 95 40.72 46.56 42.38
C ILE F 95 41.38 47.87 41.91
N THR F 96 41.02 48.31 40.71
CA THR F 96 41.28 49.64 40.18
C THR F 96 39.94 50.19 39.68
N ASP F 97 39.90 51.48 39.36
CA ASP F 97 38.78 52.16 38.67
C ASP F 97 37.45 52.25 39.43
N ASP F 98 37.48 51.84 40.69
CA ASP F 98 36.33 51.82 41.60
C ASP F 98 35.15 51.06 40.98
N MET F 99 35.48 49.90 40.41
CA MET F 99 34.55 49.12 39.59
C MET F 99 33.33 48.49 40.24
N ARG F 100 33.38 48.19 41.54
CA ARG F 100 32.38 47.33 42.21
C ARG F 100 32.26 46.03 41.42
N GLY F 101 31.09 45.75 40.84
CA GLY F 101 30.92 44.64 39.92
C GLY F 101 29.54 44.90 39.34
N GLU F 102 29.04 44.06 38.45
CA GLU F 102 27.60 44.06 38.15
C GLU F 102 27.04 42.70 38.54
N LEU F 103 27.35 41.65 37.81
CA LEU F 103 26.92 40.31 38.21
C LEU F 103 27.77 39.87 39.40
N LYS F 104 27.11 39.53 40.50
CA LYS F 104 27.76 39.14 41.75
C LYS F 104 27.24 37.77 42.15
N ASN F 105 28.11 36.96 42.70
CA ASN F 105 27.76 35.64 43.20
C ASN F 105 27.39 35.80 44.67
N CYS F 106 26.26 35.23 45.02
CA CYS F 106 25.63 35.45 46.30
C CYS F 106 25.36 34.12 46.99
N SER F 107 25.08 34.20 48.28
CA SER F 107 24.78 33.04 49.10
C SER F 107 23.46 33.38 49.74
N PHE F 108 22.62 32.37 49.94
CA PHE F 108 21.30 32.58 50.50
C PHE F 108 20.96 31.46 51.48
N ASN F 109 20.33 31.83 52.59
CA ASN F 109 19.72 30.87 53.52
C ASN F 109 18.34 30.55 52.96
N MET F 110 18.23 29.47 52.21
CA MET F 110 17.02 29.16 51.47
C MET F 110 16.16 28.06 52.06
N THR F 111 14.86 28.31 52.15
CA THR F 111 13.86 27.30 52.54
C THR F 111 13.83 26.07 51.62
N THR F 112 13.83 24.88 52.20
CA THR F 112 13.88 23.63 51.43
C THR F 112 12.63 22.72 51.46
N GLU F 113 12.47 21.91 52.49
CA GLU F 113 11.45 20.86 52.55
C GLU F 113 10.82 20.89 53.94
N LEU F 114 9.71 20.19 54.12
CA LEU F 114 8.99 20.10 55.40
C LEU F 114 8.64 21.50 55.92
N ARG F 115 8.80 21.73 57.22
CA ARG F 115 8.47 23.01 57.84
C ARG F 115 9.74 23.67 58.37
N ASP F 116 10.06 24.84 57.84
CA ASP F 116 11.18 25.67 58.31
C ASP F 116 12.53 24.95 58.33
N LYS F 117 12.90 24.33 57.23
CA LYS F 117 14.26 23.79 57.06
C LYS F 117 14.95 24.63 56.00
N LYS F 118 16.24 24.85 56.19
CA LYS F 118 17.04 25.77 55.35
C LYS F 118 18.39 25.17 54.99
N GLN F 119 18.88 25.54 53.82
CA GLN F 119 20.22 25.16 53.35
C GLN F 119 20.90 26.36 52.69
N LYS F 120 22.23 26.34 52.61
CA LYS F 120 22.97 27.37 51.88
C LYS F 120 22.90 27.06 50.40
N VAL F 121 22.29 27.95 49.63
CA VAL F 121 22.10 27.74 48.20
C VAL F 121 22.67 28.95 47.45
N TYR F 122 23.41 28.68 46.39
CA TYR F 122 23.98 29.72 45.53
C TYR F 122 22.89 30.57 44.89
N SER F 123 23.21 31.84 44.69
CA SER F 123 22.31 32.80 44.06
C SER F 123 23.21 33.72 43.27
N LEU F 124 22.66 34.45 42.32
CA LEU F 124 23.38 35.49 41.59
C LEU F 124 22.50 36.73 41.66
N PHE F 125 23.10 37.92 41.70
CA PHE F 125 22.33 39.17 41.69
C PHE F 125 23.17 40.30 41.10
N TYR F 126 22.57 41.45 40.89
CA TYR F 126 23.18 42.57 40.17
C TYR F 126 23.30 43.92 40.93
N ARG F 127 23.30 43.96 42.26
CA ARG F 127 23.50 45.22 43.01
C ARG F 127 24.52 45.20 44.15
N TYR F 148 24.23 44.83 45.40
CA TYR F 148 25.29 44.76 46.43
C TYR F 148 25.17 43.80 47.62
N ARG F 149 24.27 44.05 48.57
CA ARG F 149 23.99 43.21 49.75
C ARG F 149 22.61 43.74 50.14
N LEU F 150 21.80 43.04 50.93
CA LEU F 150 20.43 43.49 51.28
C LEU F 150 19.65 43.72 49.99
N ILE F 151 19.07 44.89 49.75
CA ILE F 151 18.62 45.41 48.45
C ILE F 151 17.42 44.76 47.74
N ASN F 152 17.36 43.43 47.69
CA ASN F 152 16.26 42.63 47.12
C ASN F 152 15.54 43.13 45.85
N CYS F 153 14.26 42.80 45.69
CA CYS F 153 13.46 43.14 44.52
C CYS F 153 12.47 44.24 44.92
N ASN F 154 11.96 45.04 43.99
CA ASN F 154 11.09 46.19 44.31
C ASN F 154 9.64 45.98 43.87
N THR F 155 8.76 45.83 44.86
CA THR F 155 7.30 45.67 44.77
C THR F 155 6.78 44.35 44.20
N SER F 156 7.52 43.75 43.27
CA SER F 156 7.20 42.47 42.67
C SER F 156 8.51 41.88 42.14
N ALA F 157 8.48 40.60 41.76
CA ALA F 157 9.50 39.93 40.94
C ALA F 157 8.93 38.56 40.61
N ILE F 158 8.78 38.21 39.34
CA ILE F 158 8.21 36.91 38.96
C ILE F 158 9.29 36.08 38.24
N THR F 159 9.74 35.01 38.86
CA THR F 159 10.85 34.22 38.33
C THR F 159 10.37 33.27 37.25
N GLN F 160 10.94 33.31 36.05
CA GLN F 160 10.47 32.45 34.96
C GLN F 160 10.89 30.99 35.08
N ALA F 161 12.17 30.77 35.39
CA ALA F 161 12.82 29.45 35.38
C ALA F 161 12.24 28.42 34.38
N CYS F 162 11.39 27.51 34.83
CA CYS F 162 10.67 26.51 34.02
C CYS F 162 11.57 25.40 33.43
N PRO F 163 11.17 24.11 33.54
CA PRO F 163 12.08 23.07 33.04
C PRO F 163 12.38 23.01 31.53
N LYS F 164 11.49 23.40 30.63
CA LYS F 164 11.75 23.36 29.17
C LYS F 164 11.35 24.63 28.41
N VAL F 165 12.14 25.68 28.46
CA VAL F 165 11.87 26.92 27.70
C VAL F 165 13.14 27.53 27.09
N SER F 166 12.94 28.43 26.14
CA SER F 166 13.97 29.33 25.60
C SER F 166 13.08 30.37 24.92
N PHE F 167 13.62 31.41 24.30
CA PHE F 167 12.81 32.52 23.80
C PHE F 167 13.40 33.10 22.51
N GLU F 168 12.95 32.59 21.37
CA GLU F 168 13.42 33.02 20.06
C GLU F 168 12.24 33.32 19.12
N PRO F 169 12.17 34.51 18.49
CA PRO F 169 11.00 34.77 17.62
C PRO F 169 10.82 33.78 16.46
N ILE F 170 9.57 33.57 16.04
CA ILE F 170 9.24 32.64 14.95
C ILE F 170 8.35 33.49 14.03
N PRO F 171 8.33 33.25 12.70
CA PRO F 171 7.40 34.11 11.97
C PRO F 171 5.94 33.86 12.35
N ILE F 172 5.14 34.90 12.50
CA ILE F 172 3.70 34.76 12.65
C ILE F 172 3.10 35.42 11.42
N HIS F 173 2.33 34.68 10.65
CA HIS F 173 1.70 35.18 9.44
C HIS F 173 0.37 35.64 9.98
N TYR F 174 -0.04 36.87 9.71
CA TYR F 174 -1.30 37.38 10.22
C TYR F 174 -2.17 37.53 8.99
N CYS F 175 -3.41 37.09 9.06
CA CYS F 175 -4.33 37.10 7.94
C CYS F 175 -5.60 37.90 8.24
N ALA F 176 -6.29 38.34 7.20
CA ALA F 176 -7.69 38.71 7.30
C ALA F 176 -8.34 37.47 6.67
N PRO F 177 -8.90 36.55 7.46
CA PRO F 177 -9.43 35.32 6.86
C PRO F 177 -10.69 35.50 6.00
N ALA F 178 -11.32 34.37 5.71
CA ALA F 178 -12.50 34.23 4.87
C ALA F 178 -13.59 35.31 4.96
N GLY F 179 -13.47 36.29 4.08
CA GLY F 179 -14.35 37.43 3.95
C GLY F 179 -13.71 38.81 3.84
N PHE F 180 -12.90 39.23 4.80
CA PHE F 180 -12.36 40.59 4.78
C PHE F 180 -11.07 40.56 3.97
N ALA F 181 -10.38 41.69 3.87
CA ALA F 181 -9.19 41.82 3.02
C ALA F 181 -8.09 42.61 3.74
N ILE F 182 -6.83 42.34 3.42
CA ILE F 182 -5.76 43.24 3.82
C ILE F 182 -5.43 43.97 2.53
N LEU F 183 -5.42 45.30 2.55
CA LEU F 183 -4.98 46.06 1.39
C LEU F 183 -3.51 46.41 1.57
N LYS F 184 -2.73 46.23 0.51
CA LYS F 184 -1.28 46.41 0.53
C LYS F 184 -0.77 47.42 -0.47
N CYS F 185 -0.35 48.57 0.01
CA CYS F 185 0.33 49.56 -0.80
C CYS F 185 1.73 49.04 -1.12
N LYS F 186 1.97 48.71 -2.38
CA LYS F 186 3.27 48.17 -2.79
C LYS F 186 4.24 49.24 -3.26
N ASP F 187 3.80 50.49 -3.31
CA ASP F 187 4.66 51.57 -3.81
C ASP F 187 5.93 51.66 -2.96
N LYS F 188 7.06 51.64 -3.65
CA LYS F 188 8.38 51.67 -3.01
C LYS F 188 8.61 53.00 -2.34
N LYS F 189 8.07 54.06 -2.91
CA LYS F 189 8.22 55.44 -2.42
C LYS F 189 6.92 56.00 -1.84
N PHE F 190 6.59 55.64 -0.61
CA PHE F 190 5.34 56.07 0.01
C PHE F 190 5.58 57.07 1.14
N ASN F 191 4.78 58.13 1.18
CA ASN F 191 5.00 59.26 2.08
C ASN F 191 4.38 59.13 3.49
N GLY F 192 3.66 58.05 3.74
CA GLY F 192 3.07 57.80 5.06
C GLY F 192 1.59 58.12 5.17
N THR F 193 1.20 59.25 4.61
CA THR F 193 -0.20 59.67 4.48
C THR F 193 -0.59 59.90 3.03
N GLY F 194 0.33 59.54 2.15
CA GLY F 194 0.33 60.03 0.78
C GLY F 194 -0.30 59.16 -0.28
N PRO F 195 -0.13 59.49 -1.56
CA PRO F 195 -0.76 58.61 -2.56
C PRO F 195 -0.05 57.27 -2.71
N CYS F 196 -0.81 56.28 -3.17
CA CYS F 196 -0.24 54.99 -3.53
C CYS F 196 -0.98 54.42 -4.75
N PRO F 197 -0.41 54.53 -5.96
CA PRO F 197 -1.09 54.05 -7.17
C PRO F 197 -1.03 52.54 -7.43
N SER F 198 -0.44 51.80 -6.50
CA SER F 198 -0.28 50.35 -6.62
C SER F 198 -0.72 49.70 -5.32
N VAL F 199 -1.98 49.29 -5.26
CA VAL F 199 -2.54 48.65 -4.06
C VAL F 199 -3.13 47.29 -4.40
N SER F 200 -2.58 46.26 -3.78
CA SER F 200 -3.01 44.88 -4.03
C SER F 200 -3.94 44.43 -2.92
N THR F 201 -4.67 43.34 -3.13
CA THR F 201 -5.61 42.82 -2.14
C THR F 201 -5.05 41.46 -1.70
N VAL F 202 -4.55 41.36 -0.47
CA VAL F 202 -3.87 40.15 0.00
C VAL F 202 -4.60 39.56 1.21
N GLN F 203 -4.57 38.24 1.35
CA GLN F 203 -5.19 37.59 2.50
C GLN F 203 -4.29 37.57 3.73
N CYS F 204 -3.00 37.27 3.57
CA CYS F 204 -2.08 37.10 4.70
C CYS F 204 -0.72 37.80 4.51
N THR F 205 -0.06 38.14 5.61
CA THR F 205 1.32 38.66 5.59
C THR F 205 2.30 37.51 5.40
N HIS F 206 3.53 37.80 4.98
CA HIS F 206 4.56 36.78 4.73
C HIS F 206 5.27 36.20 5.96
N GLY F 207 4.80 36.54 7.15
CA GLY F 207 5.42 36.09 8.38
C GLY F 207 6.28 37.16 9.00
N ILE F 208 5.81 37.65 10.13
CA ILE F 208 6.41 38.75 10.88
C ILE F 208 7.01 38.12 12.13
N LYS F 209 8.31 38.25 12.35
CA LYS F 209 8.95 37.68 13.53
C LYS F 209 8.76 38.73 14.62
N PRO F 210 8.12 38.40 15.75
CA PRO F 210 7.96 39.45 16.77
C PRO F 210 9.25 39.73 17.57
N VAL F 211 9.95 40.79 17.17
CA VAL F 211 11.20 41.18 17.83
C VAL F 211 10.90 42.33 18.81
N VAL F 212 11.43 42.24 20.01
CA VAL F 212 11.27 43.30 21.03
C VAL F 212 12.64 43.94 21.20
N SER F 213 12.94 44.95 20.40
CA SER F 213 14.20 45.67 20.47
C SER F 213 13.85 47.15 20.39
N THR F 214 14.65 47.98 21.05
CA THR F 214 14.48 49.42 20.98
C THR F 214 15.59 49.94 20.10
N GLN F 215 15.38 51.16 19.60
CA GLN F 215 16.34 51.95 18.81
C GLN F 215 16.79 51.41 17.46
N LEU F 216 17.00 50.11 17.33
CA LEU F 216 17.40 49.48 16.09
C LEU F 216 16.40 48.36 15.88
N LEU F 217 16.07 48.11 14.63
CA LEU F 217 15.19 47.00 14.30
C LEU F 217 16.14 45.87 13.97
N LEU F 218 15.87 44.68 14.47
CA LEU F 218 16.78 43.55 14.29
C LEU F 218 15.92 42.51 13.60
N ASN F 219 16.49 41.77 12.65
CA ASN F 219 15.80 40.81 11.75
C ASN F 219 14.80 41.44 10.77
N GLY F 220 13.80 42.14 11.30
CA GLY F 220 12.79 42.90 10.56
C GLY F 220 12.49 42.69 9.08
N SER F 221 12.38 43.80 8.36
CA SER F 221 12.13 43.78 6.92
C SER F 221 13.07 44.78 6.26
N LEU F 222 13.46 44.57 5.01
CA LEU F 222 14.33 45.48 4.27
C LEU F 222 13.56 46.14 3.15
N ALA F 223 13.90 47.40 2.86
CA ALA F 223 13.22 48.16 1.83
C ALA F 223 13.57 47.65 0.43
N GLU F 224 12.69 47.84 -0.56
CA GLU F 224 12.94 47.25 -1.88
C GLU F 224 14.00 47.94 -2.75
N GLU F 225 14.17 49.25 -2.66
CA GLU F 225 15.12 49.98 -3.54
C GLU F 225 16.21 50.80 -2.85
N GLU F 226 15.82 51.75 -2.00
CA GLU F 226 16.71 52.72 -1.35
C GLU F 226 16.38 52.80 0.14
N VAL F 227 17.11 53.61 0.89
CA VAL F 227 16.73 53.98 2.26
C VAL F 227 15.43 54.77 2.14
N MET F 228 14.48 54.44 3.00
CA MET F 228 13.17 55.09 3.02
C MET F 228 12.98 55.55 4.46
N ILE F 229 12.48 56.76 4.66
CA ILE F 229 12.30 57.30 6.01
C ILE F 229 10.83 57.65 6.18
N ARG F 230 10.27 57.12 7.26
CA ARG F 230 8.84 57.17 7.55
C ARG F 230 8.61 57.81 8.91
N SER F 231 7.84 58.89 9.00
CA SER F 231 7.56 59.52 10.28
C SER F 231 6.13 60.01 10.30
N GLU F 232 5.53 59.98 11.48
CA GLU F 232 4.11 60.29 11.65
C GLU F 232 3.77 61.74 11.32
N ASN F 233 4.67 62.65 11.65
CA ASN F 233 4.51 64.09 11.40
C ASN F 233 5.90 64.71 11.40
N ILE F 234 6.45 65.09 10.25
CA ILE F 234 7.86 65.50 10.22
C ILE F 234 8.11 66.82 10.96
N THR F 235 7.16 67.73 10.96
CA THR F 235 7.31 69.03 11.63
C THR F 235 7.31 68.88 13.16
N ASN F 236 6.56 67.90 13.65
CA ASN F 236 6.45 67.67 15.09
C ASN F 236 7.54 66.72 15.58
N ASN F 237 8.53 67.26 16.28
CA ASN F 237 9.70 66.50 16.69
C ASN F 237 9.35 65.44 17.72
N ALA F 238 8.22 65.59 18.41
CA ALA F 238 7.76 64.60 19.38
C ALA F 238 7.42 63.25 18.75
N LYS F 239 7.18 63.21 17.44
CA LYS F 239 6.85 61.97 16.75
C LYS F 239 8.11 61.22 16.37
N ASN F 240 8.01 59.90 16.37
CA ASN F 240 9.18 59.06 16.12
C ASN F 240 9.40 58.92 14.62
N ILE F 241 10.63 58.58 14.28
CA ILE F 241 11.08 58.44 12.90
C ILE F 241 11.49 56.98 12.77
N LEU F 242 10.94 56.28 11.78
CA LEU F 242 11.30 54.90 11.49
C LEU F 242 12.10 55.00 10.19
N VAL F 243 13.29 54.41 10.19
CA VAL F 243 14.15 54.41 9.00
C VAL F 243 14.12 52.97 8.52
N GLN F 244 14.00 52.77 7.22
CA GLN F 244 14.08 51.45 6.60
C GLN F 244 15.23 51.54 5.61
N PHE F 245 15.99 50.47 5.45
CA PHE F 245 17.19 50.46 4.63
C PHE F 245 16.98 49.40 3.56
N ASN F 246 17.46 49.60 2.34
CA ASN F 246 17.40 48.52 1.35
C ASN F 246 18.46 47.45 1.56
N THR F 247 19.40 47.66 2.46
CA THR F 247 20.47 46.70 2.72
C THR F 247 20.74 46.74 4.23
N PRO F 248 21.03 45.59 4.87
CA PRO F 248 21.16 45.58 6.33
C PRO F 248 22.54 45.98 6.85
N VAL F 249 22.68 46.09 8.17
CA VAL F 249 23.98 46.33 8.81
C VAL F 249 24.27 45.21 9.81
N GLN F 250 25.45 44.62 9.71
CA GLN F 250 25.83 43.53 10.61
C GLN F 250 26.06 44.06 12.02
N ILE F 251 25.50 43.34 12.99
CA ILE F 251 25.77 43.56 14.40
C ILE F 251 25.98 42.16 14.94
N ASN F 252 27.02 41.96 15.74
CA ASN F 252 27.38 40.63 16.24
C ASN F 252 27.62 40.67 17.73
N CYS F 253 26.70 40.13 18.51
CA CYS F 253 26.81 40.19 19.96
C CYS F 253 27.21 38.86 20.57
N THR F 254 28.10 38.89 21.56
CA THR F 254 28.69 37.68 22.13
C THR F 254 28.73 37.75 23.65
N ARG F 255 28.37 36.66 24.31
CA ARG F 255 28.48 36.54 25.77
C ARG F 255 29.24 35.27 26.18
N PRO F 256 30.58 35.33 26.25
CA PRO F 256 31.37 34.23 26.81
C PRO F 256 31.23 33.94 28.30
N ASN F 257 30.26 34.55 28.97
CA ASN F 257 29.99 34.27 30.39
C ASN F 257 29.47 32.85 30.53
N ASN F 258 30.00 32.14 31.51
CA ASN F 258 29.67 30.74 31.77
C ASN F 258 28.74 30.58 32.98
N ASN F 259 27.91 29.55 32.94
CA ASN F 259 27.07 29.11 34.06
C ASN F 259 26.87 27.60 33.96
N THR F 260 26.69 26.92 35.08
CA THR F 260 26.16 25.56 35.08
C THR F 260 24.69 25.63 35.45
N ARG F 261 23.81 25.03 34.68
CA ARG F 261 22.42 24.89 35.08
C ARG F 261 22.40 23.86 36.20
N LYS F 262 21.82 24.23 37.34
CA LYS F 262 21.74 23.37 38.53
C LYS F 262 20.39 23.52 39.18
N SER F 263 19.38 22.85 38.65
CA SER F 263 18.05 22.96 39.25
C SER F 263 17.95 22.05 40.48
N ILE F 264 17.34 22.56 41.55
CA ILE F 264 17.20 21.85 42.83
C ILE F 264 15.71 21.65 43.11
N ARG F 265 15.32 20.45 43.51
CA ARG F 265 13.93 20.17 43.86
C ARG F 265 13.85 19.43 45.19
N ILE F 266 13.13 20.04 46.12
CA ILE F 266 13.41 19.91 47.56
C ILE F 266 12.15 19.51 48.32
N GLY F 267 11.24 20.45 48.52
CA GLY F 267 9.89 20.12 48.93
C GLY F 267 9.04 20.05 47.68
N PRO F 268 7.79 19.58 47.72
CA PRO F 268 7.00 19.44 46.48
C PRO F 268 6.67 20.74 45.74
N GLY F 269 6.45 21.83 46.47
CA GLY F 269 6.05 23.09 45.86
C GLY F 269 7.20 23.95 45.36
N GLN F 270 8.35 23.84 46.00
CA GLN F 270 9.54 24.61 45.63
C GLN F 270 10.38 23.95 44.53
N ALA F 271 10.77 24.73 43.54
CA ALA F 271 11.65 24.29 42.45
C ALA F 271 12.54 25.49 42.09
N PHE F 272 13.86 25.30 42.15
CA PHE F 272 14.79 26.42 42.17
C PHE F 272 16.00 26.22 41.27
N TYR F 273 16.69 27.30 40.93
CA TYR F 273 17.82 27.30 40.01
C TYR F 273 19.05 27.71 40.83
N ALA F 274 20.24 27.22 40.53
CA ALA F 274 21.43 27.60 41.27
C ALA F 274 22.61 27.84 40.33
N THR F 275 22.35 28.70 39.35
CA THR F 275 23.39 29.21 38.44
C THR F 275 24.49 29.84 39.30
N GLY F 276 25.71 29.90 38.76
CA GLY F 276 26.85 30.41 39.51
C GLY F 276 28.14 29.60 39.51
N ASP F 277 28.08 28.32 39.19
CA ASP F 277 29.30 27.48 39.14
C ASP F 277 30.17 27.78 37.90
N ILE F 278 31.40 27.26 37.94
CA ILE F 278 32.49 27.50 36.97
C ILE F 278 32.91 28.97 37.00
N ILE F 279 33.80 29.34 36.08
CA ILE F 279 34.53 30.60 36.07
C ILE F 279 34.67 31.07 34.62
N GLY F 280 35.06 32.31 34.41
CA GLY F 280 35.33 32.84 33.08
C GLY F 280 36.05 34.18 33.06
N ASP F 281 35.82 35.00 34.07
CA ASP F 281 36.47 36.32 34.25
C ASP F 281 36.24 37.23 33.04
N ILE F 282 35.05 37.13 32.48
CA ILE F 282 34.68 37.86 31.26
C ILE F 282 34.48 39.36 31.50
N ARG F 283 34.79 40.17 30.51
CA ARG F 283 34.40 41.58 30.45
C ARG F 283 32.91 41.65 30.08
N GLN F 284 32.07 41.81 31.09
CA GLN F 284 30.61 41.95 30.96
C GLN F 284 29.91 40.98 30.00
N ALA F 285 29.35 41.52 28.92
CA ALA F 285 28.80 40.80 27.78
C ALA F 285 29.25 41.77 26.68
N HIS F 286 29.27 41.41 25.40
CA HIS F 286 29.83 42.31 24.39
C HIS F 286 29.07 42.32 23.08
N CYS F 287 29.35 43.30 22.22
CA CYS F 287 28.82 43.32 20.86
C CYS F 287 29.73 44.14 19.94
N ASN F 288 29.68 43.88 18.64
CA ASN F 288 30.52 44.54 17.64
C ASN F 288 29.58 44.95 16.51
N VAL F 289 29.95 45.96 15.72
CA VAL F 289 29.14 46.40 14.57
C VAL F 289 30.12 46.54 13.41
N SER F 290 29.76 46.03 12.25
CA SER F 290 30.61 46.18 11.07
C SER F 290 30.24 47.55 10.48
N LYS F 291 31.21 48.45 10.45
CA LYS F 291 30.95 49.87 10.27
C LYS F 291 30.88 50.30 8.81
N ALA F 292 31.40 49.51 7.88
CA ALA F 292 31.31 49.85 6.46
C ALA F 292 29.85 50.03 6.04
N THR F 293 29.02 49.09 6.46
CA THR F 293 27.59 49.12 6.15
C THR F 293 26.89 50.19 6.98
N TRP F 294 27.35 50.44 8.19
CA TRP F 294 26.74 51.47 9.05
C TRP F 294 27.01 52.86 8.47
N ASN F 295 28.20 53.03 7.91
CA ASN F 295 28.57 54.26 7.23
C ASN F 295 27.82 54.43 5.91
N GLU F 296 27.68 53.38 5.12
CA GLU F 296 26.91 53.53 3.88
C GLU F 296 25.45 53.82 4.21
N THR F 297 24.84 53.10 5.15
CA THR F 297 23.44 53.38 5.48
C THR F 297 23.25 54.74 6.15
N LEU F 298 24.05 55.16 7.13
CA LEU F 298 23.83 56.49 7.70
C LEU F 298 24.21 57.62 6.75
N GLY F 299 25.16 57.38 5.84
CA GLY F 299 25.51 58.38 4.85
C GLY F 299 24.33 58.60 3.92
N LYS F 300 23.59 57.52 3.67
CA LYS F 300 22.36 57.60 2.91
C LYS F 300 21.20 58.13 3.74
N VAL F 301 21.15 57.90 5.04
CA VAL F 301 20.14 58.53 5.90
C VAL F 301 20.30 60.04 5.86
N VAL F 302 21.50 60.57 6.04
CA VAL F 302 21.63 62.03 6.03
C VAL F 302 21.37 62.60 4.64
N LYS F 303 21.68 61.85 3.59
CA LYS F 303 21.34 62.23 2.22
C LYS F 303 19.82 62.27 2.02
N GLN F 304 19.10 61.28 2.52
CA GLN F 304 17.65 61.28 2.45
C GLN F 304 17.05 62.40 3.29
N LEU F 305 17.60 62.70 4.46
CA LEU F 305 17.10 63.81 5.27
C LEU F 305 17.30 65.14 4.53
N ARG F 306 18.44 65.31 3.88
CA ARG F 306 18.72 66.54 3.12
C ARG F 306 17.74 66.71 1.97
N LYS F 307 17.37 65.63 1.30
CA LYS F 307 16.36 65.73 0.24
C LYS F 307 14.96 65.97 0.79
N HIS F 308 14.63 65.36 1.93
CA HIS F 308 13.29 65.49 2.52
C HIS F 308 13.04 66.80 3.28
N PHE F 309 13.58 66.98 4.48
CA PHE F 309 13.24 68.13 5.35
C PHE F 309 14.44 68.98 5.79
N GLY F 310 15.65 68.61 5.40
CA GLY F 310 16.85 69.35 5.78
C GLY F 310 17.71 69.89 4.63
N ASN F 311 17.15 70.68 3.74
CA ASN F 311 17.80 71.05 2.47
C ASN F 311 19.27 71.49 2.52
N ASN F 312 19.69 72.22 3.53
CA ASN F 312 21.09 72.66 3.64
C ASN F 312 21.57 72.73 5.10
N THR F 313 21.95 71.60 5.68
CA THR F 313 22.34 71.56 7.08
C THR F 313 23.34 70.44 7.42
N ILE F 314 23.99 70.59 8.56
CA ILE F 314 24.95 69.63 9.09
C ILE F 314 24.11 68.79 10.04
N ILE F 315 24.24 67.48 10.00
CA ILE F 315 23.31 66.59 10.72
C ILE F 315 24.12 65.74 11.69
N ARG F 316 23.81 65.84 12.97
CA ARG F 316 24.52 65.08 13.99
C ARG F 316 23.62 64.01 14.58
N PHE F 317 24.20 62.89 14.95
CA PHE F 317 23.51 61.87 15.72
C PHE F 317 24.16 61.94 17.08
N ALA F 318 23.35 61.94 18.13
CA ALA F 318 23.83 62.04 19.51
C ALA F 318 23.21 60.88 20.28
N ASN F 319 23.84 60.47 21.38
CA ASN F 319 23.32 59.39 22.21
C ASN F 319 22.01 59.77 22.91
N SER F 320 21.41 58.81 23.60
CA SER F 320 20.10 59.00 24.24
C SER F 320 19.95 60.15 25.24
N SER F 321 18.74 60.69 25.33
CA SER F 321 18.45 61.88 26.16
C SER F 321 18.26 61.68 27.67
N GLY F 322 18.19 60.45 28.14
CA GLY F 322 17.98 60.15 29.55
C GLY F 322 16.81 59.19 29.72
N GLY F 323 16.47 58.82 30.95
CA GLY F 323 15.38 57.90 31.22
C GLY F 323 15.83 56.56 31.77
N ASP F 324 15.01 55.52 31.58
CA ASP F 324 15.31 54.16 32.05
C ASP F 324 16.38 53.48 31.22
N LEU F 325 16.93 52.38 31.70
CA LEU F 325 17.96 51.64 30.94
C LEU F 325 17.44 51.14 29.60
N GLU F 326 16.16 50.79 29.56
CA GLU F 326 15.52 50.34 28.33
C GLU F 326 15.35 51.47 27.32
N VAL F 327 15.56 52.71 27.74
CA VAL F 327 15.34 53.90 26.94
C VAL F 327 16.68 54.57 26.61
N THR F 328 17.66 54.47 27.51
CA THR F 328 18.97 55.05 27.29
C THR F 328 19.94 54.16 26.53
N THR F 329 19.65 52.87 26.44
CA THR F 329 20.55 51.91 25.77
C THR F 329 19.84 51.24 24.60
N HIS F 330 20.62 50.61 23.72
CA HIS F 330 20.05 49.72 22.71
C HIS F 330 19.70 48.49 23.54
N SER F 331 18.42 48.22 23.71
CA SER F 331 17.97 47.14 24.60
C SER F 331 17.16 46.13 23.80
N PHE F 332 17.56 44.89 23.87
CA PHE F 332 17.13 43.85 22.93
C PHE F 332 17.49 42.51 23.57
N ASN F 333 17.02 41.42 22.99
CA ASN F 333 17.26 40.08 23.56
C ASN F 333 18.14 39.27 22.62
N CYS F 334 18.86 38.31 23.20
CA CYS F 334 19.70 37.36 22.46
C CYS F 334 19.46 35.99 23.11
N GLY F 335 18.19 35.60 23.21
CA GLY F 335 17.81 34.35 23.88
C GLY F 335 16.82 34.48 25.02
N GLY F 336 16.28 35.69 25.21
CA GLY F 336 15.31 35.96 26.24
C GLY F 336 15.86 36.49 27.55
N GLU F 337 17.17 36.37 27.69
CA GLU F 337 17.90 37.22 28.62
C GLU F 337 17.87 38.59 27.96
N PHE F 338 17.80 39.66 28.74
CA PHE F 338 17.66 41.01 28.21
C PHE F 338 19.03 41.70 28.27
N PHE F 339 19.39 42.38 27.21
CA PHE F 339 20.71 42.99 27.07
C PHE F 339 20.56 44.49 26.90
N TYR F 340 21.62 45.21 27.22
CA TYR F 340 21.65 46.66 27.21
C TYR F 340 23.01 47.08 26.65
N CYS F 341 23.07 47.69 25.49
CA CYS F 341 24.34 48.11 24.90
C CYS F 341 24.42 49.62 24.77
N ASN F 342 25.61 50.14 25.07
CA ASN F 342 25.85 51.58 25.10
C ASN F 342 25.69 52.10 23.67
N THR F 343 24.96 53.20 23.53
CA THR F 343 24.59 53.75 22.23
C THR F 343 25.62 54.68 21.61
N SER F 344 26.60 55.09 22.39
CA SER F 344 27.50 56.17 21.96
C SER F 344 28.31 55.85 20.72
N GLY F 345 28.67 54.60 20.49
CA GLY F 345 29.43 54.23 19.29
C GLY F 345 28.62 54.37 18.02
N LEU F 346 27.32 54.13 18.14
CA LEU F 346 26.40 54.22 17.02
C LEU F 346 26.13 55.69 16.69
N PHE F 347 26.14 56.54 17.71
CA PHE F 347 25.75 57.94 17.57
C PHE F 347 26.78 58.96 18.10
N ASN F 348 28.02 58.89 17.63
CA ASN F 348 29.03 59.91 17.96
C ASN F 348 29.36 60.74 16.73
N SER F 349 28.45 60.70 15.76
CA SER F 349 28.74 61.24 14.43
C SER F 349 28.13 62.59 14.10
N THR F 350 28.98 63.51 13.68
CA THR F 350 28.57 64.76 13.04
C THR F 350 28.80 64.60 11.55
N TRP F 351 27.73 64.49 10.76
CA TRP F 351 27.82 64.42 9.30
C TRP F 351 27.76 65.84 8.73
N ILE F 352 28.91 66.33 8.29
CA ILE F 352 29.00 67.63 7.63
C ILE F 352 28.39 67.34 6.25
N SER F 353 27.97 68.35 5.51
CA SER F 353 27.40 68.22 4.17
C SER F 353 28.38 67.88 3.04
N ASN F 354 29.38 67.07 3.36
CA ASN F 354 30.39 66.56 2.45
C ASN F 354 30.53 65.02 2.68
N THR F 355 31.61 64.48 3.26
CA THR F 355 31.95 63.05 3.09
C THR F 355 32.46 62.25 4.33
N SER F 356 32.59 60.92 4.21
CA SER F 356 32.89 59.92 5.27
C SER F 356 34.35 59.41 5.31
N VAL F 357 34.71 58.69 6.36
CA VAL F 357 36.05 58.13 6.59
C VAL F 357 35.93 56.69 7.15
N ASN F 366 36.96 55.86 6.93
CA ASN F 366 37.00 54.40 7.17
C ASN F 366 36.98 53.80 8.61
N ASP F 367 37.25 52.49 8.79
CA ASP F 367 37.38 51.74 10.09
C ASP F 367 36.12 51.07 10.72
N SER F 368 36.03 50.89 12.04
CA SER F 368 35.20 49.88 12.74
C SER F 368 34.69 50.21 14.18
N ILE F 369 33.69 49.48 14.72
CA ILE F 369 33.15 49.66 16.09
C ILE F 369 33.12 48.36 16.95
N THR F 370 33.42 48.47 18.24
CA THR F 370 33.07 47.49 19.29
C THR F 370 32.27 48.24 20.38
N LEU F 371 31.21 47.64 20.92
CA LEU F 371 30.29 48.28 21.86
C LEU F 371 30.28 47.63 23.26
N PRO F 372 30.32 48.42 24.35
CA PRO F 372 30.00 47.83 25.66
C PRO F 372 28.58 47.29 25.75
N CYS F 373 28.40 46.15 26.39
CA CYS F 373 27.07 45.59 26.63
C CYS F 373 26.98 45.00 28.04
N ARG F 374 25.76 44.95 28.54
CA ARG F 374 25.46 44.37 29.86
C ARG F 374 24.25 43.48 29.65
N ILE F 375 23.96 42.61 30.60
CA ILE F 375 22.85 41.66 30.55
C ILE F 375 22.11 41.78 31.88
N LYS F 376 20.79 41.63 31.89
CA LYS F 376 20.01 41.42 33.12
C LYS F 376 19.05 40.24 32.97
N GLN F 377 18.69 39.69 34.11
CA GLN F 377 17.63 38.67 34.20
C GLN F 377 16.33 39.43 34.43
N ILE F 378 16.41 40.43 35.28
CA ILE F 378 15.26 41.22 35.74
C ILE F 378 14.88 42.26 34.68
N ILE F 379 13.61 42.30 34.31
CA ILE F 379 13.07 43.28 33.36
C ILE F 379 11.67 43.66 33.85
N ASN F 380 11.22 44.89 33.69
CA ASN F 380 9.80 45.19 33.92
C ASN F 380 9.04 44.93 32.60
N MET F 381 8.00 44.13 32.70
CA MET F 381 7.14 43.76 31.57
C MET F 381 5.86 44.58 31.78
N TRP F 382 4.83 44.41 30.97
CA TRP F 382 3.49 44.94 31.28
C TRP F 382 3.45 46.44 31.66
N GLN F 383 2.55 46.83 32.55
CA GLN F 383 2.53 48.16 33.15
C GLN F 383 3.44 48.19 34.38
N ARG F 384 2.91 47.81 35.55
CA ARG F 384 3.69 47.65 36.79
C ARG F 384 3.14 46.44 37.55
N ILE F 385 2.62 45.50 36.79
CA ILE F 385 1.94 44.29 37.30
C ILE F 385 3.00 43.37 37.88
N GLY F 386 4.16 43.32 37.26
CA GLY F 386 5.28 42.59 37.83
C GLY F 386 6.55 42.62 36.99
N GLN F 387 7.68 42.49 37.67
CA GLN F 387 8.96 42.34 36.97
C GLN F 387 8.97 40.88 36.55
N ALA F 388 9.73 40.52 35.54
CA ALA F 388 9.96 39.12 35.20
C ALA F 388 11.45 38.89 35.36
N MET F 389 11.84 37.66 35.70
CA MET F 389 13.25 37.27 35.77
C MET F 389 13.51 36.03 34.95
N TYR F 390 14.24 36.13 33.85
CA TYR F 390 14.78 34.94 33.21
C TYR F 390 16.07 34.58 33.93
N ALA F 391 15.89 34.06 35.13
CA ALA F 391 16.99 33.69 36.02
C ALA F 391 18.00 32.63 35.56
N PRO F 392 17.62 31.60 34.77
CA PRO F 392 18.66 30.66 34.32
C PRO F 392 19.29 30.87 32.92
N PRO F 393 20.28 31.77 32.75
CA PRO F 393 21.08 31.50 31.55
C PRO F 393 21.76 30.12 31.57
N ILE F 394 21.58 29.33 30.52
CA ILE F 394 22.09 27.96 30.43
C ILE F 394 23.28 27.96 29.44
N GLN F 395 24.37 27.28 29.80
CA GLN F 395 25.64 27.21 29.03
C GLN F 395 26.27 28.59 28.83
N GLY F 396 27.21 28.74 27.90
CA GLY F 396 27.91 29.99 27.68
C GLY F 396 28.55 30.09 26.30
N VAL F 397 29.21 31.22 26.04
CA VAL F 397 29.85 31.52 24.74
C VAL F 397 28.75 31.53 23.68
N ILE F 398 27.67 32.19 24.04
CA ILE F 398 26.47 32.29 23.22
C ILE F 398 26.59 33.56 22.41
N ARG F 399 26.37 33.45 21.10
CA ARG F 399 26.56 34.56 20.17
C ARG F 399 25.43 34.68 19.15
N CYS F 400 25.04 35.93 18.95
CA CYS F 400 23.93 36.32 18.08
C CYS F 400 24.41 37.29 17.01
N VAL F 401 24.86 36.77 15.87
CA VAL F 401 25.01 37.59 14.68
C VAL F 401 23.59 37.99 14.30
N SER F 402 23.35 39.26 14.06
CA SER F 402 22.02 39.77 13.70
C SER F 402 22.17 40.78 12.59
N ASN F 403 21.08 41.04 11.88
CA ASN F 403 21.03 42.09 10.87
C ASN F 403 20.24 43.24 11.48
N ILE F 404 20.80 44.45 11.46
CA ILE F 404 20.03 45.66 11.75
C ILE F 404 19.28 45.93 10.46
N THR F 405 17.97 46.13 10.56
CA THR F 405 17.13 46.38 9.39
C THR F 405 16.36 47.69 9.51
N GLY F 406 16.65 48.48 10.53
CA GLY F 406 16.03 49.78 10.63
C GLY F 406 16.49 50.50 11.86
N LEU F 407 16.16 51.78 11.97
CA LEU F 407 16.63 52.65 13.04
C LEU F 407 15.42 53.43 13.53
N ILE F 408 15.29 53.65 14.83
CA ILE F 408 14.21 54.45 15.40
C ILE F 408 14.88 55.68 15.99
N LEU F 409 14.57 56.83 15.40
CA LEU F 409 15.18 58.10 15.78
C LEU F 409 14.09 59.03 16.26
N THR F 410 14.51 60.12 16.88
CA THR F 410 13.66 61.27 17.14
C THR F 410 14.53 62.49 16.91
N ARG F 411 13.97 63.55 16.36
CA ARG F 411 14.73 64.79 16.15
C ARG F 411 14.80 65.58 17.46
N ASP F 412 15.95 66.16 17.72
CA ASP F 412 16.16 67.06 18.84
C ASP F 412 15.73 68.42 18.34
N GLY F 413 14.90 69.14 19.08
CA GLY F 413 14.44 70.45 18.63
C GLY F 413 15.56 71.47 18.52
N GLY F 414 15.75 72.00 17.31
CA GLY F 414 16.84 72.91 17.01
C GLY F 414 16.42 74.32 16.70
N SER F 415 17.36 75.13 16.24
CA SER F 415 17.13 76.50 15.77
C SER F 415 17.65 76.51 14.35
N THR F 416 17.56 77.62 13.64
CA THR F 416 18.22 77.77 12.34
C THR F 416 19.55 78.52 12.44
N ASN F 417 19.77 79.22 13.54
CA ASN F 417 21.03 79.96 13.72
C ASN F 417 22.21 79.00 13.95
N SER F 418 21.95 77.85 14.55
CA SER F 418 23.01 76.89 14.85
C SER F 418 23.62 76.22 13.61
N THR F 419 22.93 76.34 12.48
CA THR F 419 23.32 75.78 11.17
C THR F 419 23.56 74.26 11.18
N THR F 420 22.86 73.59 12.08
CA THR F 420 22.94 72.14 12.23
C THR F 420 21.58 71.62 12.73
N GLU F 421 21.34 70.33 12.56
CA GLU F 421 20.20 69.63 13.15
C GLU F 421 20.79 68.43 13.88
N THR F 422 20.06 67.89 14.85
CA THR F 422 20.53 66.74 15.61
C THR F 422 19.40 65.73 15.76
N PHE F 423 19.74 64.45 15.75
CA PHE F 423 18.78 63.37 15.98
C PHE F 423 19.37 62.51 17.09
N ARG F 424 18.51 61.85 17.84
CA ARG F 424 18.89 61.00 18.96
C ARG F 424 18.14 59.71 18.75
N PRO F 425 18.60 58.57 19.32
CA PRO F 425 17.71 57.42 19.16
C PRO F 425 16.46 57.60 20.01
N GLY F 426 15.42 56.83 19.72
CA GLY F 426 14.17 57.00 20.44
C GLY F 426 13.22 55.83 20.37
N GLY F 427 12.01 56.05 20.85
CA GLY F 427 10.98 55.03 20.85
C GLY F 427 10.75 54.38 22.20
N GLY F 428 10.68 53.06 22.18
CA GLY F 428 10.47 52.25 23.37
C GLY F 428 9.09 51.62 23.40
N ASP F 429 8.18 52.16 22.60
CA ASP F 429 6.83 51.58 22.46
C ASP F 429 6.92 50.58 21.31
N MET F 430 6.67 49.31 21.62
CA MET F 430 6.73 48.26 20.62
C MET F 430 5.64 48.38 19.55
N ARG F 431 4.63 49.21 19.78
CA ARG F 431 3.69 49.54 18.69
C ARG F 431 4.38 50.25 17.54
N ASP F 432 5.44 51.00 17.80
CA ASP F 432 6.17 51.64 16.71
C ASP F 432 7.00 50.61 15.92
N ASN F 433 7.48 49.55 16.56
CA ASN F 433 8.10 48.45 15.81
C ASN F 433 7.03 47.78 14.96
N TRP F 434 5.84 47.58 15.51
CA TRP F 434 4.75 47.02 14.72
C TRP F 434 4.34 47.93 13.57
N ARG F 435 4.53 49.24 13.65
CA ARG F 435 4.33 50.08 12.47
C ARG F 435 5.39 49.88 11.40
N SER F 436 6.60 49.50 11.76
CA SER F 436 7.59 49.14 10.73
C SER F 436 7.21 47.84 10.04
N GLU F 437 6.43 47.00 10.69
CA GLU F 437 5.98 45.73 10.11
C GLU F 437 4.70 45.86 9.30
N LEU F 438 3.78 46.68 9.80
CA LEU F 438 2.42 46.77 9.27
C LEU F 438 2.26 48.05 8.46
N TYR F 439 3.38 48.61 8.07
CA TYR F 439 3.44 49.79 7.19
C TYR F 439 2.74 49.59 5.85
N LYS F 440 2.65 48.35 5.41
CA LYS F 440 1.97 47.99 4.16
C LYS F 440 0.71 47.14 4.39
N TYR F 441 0.17 47.10 5.59
CA TYR F 441 -0.98 46.22 5.84
C TYR F 441 -2.11 46.92 6.60
N LYS F 442 -3.32 46.87 6.05
CA LYS F 442 -4.52 47.40 6.69
C LYS F 442 -5.72 46.51 6.38
N VAL F 443 -6.44 46.03 7.40
CA VAL F 443 -7.64 45.22 7.17
C VAL F 443 -8.79 46.15 6.79
N VAL F 444 -9.50 45.79 5.73
CA VAL F 444 -10.76 46.42 5.35
C VAL F 444 -11.75 45.30 5.15
N LYS F 445 -13.03 45.60 5.25
CA LYS F 445 -14.12 44.65 5.01
C LYS F 445 -14.78 45.15 3.74
N ILE F 446 -15.63 44.34 3.12
CA ILE F 446 -16.10 44.59 1.76
C ILE F 446 -17.63 44.55 1.77
N GLU F 447 -18.28 45.50 1.13
CA GLU F 447 -19.74 45.52 1.02
C GLU F 447 -20.12 45.57 -0.48
N PRO F 448 -21.31 45.05 -0.86
CA PRO F 448 -21.67 44.97 -2.28
C PRO F 448 -22.25 46.23 -2.95
#